data_8TG9
#
_entry.id   8TG9
#
_cell.length_a   1.00
_cell.length_b   1.00
_cell.length_c   1.00
_cell.angle_alpha   90.00
_cell.angle_beta   90.00
_cell.angle_gamma   90.00
#
_symmetry.space_group_name_H-M   'P 1'
#
loop_
_entity.id
_entity.type
_entity.pdbx_description
1 polymer 'Atrial natriuretic peptide receptor 1'
2 polymer 'Atrial natriuretic peptide'
3 polymer 'REGN5381 Fab heavy chain'
4 polymer 'REGN5381 Fab light chain'
5 branched 2-acetamido-2-deoxy-beta-D-glucopyranose-(1-4)-2-acetamido-2-deoxy-beta-D-glucopyranose
6 branched alpha-D-mannopyranose-(1-3)-[alpha-D-mannopyranose-(1-6)]beta-D-mannopyranose-(1-4)-2-acetamido-2-deoxy-beta-D-glucopyranose-(1-4)-2-acetamido-2-deoxy-beta-D-glucopyranose
7 branched alpha-D-mannopyranose-(1-6)-beta-D-mannopyranose-(1-4)-2-acetamido-2-deoxy-beta-D-glucopyranose-(1-4)-2-acetamido-2-deoxy-beta-D-glucopyranose
8 non-polymer 2-acetamido-2-deoxy-beta-D-glucopyranose
#
loop_
_entity_poly.entity_id
_entity_poly.type
_entity_poly.pdbx_seq_one_letter_code
_entity_poly.pdbx_strand_id
1 'polypeptide(L)'
;GNLTVAVVLPLANTSYPWSWARVGPAVELALAQVKARPDLLPGWTVRTVLGSSENALGVCSDTAAPLAAVDLKWEHNPAV
FLGPGCVYAAAPVGRFTAHWRVPLLTAGAPALGFGVKDEYALTTRAGPSYAKLGDFVAALHRRLGWERQALMLYAYRPGD
EEHCFFLVEGLFMRVRDRLNITVDHLEFAEDDLSHYTRLLRTMPRKGRVIYICSSPDAFRTLMLLALEAGLCGEDYVFFH
LDIFGQSLQGGQGPAPRRPWERGDGQDVSARQAFQAAKIITYKDPDNPEYLEFLKQLKHLAYEQFNFTMEDGLVNTIPAS
FHDGLLLYIQAVTETLAHGGTVTDGENITQRMWNRSFQGVTGYLKIDSSGDRETDFSLWDMDPENGAFRVVLNYNGTSQE
LVAVSGRKLNWPLGYPPPDIPKCGFDNEDPACNQDHLSTLEEQKLISEEDLGGEQKLISEEDLHHHHHH
;
A,B
2 'polypeptide(L)' SLRRSSCFGGRMDRIGAQSGLGCNSFRY C
3 'polypeptide(L)'
;QVQLVQSGAEVKKPGASVTVSCKASGYTFTDYYMHWVRQAPGQGLEWMGWIKPNSGGTNSAQRFQGRITMTWDTSISTAY
MELSRLRSDDTAVYYCSRGGPVMNYYYYYGMDVWGQGTTVTVSSASTKGPSVFPLAPCSRSTSESTAALGCLVKDYFPEP
VTVSWNSGALTSGVHTFPAVLQSSGLYSLSSVVTVPSSSLGTKTYTCNVDHKPSNTKVDKRVESKYGPP
;
H,E
4 'polypeptide(L)'
;NIQMTQSPSSLSASVGDRVTITCRASQSIDSYLNWYQQKPGKAPKLLIYVASSLQSGVPSRFSGSGSGKDFTLTISSLQP
EDFATYYCQQSYSIPTFGQGTRLEIKRTVAAPSVFIFPPSDEQLKSGTASVVCLLNNFYPREAKVQWKVDNALQSGNSQE
SVTEQDSKDSTYSLSSTLTLSKADYEKHKVYACEVTHQGLSSPVTKSFNRGEC
;
L,F
#
# COMPACT_ATOMS: atom_id res chain seq x y z
N GLY A 1 26.64 -2.71 6.22
CA GLY A 1 25.21 -2.58 5.98
C GLY A 1 24.61 -3.76 5.26
N ASN A 2 23.34 -3.65 4.90
CA ASN A 2 22.62 -4.71 4.20
C ASN A 2 22.09 -4.16 2.87
N LEU A 3 22.12 -5.01 1.85
CA LEU A 3 21.57 -4.69 0.54
C LEU A 3 20.45 -5.67 0.23
N THR A 4 19.28 -5.16 -0.11
CA THR A 4 18.08 -5.96 -0.33
C THR A 4 17.79 -6.05 -1.81
N VAL A 5 17.60 -7.26 -2.30
CA VAL A 5 17.22 -7.52 -3.69
C VAL A 5 15.86 -8.18 -3.69
N ALA A 6 14.92 -7.60 -4.42
CA ALA A 6 13.55 -8.12 -4.49
C ALA A 6 13.36 -8.87 -5.81
N VAL A 7 12.90 -10.11 -5.72
CA VAL A 7 12.67 -10.95 -6.88
C VAL A 7 11.16 -11.16 -7.02
N VAL A 8 10.65 -10.96 -8.23
CA VAL A 8 9.24 -11.18 -8.54
C VAL A 8 9.20 -12.15 -9.71
N LEU A 9 9.14 -13.44 -9.41
CA LEU A 9 9.16 -14.49 -10.40
C LEU A 9 8.22 -15.61 -9.94
N PRO A 10 7.72 -16.42 -10.88
CA PRO A 10 6.87 -17.56 -10.49
C PRO A 10 7.63 -18.58 -9.64
N LEU A 11 7.22 -18.71 -8.38
CA LEU A 11 7.90 -19.59 -7.44
C LEU A 11 7.39 -21.02 -7.47
N ALA A 12 6.32 -21.30 -8.22
CA ALA A 12 5.74 -22.64 -8.28
C ALA A 12 5.81 -23.23 -9.68
N ASN A 13 5.41 -22.49 -10.70
CA ASN A 13 5.43 -23.00 -12.06
C ASN A 13 6.87 -23.08 -12.57
N THR A 14 7.21 -24.21 -13.18
CA THR A 14 8.55 -24.47 -13.70
C THR A 14 8.53 -24.72 -15.21
N SER A 15 7.73 -23.92 -15.93
CA SER A 15 7.65 -24.03 -17.38
C SER A 15 8.12 -22.77 -18.10
N TYR A 16 8.48 -21.72 -17.38
CA TYR A 16 8.95 -20.48 -18.00
C TYR A 16 10.47 -20.42 -17.97
N PRO A 17 11.08 -19.77 -18.97
CA PRO A 17 12.55 -19.61 -18.96
C PRO A 17 13.05 -18.79 -17.77
N TRP A 18 12.21 -17.94 -17.18
CA TRP A 18 12.59 -17.12 -16.04
C TRP A 18 12.01 -17.65 -14.73
N SER A 19 11.67 -18.92 -14.67
CA SER A 19 11.12 -19.51 -13.46
C SER A 19 12.15 -19.49 -12.33
N TRP A 20 11.66 -19.41 -11.09
CA TRP A 20 12.54 -19.34 -9.94
C TRP A 20 13.38 -20.60 -9.80
N ALA A 21 12.85 -21.76 -10.21
CA ALA A 21 13.60 -23.00 -10.10
C ALA A 21 14.86 -23.00 -10.94
N ARG A 22 14.95 -22.15 -11.96
CA ARG A 22 16.14 -22.04 -12.80
C ARG A 22 16.94 -20.77 -12.55
N VAL A 23 16.41 -19.82 -11.80
CA VAL A 23 17.08 -18.54 -11.58
C VAL A 23 17.73 -18.55 -10.20
N GLY A 24 17.10 -19.23 -9.24
CA GLY A 24 17.57 -19.26 -7.87
C GLY A 24 18.99 -19.78 -7.71
N PRO A 25 19.31 -20.92 -8.34
CA PRO A 25 20.72 -21.37 -8.34
C PRO A 25 21.67 -20.36 -8.94
N ALA A 26 21.27 -19.67 -10.01
CA ALA A 26 22.13 -18.64 -10.60
C ALA A 26 22.34 -17.49 -9.63
N VAL A 27 21.29 -17.07 -8.92
CA VAL A 27 21.41 -16.00 -7.94
C VAL A 27 22.33 -16.44 -6.80
N GLU A 28 22.21 -17.70 -6.36
CA GLU A 28 23.08 -18.20 -5.31
C GLU A 28 24.53 -18.21 -5.75
N LEU A 29 24.79 -18.64 -6.99
CA LEU A 29 26.15 -18.64 -7.51
C LEU A 29 26.70 -17.22 -7.60
N ALA A 30 25.87 -16.27 -8.06
CA ALA A 30 26.31 -14.88 -8.13
C ALA A 30 26.64 -14.33 -6.75
N LEU A 31 25.80 -14.64 -5.75
CA LEU A 31 26.06 -14.17 -4.39
C LEU A 31 27.34 -14.79 -3.84
N ALA A 32 27.57 -16.07 -4.11
CA ALA A 32 28.80 -16.72 -3.66
C ALA A 32 30.03 -16.08 -4.32
N GLN A 33 29.93 -15.79 -5.62
CA GLN A 33 31.04 -15.14 -6.30
C GLN A 33 31.30 -13.74 -5.73
N VAL A 34 30.24 -12.99 -5.44
CA VAL A 34 30.39 -11.66 -4.86
C VAL A 34 31.05 -11.76 -3.48
N LYS A 35 30.61 -12.71 -2.66
CA LYS A 35 31.19 -12.88 -1.34
C LYS A 35 32.66 -13.27 -1.42
N ALA A 36 33.00 -14.16 -2.35
CA ALA A 36 34.38 -14.61 -2.51
C ALA A 36 35.28 -13.57 -3.16
N ARG A 37 34.72 -12.49 -3.71
CA ARG A 37 35.51 -11.45 -4.35
C ARG A 37 35.60 -10.24 -3.43
N PRO A 38 36.78 -9.94 -2.87
CA PRO A 38 36.89 -8.74 -2.01
C PRO A 38 36.67 -7.44 -2.78
N ASP A 39 36.85 -7.44 -4.10
CA ASP A 39 36.68 -6.22 -4.87
C ASP A 39 35.23 -5.73 -4.85
N LEU A 40 34.27 -6.64 -4.92
CA LEU A 40 32.86 -6.29 -5.02
C LEU A 40 32.27 -6.18 -3.63
N LEU A 41 31.88 -4.95 -3.25
CA LEU A 41 31.22 -4.65 -1.98
C LEU A 41 31.98 -5.19 -0.78
N PRO A 42 33.13 -4.60 -0.44
CA PRO A 42 33.88 -5.09 0.72
C PRO A 42 33.18 -4.72 2.02
N GLY A 43 32.95 -5.72 2.86
CA GLY A 43 32.31 -5.50 4.14
C GLY A 43 30.80 -5.38 4.11
N TRP A 44 30.17 -5.63 2.96
CA TRP A 44 28.72 -5.52 2.83
C TRP A 44 28.12 -6.88 2.49
N THR A 45 26.88 -7.09 2.94
CA THR A 45 26.15 -8.32 2.70
C THR A 45 24.91 -8.01 1.86
N VAL A 46 24.49 -8.99 1.07
CA VAL A 46 23.36 -8.86 0.17
C VAL A 46 22.27 -9.83 0.60
N ARG A 47 21.06 -9.31 0.79
CA ARG A 47 19.91 -10.11 1.14
C ARG A 47 19.02 -10.29 -0.10
N THR A 48 17.96 -11.08 0.05
CA THR A 48 17.07 -11.37 -1.06
C THR A 48 15.70 -11.74 -0.53
N VAL A 49 14.67 -11.05 -1.04
CA VAL A 49 13.27 -11.36 -0.73
C VAL A 49 12.59 -11.79 -2.01
N LEU A 50 11.56 -12.63 -1.86
CA LEU A 50 10.88 -13.24 -3.00
C LEU A 50 9.39 -12.91 -2.95
N GLY A 51 8.79 -12.83 -4.13
CA GLY A 51 7.36 -12.62 -4.24
C GLY A 51 6.81 -13.34 -5.45
N SER A 52 5.55 -13.74 -5.36
CA SER A 52 4.90 -14.50 -6.43
C SER A 52 4.21 -13.55 -7.41
N SER A 53 4.38 -13.83 -8.70
CA SER A 53 3.77 -13.05 -9.77
C SER A 53 2.76 -13.86 -10.55
N GLU A 54 2.13 -14.84 -9.90
CA GLU A 54 1.15 -15.70 -10.56
C GLU A 54 -0.12 -15.76 -9.71
N ASN A 55 -1.24 -16.03 -10.38
CA ASN A 55 -2.53 -16.13 -9.73
C ASN A 55 -2.76 -17.57 -9.26
N ALA A 56 -4.00 -17.87 -8.87
CA ALA A 56 -4.32 -19.22 -8.42
C ALA A 56 -4.18 -20.24 -9.55
N LEU A 57 -4.42 -19.82 -10.80
CA LEU A 57 -4.27 -20.71 -11.93
C LEU A 57 -2.82 -21.11 -12.18
N GLY A 58 -1.87 -20.33 -11.70
CA GLY A 58 -0.47 -20.66 -11.84
C GLY A 58 0.24 -20.01 -13.01
N VAL A 59 -0.37 -19.05 -13.67
CA VAL A 59 0.24 -18.34 -14.79
C VAL A 59 0.49 -16.90 -14.40
N CYS A 60 1.46 -16.27 -15.04
CA CYS A 60 1.78 -14.89 -14.75
C CYS A 60 0.63 -13.98 -15.17
N SER A 61 0.31 -13.01 -14.32
CA SER A 61 -0.81 -12.10 -14.55
C SER A 61 -0.38 -10.67 -14.27
N ASP A 62 -1.11 -9.73 -14.87
CA ASP A 62 -0.84 -8.31 -14.71
C ASP A 62 -1.49 -7.72 -13.46
N THR A 63 -2.16 -8.54 -12.66
CA THR A 63 -2.80 -8.09 -11.42
C THR A 63 -2.05 -8.50 -10.17
N ALA A 64 -1.57 -9.73 -10.11
CA ALA A 64 -0.87 -10.21 -8.91
C ALA A 64 0.53 -9.62 -8.80
N ALA A 65 1.21 -9.45 -9.93
CA ALA A 65 2.58 -8.93 -9.90
C ALA A 65 2.67 -7.50 -9.34
N PRO A 66 1.86 -6.52 -9.79
CA PRO A 66 1.95 -5.19 -9.17
C PRO A 66 1.59 -5.19 -7.70
N LEU A 67 0.61 -5.99 -7.29
CA LEU A 67 0.25 -6.08 -5.88
C LEU A 67 1.40 -6.65 -5.05
N ALA A 68 2.05 -7.69 -5.56
CA ALA A 68 3.20 -8.27 -4.86
C ALA A 68 4.34 -7.26 -4.78
N ALA A 69 4.58 -6.51 -5.87
CA ALA A 69 5.63 -5.50 -5.84
C ALA A 69 5.33 -4.41 -4.83
N VAL A 70 4.08 -3.96 -4.77
CA VAL A 70 3.69 -2.93 -3.80
C VAL A 70 3.86 -3.45 -2.38
N ASP A 71 3.43 -4.69 -2.12
CA ASP A 71 3.58 -5.27 -0.79
C ASP A 71 5.05 -5.39 -0.40
N LEU A 72 5.90 -5.84 -1.32
CA LEU A 72 7.32 -5.94 -1.04
C LEU A 72 7.93 -4.57 -0.76
N LYS A 73 7.56 -3.56 -1.54
CA LYS A 73 8.08 -2.22 -1.32
C LYS A 73 7.65 -1.68 0.03
N TRP A 74 6.40 -1.93 0.43
CA TRP A 74 5.92 -1.43 1.71
C TRP A 74 6.58 -2.17 2.88
N GLU A 75 6.80 -3.48 2.73
CA GLU A 75 7.27 -4.26 3.86
C GLU A 75 8.78 -4.17 4.04
N HIS A 76 9.54 -4.20 2.95
CA HIS A 76 10.99 -4.24 3.02
C HIS A 76 11.68 -3.01 2.47
N ASN A 77 11.08 -2.30 1.52
CA ASN A 77 11.67 -1.14 0.86
C ASN A 77 13.03 -1.50 0.26
N PRO A 78 13.06 -2.33 -0.77
CA PRO A 78 14.34 -2.75 -1.35
C PRO A 78 14.95 -1.66 -2.22
N ALA A 79 16.22 -1.86 -2.57
CA ALA A 79 16.95 -0.93 -3.41
C ALA A 79 16.94 -1.30 -4.89
N VAL A 80 16.70 -2.58 -5.22
CA VAL A 80 16.68 -3.04 -6.60
C VAL A 80 15.61 -4.12 -6.72
N PHE A 81 15.00 -4.20 -7.90
CA PHE A 81 13.96 -5.16 -8.20
C PHE A 81 14.41 -6.09 -9.32
N LEU A 82 14.12 -7.37 -9.18
CA LEU A 82 14.47 -8.39 -10.16
C LEU A 82 13.20 -8.95 -10.78
N GLY A 83 13.17 -8.98 -12.12
CA GLY A 83 12.01 -9.46 -12.83
C GLY A 83 10.89 -8.45 -12.85
N PRO A 84 9.68 -8.87 -13.27
CA PRO A 84 9.37 -10.22 -13.76
C PRO A 84 9.80 -10.46 -15.20
N GLY A 85 9.30 -11.54 -15.80
CA GLY A 85 9.65 -11.87 -17.17
C GLY A 85 8.53 -11.62 -18.15
N CYS A 86 7.29 -11.86 -17.74
CA CYS A 86 6.15 -11.62 -18.61
C CYS A 86 5.97 -10.12 -18.83
N VAL A 87 5.73 -9.74 -20.09
CA VAL A 87 5.62 -8.33 -20.45
C VAL A 87 4.43 -7.69 -19.73
N TYR A 88 3.28 -8.36 -19.76
CA TYR A 88 2.08 -7.81 -19.15
C TYR A 88 2.23 -7.65 -17.64
N ALA A 89 3.03 -8.51 -17.01
CA ALA A 89 3.26 -8.39 -15.57
C ALA A 89 4.38 -7.41 -15.26
N ALA A 90 5.42 -7.37 -16.09
CA ALA A 90 6.58 -6.54 -15.81
C ALA A 90 6.33 -5.06 -16.09
N ALA A 91 5.52 -4.75 -17.11
CA ALA A 91 5.33 -3.34 -17.48
C ALA A 91 4.73 -2.48 -16.37
N PRO A 92 3.62 -2.88 -15.71
CA PRO A 92 3.16 -2.07 -14.57
C PRO A 92 4.19 -2.00 -13.44
N VAL A 93 4.91 -3.10 -13.20
CA VAL A 93 5.96 -3.08 -12.19
C VAL A 93 7.08 -2.12 -12.60
N GLY A 94 7.44 -2.12 -13.88
CA GLY A 94 8.45 -1.19 -14.36
C GLY A 94 8.02 0.25 -14.19
N ARG A 95 6.76 0.55 -14.51
CA ARG A 95 6.25 1.91 -14.31
C ARG A 95 6.24 2.29 -12.83
N PHE A 96 5.86 1.35 -11.96
CA PHE A 96 5.87 1.64 -10.53
C PHE A 96 7.28 1.93 -10.02
N THR A 97 8.26 1.14 -10.46
CA THR A 97 9.65 1.39 -10.07
C THR A 97 10.14 2.73 -10.62
N ALA A 98 9.76 3.06 -11.86
CA ALA A 98 10.16 4.35 -12.43
C ALA A 98 9.58 5.50 -11.63
N HIS A 99 8.31 5.39 -11.22
CA HIS A 99 7.70 6.41 -10.37
C HIS A 99 8.39 6.49 -9.01
N TRP A 100 8.76 5.33 -8.45
CA TRP A 100 9.43 5.27 -7.16
C TRP A 100 10.93 5.59 -7.25
N ARG A 101 11.46 5.78 -8.45
CA ARG A 101 12.88 6.04 -8.67
C ARG A 101 13.74 4.91 -8.10
N VAL A 102 13.28 3.68 -8.29
CA VAL A 102 13.99 2.48 -7.86
C VAL A 102 14.49 1.74 -9.10
N PRO A 103 15.78 1.43 -9.20
CA PRO A 103 16.27 0.74 -10.40
C PRO A 103 15.63 -0.62 -10.57
N LEU A 104 15.42 -0.98 -11.84
CA LEU A 104 14.85 -2.27 -12.21
C LEU A 104 15.81 -2.99 -13.13
N LEU A 105 16.04 -4.27 -12.85
CA LEU A 105 16.94 -5.11 -13.64
C LEU A 105 16.17 -6.33 -14.12
N THR A 106 16.30 -6.66 -15.39
CA THR A 106 15.61 -7.83 -15.93
C THR A 106 16.38 -8.36 -17.14
N ALA A 107 16.07 -9.62 -17.48
CA ALA A 107 16.57 -10.23 -18.71
C ALA A 107 15.46 -10.61 -19.68
N GLY A 108 14.21 -10.58 -19.24
CA GLY A 108 13.06 -10.82 -20.08
C GLY A 108 12.41 -9.54 -20.56
N ALA A 109 11.12 -9.63 -20.89
CA ALA A 109 10.34 -8.51 -21.39
C ALA A 109 11.04 -7.84 -22.57
N PRO A 110 11.22 -8.54 -23.70
CA PRO A 110 11.95 -7.95 -24.82
C PRO A 110 11.05 -7.16 -25.75
N ALA A 111 9.85 -6.82 -25.29
CA ALA A 111 8.89 -6.08 -26.12
C ALA A 111 9.42 -4.69 -26.45
N LEU A 112 9.01 -4.18 -27.61
CA LEU A 112 9.47 -2.88 -28.07
C LEU A 112 8.97 -1.74 -27.20
N GLY A 113 7.86 -1.94 -26.48
CA GLY A 113 7.31 -0.89 -25.64
C GLY A 113 8.23 -0.46 -24.52
N PHE A 114 9.18 -1.31 -24.14
CA PHE A 114 10.15 -0.96 -23.11
C PHE A 114 11.33 -0.17 -23.67
N GLY A 115 11.37 0.06 -24.98
CA GLY A 115 12.48 0.76 -25.58
C GLY A 115 12.50 2.26 -25.39
N VAL A 116 11.45 2.83 -24.82
CA VAL A 116 11.36 4.26 -24.55
C VAL A 116 11.74 4.49 -23.09
N LYS A 117 12.71 5.37 -22.88
CA LYS A 117 13.19 5.67 -21.53
C LYS A 117 12.45 6.83 -20.87
N ASP A 118 11.60 7.54 -21.62
CA ASP A 118 10.81 8.61 -21.02
C ASP A 118 9.82 8.06 -20.00
N GLU A 119 9.20 6.92 -20.30
CA GLU A 119 8.24 6.30 -19.40
C GLU A 119 8.89 5.21 -18.54
N TYR A 120 9.60 4.28 -19.17
CA TYR A 120 10.25 3.18 -18.46
C TYR A 120 11.70 3.54 -18.10
N ALA A 121 11.83 4.61 -17.32
CA ALA A 121 13.14 5.07 -16.87
C ALA A 121 13.68 4.15 -15.79
N LEU A 122 15.02 4.18 -15.65
CA LEU A 122 15.73 3.39 -14.64
C LEU A 122 15.45 1.90 -14.78
N THR A 123 15.35 1.44 -16.01
CA THR A 123 15.10 0.03 -16.32
C THR A 123 16.22 -0.48 -17.21
N THR A 124 16.81 -1.62 -16.81
CA THR A 124 17.90 -2.24 -17.56
C THR A 124 17.49 -3.65 -17.96
N ARG A 125 17.72 -3.99 -19.23
CA ARG A 125 17.43 -5.30 -19.78
C ARG A 125 18.75 -5.97 -20.14
N ALA A 126 19.12 -6.99 -19.37
CA ALA A 126 20.37 -7.72 -19.59
C ALA A 126 20.20 -8.95 -20.46
N GLY A 127 19.00 -9.21 -20.96
CA GLY A 127 18.75 -10.36 -21.79
C GLY A 127 18.58 -10.01 -23.25
N PRO A 128 18.20 -11.00 -24.07
CA PRO A 128 18.01 -10.74 -25.50
C PRO A 128 16.86 -9.78 -25.75
N SER A 129 16.98 -9.01 -26.83
CA SER A 129 15.97 -8.05 -27.23
C SER A 129 15.61 -8.28 -28.69
N TYR A 130 14.38 -7.91 -29.05
CA TYR A 130 13.89 -8.11 -30.41
C TYR A 130 14.46 -7.10 -31.41
N ALA A 131 15.03 -5.99 -30.93
CA ALA A 131 15.63 -5.03 -31.85
C ALA A 131 16.92 -5.58 -32.47
N LYS A 132 17.67 -6.39 -31.72
CA LYS A 132 18.88 -6.99 -32.26
C LYS A 132 18.55 -7.96 -33.40
N LEU A 133 17.40 -8.63 -33.32
CA LEU A 133 16.98 -9.48 -34.43
C LEU A 133 16.69 -8.64 -35.66
N GLY A 134 16.09 -7.46 -35.49
CA GLY A 134 15.90 -6.56 -36.61
C GLY A 134 17.21 -6.07 -37.20
N ASP A 135 18.20 -5.79 -36.34
CA ASP A 135 19.52 -5.40 -36.82
C ASP A 135 20.16 -6.54 -37.62
N PHE A 136 20.03 -7.78 -37.14
CA PHE A 136 20.55 -8.92 -37.87
C PHE A 136 19.85 -9.08 -39.21
N VAL A 137 18.54 -8.88 -39.24
CA VAL A 137 17.80 -8.98 -40.50
C VAL A 137 18.27 -7.92 -41.48
N ALA A 138 18.47 -6.68 -41.00
CA ALA A 138 18.96 -5.62 -41.86
C ALA A 138 20.35 -5.93 -42.40
N ALA A 139 21.23 -6.45 -41.53
CA ALA A 139 22.57 -6.81 -41.98
C ALA A 139 22.54 -7.92 -43.03
N LEU A 140 21.68 -8.92 -42.82
CA LEU A 140 21.55 -10.00 -43.79
C LEU A 140 21.02 -9.48 -45.12
N HIS A 141 20.04 -8.56 -45.07
CA HIS A 141 19.53 -7.96 -46.30
C HIS A 141 20.60 -7.17 -47.02
N ARG A 142 21.42 -6.42 -46.28
CA ARG A 142 22.51 -5.67 -46.90
C ARG A 142 23.52 -6.62 -47.54
N ARG A 143 23.87 -7.71 -46.85
CA ARG A 143 24.85 -8.65 -47.38
C ARG A 143 24.33 -9.37 -48.62
N LEU A 144 23.07 -9.79 -48.60
CA LEU A 144 22.49 -10.57 -49.69
C LEU A 144 21.89 -9.72 -50.79
N GLY A 145 21.96 -8.39 -50.67
CA GLY A 145 21.49 -7.52 -51.73
C GLY A 145 19.99 -7.54 -51.97
N TRP A 146 19.19 -7.51 -50.91
CA TRP A 146 17.74 -7.39 -51.03
C TRP A 146 17.32 -6.04 -50.45
N GLU A 147 16.70 -5.21 -51.29
CA GLU A 147 16.31 -3.86 -50.88
C GLU A 147 14.95 -3.44 -51.41
N ARG A 148 14.10 -4.38 -51.81
CA ARG A 148 12.83 -4.03 -52.46
C ARG A 148 11.62 -4.34 -51.60
N GLN A 149 11.46 -5.59 -51.15
CA GLN A 149 10.24 -5.96 -50.44
C GLN A 149 10.51 -7.17 -49.54
N ALA A 150 9.60 -7.39 -48.61
CA ALA A 150 9.65 -8.54 -47.70
C ALA A 150 8.24 -8.86 -47.24
N LEU A 151 8.06 -10.09 -46.75
CA LEU A 151 6.76 -10.57 -46.30
C LEU A 151 6.91 -11.19 -44.92
N MET A 152 5.92 -10.94 -44.06
CA MET A 152 5.95 -11.38 -42.68
C MET A 152 4.66 -12.13 -42.36
N LEU A 153 4.77 -13.28 -41.70
CA LEU A 153 3.62 -14.03 -41.24
C LEU A 153 3.85 -14.51 -39.82
N TYR A 154 2.82 -14.40 -38.99
CA TYR A 154 2.90 -14.89 -37.61
C TYR A 154 1.63 -15.62 -37.24
N ALA A 155 1.77 -16.60 -36.37
CA ALA A 155 0.67 -17.46 -35.94
C ALA A 155 0.13 -17.03 -34.59
N TYR A 156 -1.18 -17.16 -34.42
CA TYR A 156 -1.87 -16.83 -33.19
C TYR A 156 -2.28 -18.13 -32.49
N ARG A 157 -1.94 -18.26 -31.21
CA ARG A 157 -2.26 -19.43 -30.43
C ARG A 157 -2.81 -18.98 -29.07
N PRO A 158 -3.91 -19.57 -28.61
CA PRO A 158 -4.43 -19.21 -27.29
C PRO A 158 -3.72 -19.98 -26.19
N GLY A 159 -3.24 -19.27 -25.18
CA GLY A 159 -2.56 -19.88 -24.07
C GLY A 159 -1.30 -19.16 -23.64
N ASP A 160 -0.62 -18.52 -24.59
CA ASP A 160 0.58 -17.75 -24.32
C ASP A 160 0.29 -16.26 -24.50
N GLU A 161 1.23 -15.44 -24.03
CA GLU A 161 1.07 -13.98 -24.07
C GLU A 161 1.57 -13.40 -25.39
N GLU A 162 1.05 -13.93 -26.50
CA GLU A 162 1.34 -13.44 -27.85
C GLU A 162 2.84 -13.41 -28.12
N HIS A 163 3.43 -14.61 -28.12
CA HIS A 163 4.88 -14.73 -28.31
C HIS A 163 5.30 -14.22 -29.69
N CYS A 164 4.55 -14.57 -30.73
CA CYS A 164 4.87 -14.15 -32.10
C CYS A 164 4.24 -12.81 -32.47
N PHE A 165 3.85 -12.00 -31.49
CA PHE A 165 3.35 -10.66 -31.77
C PHE A 165 4.40 -9.60 -31.48
N PHE A 166 4.95 -9.61 -30.27
CA PHE A 166 5.96 -8.62 -29.89
C PHE A 166 7.22 -8.75 -30.73
N LEU A 167 7.67 -9.99 -30.95
CA LEU A 167 8.85 -10.21 -31.78
C LEU A 167 8.65 -9.68 -33.18
N VAL A 168 7.52 -10.01 -33.79
CA VAL A 168 7.25 -9.58 -35.17
C VAL A 168 7.13 -8.06 -35.24
N GLU A 169 6.42 -7.45 -34.30
CA GLU A 169 6.26 -5.99 -34.35
C GLU A 169 7.58 -5.28 -34.13
N GLY A 170 8.41 -5.76 -33.19
CA GLY A 170 9.70 -5.13 -32.96
C GLY A 170 10.62 -5.26 -34.16
N LEU A 171 10.70 -6.46 -34.73
CA LEU A 171 11.57 -6.64 -35.90
C LEU A 171 11.07 -5.81 -37.08
N PHE A 172 9.74 -5.76 -37.28
CA PHE A 172 9.15 -4.97 -38.36
C PHE A 172 9.45 -3.49 -38.20
N MET A 173 9.29 -2.95 -36.99
CA MET A 173 9.62 -1.56 -36.74
C MET A 173 11.11 -1.28 -36.96
N ARG A 174 11.97 -2.19 -36.51
CA ARG A 174 13.40 -2.00 -36.70
C ARG A 174 13.79 -2.01 -38.18
N VAL A 175 13.19 -2.92 -38.95
CA VAL A 175 13.47 -2.96 -40.38
C VAL A 175 12.99 -1.69 -41.06
N ARG A 176 11.80 -1.20 -40.70
CA ARG A 176 11.34 0.06 -41.28
C ARG A 176 12.26 1.22 -40.91
N ASP A 177 12.74 1.25 -39.67
CA ASP A 177 13.58 2.35 -39.24
C ASP A 177 14.95 2.32 -39.91
N ARG A 178 15.52 1.12 -40.11
CA ARG A 178 16.89 1.02 -40.58
C ARG A 178 17.00 0.88 -42.10
N LEU A 179 16.24 -0.02 -42.71
CA LEU A 179 16.37 -0.33 -44.12
C LEU A 179 15.54 0.57 -45.02
N ASN A 180 14.40 1.08 -44.54
CA ASN A 180 13.50 1.92 -45.32
C ASN A 180 13.04 1.18 -46.60
N ILE A 181 12.34 0.07 -46.38
CA ILE A 181 11.82 -0.76 -47.46
C ILE A 181 10.36 -1.08 -47.16
N THR A 182 9.65 -1.49 -48.21
CA THR A 182 8.24 -1.85 -48.09
C THR A 182 8.13 -3.28 -47.55
N VAL A 183 7.47 -3.43 -46.40
CA VAL A 183 7.32 -4.72 -45.75
C VAL A 183 5.85 -4.92 -45.40
N ASP A 184 5.35 -6.14 -45.65
CA ASP A 184 3.99 -6.52 -45.34
C ASP A 184 3.97 -7.48 -44.17
N HIS A 185 2.78 -7.75 -43.64
CA HIS A 185 2.62 -8.65 -42.50
C HIS A 185 1.24 -9.27 -42.56
N LEU A 186 1.10 -10.41 -41.88
CA LEU A 186 -0.16 -11.14 -41.84
C LEU A 186 -0.18 -12.08 -40.66
N GLU A 187 -1.36 -12.28 -40.09
CA GLU A 187 -1.59 -13.18 -38.97
C GLU A 187 -2.47 -14.35 -39.41
N PHE A 188 -2.12 -15.54 -38.95
CA PHE A 188 -2.88 -16.73 -39.27
C PHE A 188 -3.02 -17.60 -38.02
N ALA A 189 -4.05 -18.44 -38.02
CA ALA A 189 -4.31 -19.36 -36.93
C ALA A 189 -3.84 -20.76 -37.34
N GLU A 190 -2.96 -21.34 -36.54
CA GLU A 190 -2.41 -22.66 -36.86
C GLU A 190 -3.39 -23.80 -36.58
N ASP A 191 -4.43 -23.54 -35.78
CA ASP A 191 -5.40 -24.59 -35.50
C ASP A 191 -6.25 -24.91 -36.72
N ASP A 192 -6.64 -23.89 -37.48
CA ASP A 192 -7.47 -24.08 -38.65
C ASP A 192 -6.66 -24.67 -39.81
N LEU A 193 -7.38 -25.17 -40.81
CA LEU A 193 -6.77 -25.77 -41.99
C LEU A 193 -6.96 -24.93 -43.24
N SER A 194 -8.12 -24.29 -43.41
CA SER A 194 -8.33 -23.42 -44.56
C SER A 194 -7.44 -22.18 -44.52
N HIS A 195 -6.97 -21.79 -43.34
CA HIS A 195 -6.04 -20.67 -43.23
C HIS A 195 -4.73 -20.98 -43.97
N TYR A 196 -4.27 -22.23 -43.87
CA TYR A 196 -3.06 -22.61 -44.60
C TYR A 196 -3.28 -22.53 -46.11
N THR A 197 -4.44 -22.98 -46.59
CA THR A 197 -4.74 -22.88 -48.02
C THR A 197 -4.78 -21.43 -48.48
N ARG A 198 -5.42 -20.56 -47.70
CA ARG A 198 -5.45 -19.15 -48.04
C ARG A 198 -4.06 -18.54 -48.03
N LEU A 199 -3.22 -18.93 -47.07
CA LEU A 199 -1.85 -18.45 -47.03
C LEU A 199 -1.07 -18.86 -48.26
N LEU A 200 -1.16 -20.13 -48.65
CA LEU A 200 -0.45 -20.58 -49.85
C LEU A 200 -1.02 -19.94 -51.10
N ARG A 201 -2.29 -19.55 -51.10
CA ARG A 201 -2.84 -18.85 -52.25
C ARG A 201 -2.39 -17.39 -52.32
N THR A 202 -2.18 -16.74 -51.17
CA THR A 202 -1.88 -15.32 -51.15
C THR A 202 -0.39 -14.99 -51.09
N MET A 203 0.46 -15.93 -50.69
CA MET A 203 1.90 -15.65 -50.66
C MET A 203 2.50 -15.29 -52.01
N PRO A 204 2.21 -15.98 -53.12
CA PRO A 204 2.85 -15.61 -54.40
C PRO A 204 2.53 -14.20 -54.86
N ARG A 205 1.44 -13.61 -54.41
CA ARG A 205 1.04 -12.28 -54.83
C ARG A 205 1.54 -11.18 -53.89
N LYS A 206 2.31 -11.53 -52.86
CA LYS A 206 2.76 -10.55 -51.87
C LYS A 206 4.27 -10.43 -51.75
N GLY A 207 5.04 -11.40 -52.22
CA GLY A 207 6.48 -11.30 -52.14
C GLY A 207 7.13 -12.65 -52.32
N ARG A 208 8.47 -12.63 -52.27
CA ARG A 208 9.28 -13.83 -52.43
C ARG A 208 10.15 -14.15 -51.23
N VAL A 209 10.47 -13.18 -50.38
CA VAL A 209 11.23 -13.40 -49.16
C VAL A 209 10.25 -13.35 -48.00
N ILE A 210 10.10 -14.46 -47.28
CA ILE A 210 9.07 -14.62 -46.27
C ILE A 210 9.70 -15.00 -44.94
N TYR A 211 9.31 -14.30 -43.88
CA TYR A 211 9.63 -14.67 -42.51
C TYR A 211 8.38 -15.22 -41.83
N ILE A 212 8.56 -16.30 -41.08
CA ILE A 212 7.44 -17.02 -40.47
C ILE A 212 7.71 -17.17 -38.98
N CYS A 213 6.71 -16.86 -38.16
CA CYS A 213 6.77 -17.05 -36.71
C CYS A 213 5.64 -18.00 -36.32
N SER A 214 5.94 -19.29 -36.23
CA SER A 214 4.96 -20.30 -35.86
C SER A 214 5.68 -21.47 -35.22
N SER A 215 4.89 -22.46 -34.79
CA SER A 215 5.43 -23.66 -34.18
C SER A 215 6.15 -24.52 -35.22
N PRO A 216 7.12 -25.34 -34.79
CA PRO A 216 7.83 -26.19 -35.75
C PRO A 216 6.92 -27.12 -36.52
N ASP A 217 5.88 -27.67 -35.87
CA ASP A 217 4.93 -28.51 -36.59
C ASP A 217 4.17 -27.71 -37.63
N ALA A 218 3.75 -26.49 -37.29
CA ALA A 218 3.08 -25.63 -38.25
C ALA A 218 4.00 -25.27 -39.41
N PHE A 219 5.27 -25.00 -39.10
CA PHE A 219 6.23 -24.69 -40.16
C PHE A 219 6.43 -25.88 -41.09
N ARG A 220 6.53 -27.09 -40.52
CA ARG A 220 6.69 -28.27 -41.36
C ARG A 220 5.47 -28.51 -42.24
N THR A 221 4.27 -28.34 -41.67
CA THR A 221 3.05 -28.51 -42.47
C THR A 221 2.98 -27.48 -43.59
N LEU A 222 3.33 -26.22 -43.29
CA LEU A 222 3.33 -25.19 -44.31
C LEU A 222 4.35 -25.49 -45.41
N MET A 223 5.53 -25.97 -45.03
CA MET A 223 6.55 -26.30 -46.02
C MET A 223 6.09 -27.46 -46.90
N LEU A 224 5.45 -28.48 -46.31
CA LEU A 224 4.93 -29.59 -47.09
C LEU A 224 3.84 -29.13 -48.05
N LEU A 225 2.95 -28.25 -47.58
CA LEU A 225 1.91 -27.72 -48.45
C LEU A 225 2.50 -26.91 -49.59
N ALA A 226 3.55 -26.12 -49.30
CA ALA A 226 4.21 -25.35 -50.36
C ALA A 226 4.87 -26.27 -51.38
N LEU A 227 5.51 -27.34 -50.91
CA LEU A 227 6.12 -28.29 -51.84
C LEU A 227 5.07 -28.97 -52.71
N GLU A 228 3.94 -29.36 -52.12
CA GLU A 228 2.89 -30.01 -52.89
C GLU A 228 2.24 -29.06 -53.88
N ALA A 229 2.06 -27.79 -53.50
CA ALA A 229 1.44 -26.82 -54.40
C ALA A 229 2.30 -26.56 -55.63
N GLY A 230 3.61 -26.45 -55.44
CA GLY A 230 4.50 -26.20 -56.56
C GLY A 230 5.62 -25.23 -56.24
N LEU A 231 5.64 -24.72 -55.02
CA LEU A 231 6.69 -23.80 -54.61
C LEU A 231 8.05 -24.50 -54.58
N CYS A 232 9.07 -23.80 -55.03
CA CYS A 232 10.42 -24.35 -55.12
C CYS A 232 11.41 -23.36 -54.53
N GLY A 233 12.61 -23.87 -54.22
CA GLY A 233 13.64 -23.05 -53.61
C GLY A 233 14.37 -22.12 -54.54
N GLU A 234 14.18 -22.27 -55.86
CA GLU A 234 14.82 -21.39 -56.82
C GLU A 234 14.18 -20.01 -56.87
N ASP A 235 12.99 -19.84 -56.31
CA ASP A 235 12.30 -18.56 -56.31
C ASP A 235 11.83 -18.09 -54.94
N TYR A 236 11.73 -18.98 -53.95
CA TYR A 236 11.25 -18.65 -52.62
C TYR A 236 12.28 -19.04 -51.57
N VAL A 237 12.34 -18.25 -50.50
CA VAL A 237 13.21 -18.52 -49.36
C VAL A 237 12.38 -18.35 -48.09
N PHE A 238 12.59 -19.25 -47.13
CA PHE A 238 11.83 -19.28 -45.89
C PHE A 238 12.78 -19.17 -44.70
N PHE A 239 12.44 -18.30 -43.76
CA PHE A 239 13.21 -18.11 -42.54
C PHE A 239 12.32 -18.38 -41.33
N HIS A 240 12.84 -19.16 -40.39
CA HIS A 240 12.11 -19.52 -39.17
C HIS A 240 12.81 -18.87 -37.98
N LEU A 241 12.07 -18.03 -37.25
CA LEU A 241 12.61 -17.31 -36.11
C LEU A 241 12.41 -18.13 -34.84
N ASP A 242 13.23 -19.18 -34.71
CA ASP A 242 13.21 -20.07 -33.55
C ASP A 242 14.36 -19.65 -32.64
N ILE A 243 14.08 -18.67 -31.76
CA ILE A 243 15.13 -18.11 -30.92
C ILE A 243 15.66 -19.14 -29.93
N PHE A 244 14.77 -19.94 -29.35
CA PHE A 244 15.15 -20.91 -28.32
C PHE A 244 15.52 -22.27 -28.88
N GLY A 245 15.42 -22.47 -30.20
CA GLY A 245 15.78 -23.75 -30.78
C GLY A 245 14.85 -24.87 -30.40
N GLN A 246 13.61 -24.83 -30.89
CA GLN A 246 12.65 -25.89 -30.62
C GLN A 246 12.63 -26.93 -31.73
N SER A 247 12.71 -26.50 -32.99
CA SER A 247 12.77 -27.45 -34.09
C SER A 247 14.04 -28.30 -34.02
N LEU A 248 15.17 -27.67 -33.73
CA LEU A 248 16.42 -28.38 -33.49
C LEU A 248 16.58 -28.57 -31.98
N GLN A 249 16.69 -29.81 -31.55
CA GLN A 249 16.72 -30.11 -30.12
C GLN A 249 17.93 -29.46 -29.46
N GLY A 250 17.67 -28.57 -28.51
CA GLY A 250 18.72 -27.91 -27.75
C GLY A 250 19.47 -26.76 -28.41
N GLY A 251 19.94 -26.95 -29.63
CA GLY A 251 20.82 -25.97 -30.25
C GLY A 251 22.16 -25.87 -29.55
N GLN A 252 22.68 -27.00 -29.10
CA GLN A 252 23.94 -27.06 -28.35
C GLN A 252 25.09 -27.25 -29.34
N GLY A 253 26.26 -27.65 -28.83
CA GLY A 253 27.43 -27.87 -29.64
C GLY A 253 27.19 -28.78 -30.83
N PRO A 254 28.17 -28.83 -31.75
CA PRO A 254 27.94 -29.48 -33.05
C PRO A 254 27.50 -30.93 -32.90
N ALA A 255 26.45 -31.29 -33.66
CA ALA A 255 25.85 -32.61 -33.68
C ALA A 255 24.87 -32.69 -34.84
N PRO A 256 24.70 -33.85 -35.47
CA PRO A 256 23.74 -33.95 -36.58
C PRO A 256 22.32 -33.72 -36.11
N ARG A 257 21.61 -32.84 -36.80
CA ARG A 257 20.22 -32.51 -36.51
C ARG A 257 19.38 -32.71 -37.75
N ARG A 258 18.28 -33.45 -37.62
CA ARG A 258 17.37 -33.72 -38.73
C ARG A 258 15.95 -33.37 -38.29
N PRO A 259 15.55 -32.10 -38.45
CA PRO A 259 14.21 -31.70 -38.01
C PRO A 259 13.09 -32.12 -38.97
N TRP A 260 13.42 -32.70 -40.12
CA TRP A 260 12.42 -33.09 -41.11
C TRP A 260 11.95 -34.52 -40.95
N GLU A 261 12.42 -35.24 -39.93
CA GLU A 261 12.05 -36.64 -39.72
C GLU A 261 11.38 -36.80 -38.36
N ARG A 262 10.20 -37.40 -38.36
CA ARG A 262 9.52 -37.76 -37.11
C ARG A 262 8.82 -39.11 -37.21
N GLY A 263 9.12 -39.90 -38.24
CA GLY A 263 8.48 -41.19 -38.41
C GLY A 263 7.00 -41.14 -38.71
N ASP A 264 6.57 -40.19 -39.55
CA ASP A 264 5.18 -40.06 -39.93
C ASP A 264 4.87 -40.66 -41.30
N GLY A 265 5.84 -41.30 -41.94
CA GLY A 265 5.64 -41.91 -43.24
C GLY A 265 5.91 -41.01 -44.41
N GLN A 266 6.20 -39.73 -44.19
CA GLN A 266 6.49 -38.78 -45.26
C GLN A 266 7.79 -38.05 -45.01
N ASP A 267 8.81 -38.76 -44.53
CA ASP A 267 10.09 -38.13 -44.21
C ASP A 267 10.82 -37.66 -45.46
N VAL A 268 10.71 -38.41 -46.56
CA VAL A 268 11.40 -38.02 -47.79
C VAL A 268 10.82 -36.71 -48.33
N SER A 269 9.50 -36.57 -48.31
CA SER A 269 8.87 -35.33 -48.79
C SER A 269 9.28 -34.14 -47.94
N ALA A 270 9.32 -34.31 -46.61
CA ALA A 270 9.74 -33.22 -45.74
C ALA A 270 11.21 -32.87 -45.98
N ARG A 271 12.07 -33.88 -46.16
CA ARG A 271 13.48 -33.63 -46.44
C ARG A 271 13.66 -32.85 -47.73
N GLN A 272 12.91 -33.23 -48.77
CA GLN A 272 12.98 -32.49 -50.03
C GLN A 272 12.44 -31.07 -49.89
N ALA A 273 11.36 -30.89 -49.13
CA ALA A 273 10.77 -29.57 -48.95
C ALA A 273 11.71 -28.63 -48.19
N PHE A 274 12.37 -29.14 -47.15
CA PHE A 274 13.20 -28.29 -46.29
C PHE A 274 14.48 -27.82 -46.97
N GLN A 275 14.68 -28.05 -48.27
CA GLN A 275 15.86 -27.55 -48.96
C GLN A 275 15.87 -26.02 -49.09
N ALA A 276 14.75 -25.36 -48.84
CA ALA A 276 14.65 -23.91 -48.97
C ALA A 276 14.27 -23.23 -47.66
N ALA A 277 14.60 -23.83 -46.53
CA ALA A 277 14.27 -23.29 -45.22
C ALA A 277 15.53 -23.09 -44.40
N LYS A 278 15.62 -21.95 -43.71
CA LYS A 278 16.71 -21.64 -42.82
C LYS A 278 16.15 -21.21 -41.48
N ILE A 279 16.95 -21.36 -40.43
CA ILE A 279 16.54 -21.08 -39.06
C ILE A 279 17.48 -20.05 -38.46
N ILE A 280 16.91 -19.10 -37.72
CA ILE A 280 17.67 -18.07 -37.02
C ILE A 280 17.53 -18.32 -35.53
N THR A 281 18.65 -18.57 -34.85
CA THR A 281 18.65 -18.89 -33.42
C THR A 281 19.66 -17.99 -32.71
N TYR A 282 19.75 -18.18 -31.39
CA TYR A 282 20.74 -17.46 -30.60
C TYR A 282 22.11 -18.11 -30.75
N LYS A 283 23.13 -17.43 -30.23
CA LYS A 283 24.51 -17.91 -30.27
C LYS A 283 24.92 -18.38 -28.89
N ASP A 284 25.28 -19.66 -28.78
CA ASP A 284 25.71 -20.20 -27.50
C ASP A 284 27.16 -19.81 -27.20
N PRO A 285 27.48 -19.57 -25.93
CA PRO A 285 28.87 -19.27 -25.56
C PRO A 285 29.78 -20.46 -25.83
N ASP A 286 31.04 -20.17 -26.13
CA ASP A 286 32.02 -21.18 -26.47
C ASP A 286 33.08 -21.41 -25.40
N ASN A 287 33.25 -20.46 -24.48
CA ASN A 287 34.28 -20.60 -23.46
C ASN A 287 33.95 -21.73 -22.49
N PRO A 288 34.97 -22.41 -21.96
CA PRO A 288 34.71 -23.49 -20.99
C PRO A 288 34.09 -22.99 -19.69
N GLU A 289 34.22 -21.69 -19.39
CA GLU A 289 33.57 -21.15 -18.20
C GLU A 289 32.07 -21.32 -18.27
N TYR A 290 31.49 -21.17 -19.47
CA TYR A 290 30.06 -21.39 -19.64
C TYR A 290 29.70 -22.85 -19.34
N LEU A 291 30.52 -23.80 -19.79
CA LEU A 291 30.25 -25.21 -19.52
C LEU A 291 30.34 -25.51 -18.02
N GLU A 292 31.35 -24.95 -17.34
CA GLU A 292 31.46 -25.15 -15.91
C GLU A 292 30.28 -24.54 -15.17
N PHE A 293 29.86 -23.35 -15.58
CA PHE A 293 28.70 -22.72 -14.96
C PHE A 293 27.44 -23.55 -15.18
N LEU A 294 27.27 -24.11 -16.38
CA LEU A 294 26.12 -24.97 -16.64
C LEU A 294 26.16 -26.20 -15.75
N LYS A 295 27.33 -26.81 -15.58
CA LYS A 295 27.45 -27.99 -14.74
C LYS A 295 27.06 -27.67 -13.30
N GLN A 296 27.62 -26.60 -12.74
CA GLN A 296 27.31 -26.23 -11.37
C GLN A 296 25.84 -25.84 -11.22
N LEU A 297 25.29 -25.13 -12.20
CA LEU A 297 23.90 -24.74 -12.17
C LEU A 297 22.98 -25.96 -12.14
N LYS A 298 23.23 -26.92 -13.03
CA LYS A 298 22.41 -28.13 -13.07
C LYS A 298 22.53 -28.92 -11.78
N HIS A 299 23.76 -29.07 -11.27
CA HIS A 299 23.95 -29.84 -10.05
C HIS A 299 23.21 -29.19 -8.88
N LEU A 300 23.41 -27.89 -8.67
CA LEU A 300 22.79 -27.23 -7.53
C LEU A 300 21.28 -27.20 -7.66
N ALA A 301 20.76 -26.98 -8.88
CA ALA A 301 19.32 -27.01 -9.09
C ALA A 301 18.75 -28.39 -8.77
N TYR A 302 19.42 -29.45 -9.21
CA TYR A 302 18.93 -30.80 -8.93
C TYR A 302 18.94 -31.10 -7.45
N GLU A 303 19.99 -30.68 -6.74
CA GLU A 303 20.08 -31.00 -5.31
C GLU A 303 19.18 -30.13 -4.44
N GLN A 304 18.87 -28.90 -4.88
CA GLN A 304 18.16 -27.97 -4.01
C GLN A 304 16.73 -27.65 -4.43
N PHE A 305 16.30 -28.06 -5.63
CA PHE A 305 14.97 -27.73 -6.10
C PHE A 305 14.20 -28.91 -6.66
N ASN A 306 14.79 -30.11 -6.66
CA ASN A 306 14.13 -31.31 -7.20
C ASN A 306 13.69 -31.11 -8.64
N PHE A 307 14.52 -30.41 -9.42
CA PHE A 307 14.23 -30.12 -10.81
C PHE A 307 15.38 -30.61 -11.68
N THR A 308 15.04 -31.24 -12.80
CA THR A 308 16.01 -31.77 -13.75
C THR A 308 16.01 -30.88 -14.98
N MET A 309 17.13 -30.18 -15.20
CA MET A 309 17.26 -29.29 -16.34
C MET A 309 17.87 -30.04 -17.52
N GLU A 310 17.56 -29.56 -18.73
CA GLU A 310 18.03 -30.15 -19.97
C GLU A 310 19.07 -29.23 -20.61
N ASP A 311 19.53 -29.63 -21.79
CA ASP A 311 20.51 -28.86 -22.55
C ASP A 311 19.81 -28.09 -23.66
N GLY A 312 20.02 -26.77 -23.68
CA GLY A 312 19.39 -25.94 -24.69
C GLY A 312 19.78 -24.49 -24.50
N LEU A 313 19.31 -23.67 -25.45
CA LEU A 313 19.57 -22.23 -25.39
C LEU A 313 18.78 -21.55 -24.29
N VAL A 314 17.75 -22.22 -23.76
CA VAL A 314 16.96 -21.64 -22.66
C VAL A 314 17.84 -21.38 -21.45
N ASN A 315 18.84 -22.24 -21.22
CA ASN A 315 19.76 -22.04 -20.11
C ASN A 315 20.56 -20.74 -20.24
N THR A 316 20.60 -20.15 -21.43
CA THR A 316 21.25 -18.86 -21.59
C THR A 316 20.45 -17.72 -20.96
N ILE A 317 19.19 -17.94 -20.62
CA ILE A 317 18.35 -16.88 -20.05
C ILE A 317 18.72 -16.63 -18.59
N PRO A 318 18.70 -17.64 -17.70
CA PRO A 318 19.08 -17.36 -16.30
C PRO A 318 20.51 -16.86 -16.16
N ALA A 319 21.43 -17.38 -16.95
CA ALA A 319 22.84 -17.03 -16.80
C ALA A 319 23.05 -15.54 -16.96
N SER A 320 22.41 -14.94 -17.98
CA SER A 320 22.49 -13.49 -18.15
C SER A 320 22.13 -12.76 -16.87
N PHE A 321 21.03 -13.18 -16.23
CA PHE A 321 20.65 -12.66 -14.92
C PHE A 321 21.86 -12.58 -14.02
N HIS A 322 22.51 -13.73 -13.78
CA HIS A 322 23.74 -13.80 -13.00
C HIS A 322 24.70 -12.68 -13.41
N ASP A 323 25.08 -12.67 -14.69
CA ASP A 323 26.03 -11.66 -15.17
C ASP A 323 25.51 -10.26 -14.86
N GLY A 324 24.24 -10.01 -15.18
CA GLY A 324 23.69 -8.69 -14.92
C GLY A 324 23.81 -8.31 -13.47
N LEU A 325 23.48 -9.25 -12.57
CA LEU A 325 23.60 -8.96 -11.14
C LEU A 325 25.01 -8.52 -10.81
N LEU A 326 26.01 -9.26 -11.30
CA LEU A 326 27.39 -8.89 -11.05
C LEU A 326 27.65 -7.45 -11.49
N LEU A 327 27.21 -7.11 -12.70
CA LEU A 327 27.41 -5.76 -13.21
C LEU A 327 26.83 -4.74 -12.24
N TYR A 328 25.61 -4.99 -11.78
CA TYR A 328 24.96 -4.07 -10.85
C TYR A 328 25.84 -3.84 -9.63
N ILE A 329 26.36 -4.93 -9.06
CA ILE A 329 27.21 -4.80 -7.88
C ILE A 329 28.37 -3.87 -8.18
N GLN A 330 29.03 -4.08 -9.31
CA GLN A 330 30.16 -3.24 -9.69
C GLN A 330 29.75 -1.77 -9.70
N ALA A 331 28.60 -1.49 -10.34
CA ALA A 331 28.12 -0.11 -10.39
C ALA A 331 27.96 0.46 -9.00
N VAL A 332 27.36 -0.32 -8.09
CA VAL A 332 27.19 0.15 -6.72
C VAL A 332 28.53 0.52 -6.13
N THR A 333 29.54 -0.34 -6.32
CA THR A 333 30.87 -0.04 -5.80
C THR A 333 31.36 1.29 -6.34
N GLU A 334 31.18 1.53 -7.64
CA GLU A 334 31.61 2.80 -8.22
C GLU A 334 30.93 3.97 -7.52
N THR A 335 29.63 3.85 -7.26
CA THR A 335 28.94 4.89 -6.50
C THR A 335 29.56 5.05 -5.13
N LEU A 336 29.83 3.93 -4.44
CA LEU A 336 30.47 3.99 -3.14
C LEU A 336 31.91 4.47 -3.22
N ALA A 337 32.49 4.49 -4.42
CA ALA A 337 33.82 5.05 -4.63
C ALA A 337 33.79 6.52 -5.03
N HIS A 338 32.60 7.10 -5.19
CA HIS A 338 32.46 8.49 -5.62
C HIS A 338 31.66 9.32 -4.64
N GLY A 339 31.60 8.91 -3.38
CA GLY A 339 30.88 9.67 -2.36
C GLY A 339 29.38 9.71 -2.59
N GLY A 340 28.76 8.54 -2.73
CA GLY A 340 27.34 8.47 -2.96
C GLY A 340 26.63 7.50 -2.04
N THR A 341 25.34 7.27 -2.29
CA THR A 341 24.54 6.36 -1.49
C THR A 341 23.87 5.34 -2.39
N VAL A 342 23.47 4.22 -1.80
CA VAL A 342 22.85 3.13 -2.55
C VAL A 342 21.39 3.41 -2.89
N THR A 343 20.84 4.55 -2.47
CA THR A 343 19.45 4.90 -2.72
C THR A 343 19.32 6.10 -3.64
N ASP A 344 20.17 6.17 -4.67
CA ASP A 344 20.11 7.23 -5.67
C ASP A 344 19.42 6.78 -6.95
N GLY A 345 19.82 5.64 -7.50
CA GLY A 345 19.18 5.10 -8.67
C GLY A 345 19.69 5.65 -9.98
N GLU A 346 19.65 6.98 -10.14
CA GLU A 346 20.06 7.58 -11.41
C GLU A 346 21.55 7.36 -11.68
N ASN A 347 22.39 7.54 -10.66
CA ASN A 347 23.83 7.38 -10.85
C ASN A 347 24.19 5.94 -11.20
N ILE A 348 23.57 4.97 -10.50
CA ILE A 348 23.87 3.57 -10.75
C ILE A 348 23.43 3.18 -12.16
N THR A 349 22.23 3.61 -12.56
CA THR A 349 21.74 3.29 -13.91
C THR A 349 22.61 3.93 -14.98
N GLN A 350 23.03 5.17 -14.77
CA GLN A 350 23.90 5.84 -15.74
C GLN A 350 25.25 5.14 -15.84
N ARG A 351 25.80 4.70 -14.71
CA ARG A 351 27.08 4.01 -14.73
C ARG A 351 26.96 2.64 -15.40
N MET A 352 25.83 1.96 -15.20
CA MET A 352 25.63 0.65 -15.85
C MET A 352 25.57 0.78 -17.36
N TRP A 353 24.88 1.81 -17.85
CA TRP A 353 24.70 1.99 -19.28
C TRP A 353 26.02 2.36 -19.96
N ASN A 354 26.19 1.88 -21.19
CA ASN A 354 27.38 2.14 -22.01
C ASN A 354 28.65 1.67 -21.29
N ARG A 355 28.69 0.37 -21.02
CA ARG A 355 29.82 -0.23 -20.31
C ARG A 355 30.09 -1.62 -20.87
N SER A 356 31.36 -2.03 -20.79
CA SER A 356 31.80 -3.34 -21.24
C SER A 356 32.07 -4.21 -20.03
N PHE A 357 31.52 -5.43 -20.04
CA PHE A 357 31.65 -6.35 -18.92
C PHE A 357 32.02 -7.74 -19.43
N GLN A 358 32.61 -8.54 -18.56
CA GLN A 358 33.00 -9.91 -18.86
C GLN A 358 32.25 -10.86 -17.93
N GLY A 359 31.58 -11.84 -18.51
CA GLY A 359 30.83 -12.80 -17.72
C GLY A 359 30.99 -14.22 -18.21
N VAL A 360 30.13 -15.12 -17.74
CA VAL A 360 30.19 -16.51 -18.16
C VAL A 360 29.84 -16.66 -19.63
N THR A 361 28.90 -15.83 -20.12
CA THR A 361 28.53 -15.89 -21.53
C THR A 361 29.64 -15.33 -22.42
N GLY A 362 30.38 -14.34 -21.93
CA GLY A 362 31.45 -13.74 -22.72
C GLY A 362 31.59 -12.26 -22.47
N TYR A 363 32.10 -11.52 -23.46
CA TYR A 363 32.28 -10.08 -23.36
C TYR A 363 31.03 -9.39 -23.86
N LEU A 364 30.26 -8.81 -22.94
CA LEU A 364 29.02 -8.14 -23.27
C LEU A 364 29.20 -6.62 -23.17
N LYS A 365 28.34 -5.91 -23.90
CA LYS A 365 28.39 -4.45 -23.94
C LYS A 365 26.99 -3.90 -23.78
N ILE A 366 26.87 -2.84 -22.96
CA ILE A 366 25.61 -2.13 -22.75
C ILE A 366 25.73 -0.76 -23.40
N ASP A 367 24.81 -0.45 -24.30
CA ASP A 367 24.85 0.81 -25.04
C ASP A 367 24.24 1.92 -24.18
N SER A 368 24.05 3.09 -24.79
CA SER A 368 23.46 4.22 -24.06
C SER A 368 21.97 4.02 -23.78
N SER A 369 21.33 3.07 -24.45
CA SER A 369 19.91 2.79 -24.24
C SER A 369 19.67 1.67 -23.23
N GLY A 370 20.72 1.14 -22.61
CA GLY A 370 20.57 0.08 -21.63
C GLY A 370 20.02 -1.22 -22.18
N ASP A 371 20.44 -1.60 -23.38
CA ASP A 371 20.01 -2.85 -24.01
C ASP A 371 21.25 -3.64 -24.41
N ARG A 372 21.37 -4.86 -23.89
CA ARG A 372 22.53 -5.68 -24.18
C ARG A 372 22.51 -6.15 -25.64
N GLU A 373 23.66 -6.02 -26.31
CA GLU A 373 23.78 -6.48 -27.68
C GLU A 373 24.00 -7.99 -27.70
N THR A 374 23.24 -8.69 -28.52
CA THR A 374 23.26 -10.15 -28.55
C THR A 374 23.71 -10.64 -29.92
N ASP A 375 24.42 -11.76 -29.92
CA ASP A 375 24.86 -12.41 -31.14
C ASP A 375 23.80 -13.39 -31.63
N PHE A 376 23.79 -13.62 -32.95
CA PHE A 376 22.80 -14.51 -33.55
C PHE A 376 23.51 -15.55 -34.41
N SER A 377 22.78 -16.62 -34.73
CA SER A 377 23.32 -17.69 -35.56
C SER A 377 22.30 -18.09 -36.60
N LEU A 378 22.79 -18.50 -37.77
CA LEU A 378 21.96 -18.96 -38.87
C LEU A 378 22.31 -20.40 -39.19
N TRP A 379 21.30 -21.27 -39.22
CA TRP A 379 21.50 -22.69 -39.46
C TRP A 379 21.21 -23.04 -40.91
N ASP A 380 22.06 -23.88 -41.49
CA ASP A 380 21.90 -24.34 -42.85
C ASP A 380 22.07 -25.85 -42.90
N MET A 381 21.39 -26.48 -43.86
CA MET A 381 21.39 -27.93 -43.98
C MET A 381 22.51 -28.38 -44.90
N ASP A 382 23.21 -29.44 -44.48
CA ASP A 382 24.29 -30.00 -45.28
C ASP A 382 23.69 -30.70 -46.50
N PRO A 383 24.06 -30.30 -47.72
CA PRO A 383 23.48 -30.96 -48.91
C PRO A 383 23.81 -32.43 -49.03
N GLU A 384 24.88 -32.90 -48.37
CA GLU A 384 25.30 -34.29 -48.51
C GLU A 384 24.41 -35.23 -47.71
N ASN A 385 24.39 -35.06 -46.38
CA ASN A 385 23.64 -35.95 -45.50
C ASN A 385 22.33 -35.35 -45.00
N GLY A 386 22.00 -34.13 -45.41
CA GLY A 386 20.72 -33.54 -45.04
C GLY A 386 20.55 -33.25 -43.57
N ALA A 387 21.58 -32.69 -42.93
CA ALA A 387 21.51 -32.30 -41.53
C ALA A 387 21.85 -30.82 -41.39
N PHE A 388 21.09 -30.13 -40.55
CA PHE A 388 21.31 -28.70 -40.34
C PHE A 388 22.59 -28.47 -39.55
N ARG A 389 23.25 -27.35 -39.85
CA ARG A 389 24.50 -27.00 -39.18
C ARG A 389 24.64 -25.49 -39.17
N VAL A 390 25.48 -25.00 -38.25
CA VAL A 390 25.73 -23.57 -38.12
C VAL A 390 26.72 -23.13 -39.18
N VAL A 391 26.36 -22.11 -39.95
CA VAL A 391 27.22 -21.60 -41.01
C VAL A 391 27.54 -20.12 -40.87
N LEU A 392 26.72 -19.33 -40.18
CA LEU A 392 26.96 -17.89 -40.07
C LEU A 392 26.62 -17.42 -38.66
N ASN A 393 27.48 -16.55 -38.13
CA ASN A 393 27.27 -15.93 -36.84
C ASN A 393 27.33 -14.41 -36.98
N TYR A 394 26.46 -13.72 -36.25
CA TYR A 394 26.37 -12.26 -36.29
C TYR A 394 26.71 -11.71 -34.92
N ASN A 395 27.73 -10.83 -34.89
CA ASN A 395 28.15 -10.14 -33.68
C ASN A 395 27.54 -8.75 -33.69
N GLY A 396 26.76 -8.44 -32.65
CA GLY A 396 26.10 -7.15 -32.57
C GLY A 396 26.94 -6.03 -32.00
N THR A 397 27.98 -6.36 -31.22
CA THR A 397 28.88 -5.33 -30.71
C THR A 397 29.59 -4.62 -31.84
N SER A 398 30.08 -5.38 -32.83
CA SER A 398 30.67 -4.81 -34.02
C SER A 398 29.76 -4.89 -35.23
N GLN A 399 28.62 -5.58 -35.13
CA GLN A 399 27.66 -5.73 -36.22
C GLN A 399 28.32 -6.31 -37.46
N GLU A 400 28.84 -7.53 -37.32
CA GLU A 400 29.57 -8.19 -38.38
C GLU A 400 29.12 -9.64 -38.52
N LEU A 401 29.29 -10.19 -39.72
CA LEU A 401 28.93 -11.56 -40.02
C LEU A 401 30.19 -12.37 -40.29
N VAL A 402 30.27 -13.56 -39.69
CA VAL A 402 31.44 -14.42 -39.80
C VAL A 402 30.99 -15.85 -40.09
N ALA A 403 31.68 -16.50 -41.02
CA ALA A 403 31.40 -17.88 -41.36
C ALA A 403 32.03 -18.82 -40.32
N VAL A 404 31.64 -20.08 -40.38
CA VAL A 404 32.11 -21.11 -39.46
C VAL A 404 32.93 -22.11 -40.26
N SER A 405 34.24 -22.17 -40.00
CA SER A 405 35.15 -23.13 -40.62
C SER A 405 35.08 -23.07 -42.15
N GLY A 406 34.87 -21.88 -42.71
CA GLY A 406 34.82 -21.73 -44.15
C GLY A 406 33.62 -22.35 -44.81
N ARG A 407 32.53 -22.56 -44.07
CA ARG A 407 31.33 -23.13 -44.66
C ARG A 407 30.70 -22.14 -45.64
N LYS A 408 30.15 -22.68 -46.73
CA LYS A 408 29.56 -21.87 -47.80
C LYS A 408 28.05 -22.07 -47.78
N LEU A 409 27.32 -20.97 -47.72
CA LEU A 409 25.85 -21.00 -47.69
C LEU A 409 25.35 -21.38 -49.08
N ASN A 410 25.13 -22.68 -49.29
CA ASN A 410 24.72 -23.17 -50.61
C ASN A 410 23.27 -22.78 -50.89
N TRP A 411 22.95 -22.74 -52.18
CA TRP A 411 21.62 -22.43 -52.65
C TRP A 411 21.20 -23.45 -53.71
N PRO A 412 19.90 -23.70 -53.86
CA PRO A 412 19.46 -24.70 -54.85
C PRO A 412 19.87 -24.38 -56.27
N LEU A 413 19.93 -23.10 -56.65
CA LEU A 413 20.27 -22.72 -58.02
C LEU A 413 21.71 -22.25 -58.16
N GLY A 414 22.30 -21.69 -57.11
CA GLY A 414 23.69 -21.26 -57.17
C GLY A 414 23.95 -19.93 -56.51
N TYR A 415 22.98 -19.02 -56.59
CA TYR A 415 23.04 -17.73 -55.93
C TYR A 415 21.67 -17.43 -55.34
N PRO A 416 21.61 -16.56 -54.33
CA PRO A 416 20.33 -16.24 -53.69
C PRO A 416 19.32 -15.73 -54.71
N PRO A 417 18.05 -16.12 -54.57
CA PRO A 417 17.04 -15.67 -55.53
C PRO A 417 16.81 -14.17 -55.41
N PRO A 418 16.41 -13.51 -56.50
CA PRO A 418 16.16 -12.06 -56.42
C PRO A 418 14.95 -11.76 -55.56
N ASP A 419 14.97 -10.57 -54.95
CA ASP A 419 13.89 -10.17 -54.06
C ASP A 419 12.56 -10.07 -54.81
N ILE A 420 12.58 -9.52 -56.01
CA ILE A 420 11.38 -9.39 -56.83
C ILE A 420 11.65 -9.99 -58.20
N PRO A 421 10.79 -10.86 -58.72
CA PRO A 421 11.01 -11.43 -60.05
C PRO A 421 10.94 -10.37 -61.14
N LYS A 422 11.65 -10.63 -62.23
CA LYS A 422 11.67 -9.68 -63.34
C LYS A 422 10.28 -9.48 -63.93
N CYS A 423 9.43 -10.49 -63.89
CA CYS A 423 8.05 -10.36 -64.37
C CYS A 423 7.13 -9.69 -63.36
N GLY A 424 7.58 -9.52 -62.11
CA GLY A 424 6.76 -8.89 -61.10
C GLY A 424 5.76 -9.85 -60.48
N PHE A 425 4.97 -9.31 -59.55
CA PHE A 425 3.96 -10.09 -58.86
C PHE A 425 2.71 -10.31 -59.70
N ASP A 426 2.57 -9.61 -60.82
CA ASP A 426 1.41 -9.77 -61.68
C ASP A 426 1.63 -10.89 -62.70
N GLY B 1 -23.65 4.88 12.40
CA GLY B 1 -22.43 4.49 11.71
C GLY B 1 -22.06 5.43 10.59
N ASN B 2 -20.86 5.23 10.03
CA ASN B 2 -20.35 6.05 8.95
C ASN B 2 -20.10 5.18 7.71
N LEU B 3 -20.50 5.69 6.55
CA LEU B 3 -20.28 5.01 5.28
C LEU B 3 -19.29 5.86 4.47
N THR B 4 -18.14 5.27 4.14
CA THR B 4 -17.08 5.98 3.44
C THR B 4 -17.15 5.70 1.95
N VAL B 5 -17.10 6.76 1.15
CA VAL B 5 -17.11 6.66 -0.30
C VAL B 5 -15.84 7.29 -0.84
N ALA B 6 -15.09 6.53 -1.63
CA ALA B 6 -13.83 6.98 -2.21
C ALA B 6 -14.06 7.44 -3.64
N VAL B 7 -13.53 8.61 -3.98
CA VAL B 7 -13.63 9.18 -5.31
C VAL B 7 -12.23 9.31 -5.88
N VAL B 8 -12.04 8.83 -7.11
CA VAL B 8 -10.76 8.93 -7.80
C VAL B 8 -11.06 9.63 -9.14
N LEU B 9 -10.95 10.94 -9.16
CA LEU B 9 -11.24 11.75 -10.32
C LEU B 9 -10.25 12.89 -10.40
N PRO B 10 -10.02 13.44 -11.59
CA PRO B 10 -9.14 14.62 -11.71
C PRO B 10 -9.71 15.80 -10.93
N LEU B 11 -8.89 16.35 -10.03
CA LEU B 11 -9.33 17.44 -9.16
C LEU B 11 -8.98 18.82 -9.71
N ALA B 12 -7.93 18.91 -10.53
CA ALA B 12 -7.49 20.19 -11.07
C ALA B 12 -7.95 20.42 -12.50
N ASN B 13 -7.78 19.42 -13.37
CA ASN B 13 -8.19 19.56 -14.76
C ASN B 13 -9.70 19.51 -14.87
N THR B 14 -10.28 20.49 -15.57
CA THR B 14 -11.73 20.60 -15.73
C THR B 14 -12.16 20.40 -17.18
N SER B 15 -11.28 19.89 -18.04
CA SER B 15 -11.61 19.67 -19.44
C SER B 15 -12.24 18.31 -19.70
N TYR B 16 -12.30 17.43 -18.69
CA TYR B 16 -12.90 16.12 -18.87
C TYR B 16 -14.37 16.13 -18.48
N PRO B 17 -15.20 15.33 -19.15
CA PRO B 17 -16.61 15.25 -18.75
C PRO B 17 -16.81 14.76 -17.32
N TRP B 18 -15.92 13.91 -16.82
CA TRP B 18 -16.01 13.36 -15.47
C TRP B 18 -15.12 14.12 -14.48
N SER B 19 -14.86 15.40 -14.74
CA SER B 19 -14.04 16.19 -13.84
C SER B 19 -14.76 16.41 -12.51
N TRP B 20 -13.96 16.60 -11.45
CA TRP B 20 -14.54 16.78 -10.12
C TRP B 20 -15.35 18.06 -10.03
N ALA B 21 -14.99 19.09 -10.78
CA ALA B 21 -15.72 20.36 -10.74
C ALA B 21 -17.16 20.21 -11.22
N ARG B 22 -17.46 19.17 -12.01
CA ARG B 22 -18.80 18.93 -12.49
C ARG B 22 -19.50 17.78 -11.77
N VAL B 23 -18.79 17.02 -10.94
CA VAL B 23 -19.37 15.85 -10.27
C VAL B 23 -19.65 16.19 -8.81
N GLY B 24 -18.84 17.08 -8.23
CA GLY B 24 -18.95 17.42 -6.83
C GLY B 24 -20.30 17.99 -6.44
N PRO B 25 -20.81 18.98 -7.19
CA PRO B 25 -22.18 19.44 -6.92
C PRO B 25 -23.22 18.34 -7.05
N ALA B 26 -23.07 17.44 -8.02
CA ALA B 26 -24.00 16.32 -8.13
C ALA B 26 -23.89 15.39 -6.92
N VAL B 27 -22.67 15.14 -6.45
CA VAL B 27 -22.48 14.27 -5.29
C VAL B 27 -23.12 14.89 -4.05
N GLU B 28 -22.92 16.20 -3.86
CA GLU B 28 -23.49 16.85 -2.68
C GLU B 28 -25.02 16.93 -2.79
N LEU B 29 -25.56 17.10 -4.00
CA LEU B 29 -27.01 17.06 -4.16
C LEU B 29 -27.56 15.68 -3.84
N ALA B 30 -26.86 14.62 -4.27
CA ALA B 30 -27.27 13.27 -3.92
C ALA B 30 -27.23 13.04 -2.42
N LEU B 31 -26.17 13.53 -1.76
CA LEU B 31 -26.09 13.38 -0.31
C LEU B 31 -27.21 14.14 0.40
N ALA B 32 -27.53 15.35 -0.08
CA ALA B 32 -28.63 16.10 0.51
C ALA B 32 -29.97 15.38 0.31
N GLN B 33 -30.18 14.81 -0.88
CA GLN B 33 -31.41 14.07 -1.12
C GLN B 33 -31.50 12.84 -0.24
N VAL B 34 -30.39 12.14 -0.03
CA VAL B 34 -30.38 10.98 0.85
C VAL B 34 -30.69 11.40 2.28
N LYS B 35 -30.09 12.50 2.74
CA LYS B 35 -30.33 12.97 4.10
C LYS B 35 -31.77 13.45 4.28
N ALA B 36 -32.38 13.99 3.24
CA ALA B 36 -33.74 14.50 3.30
C ALA B 36 -34.79 13.43 3.15
N ARG B 37 -34.40 12.18 2.89
CA ARG B 37 -35.33 11.08 2.73
C ARG B 37 -35.20 10.11 3.90
N PRO B 38 -36.30 9.75 4.57
CA PRO B 38 -36.19 8.85 5.72
C PRO B 38 -36.11 7.37 5.37
N ASP B 39 -36.30 7.02 4.10
CA ASP B 39 -36.24 5.63 3.65
C ASP B 39 -34.90 5.25 3.04
N LEU B 40 -33.90 6.12 3.13
CA LEU B 40 -32.58 5.88 2.56
C LEU B 40 -31.55 5.96 3.69
N LEU B 41 -31.21 4.81 4.25
CA LEU B 41 -30.22 4.68 5.33
C LEU B 41 -30.56 5.60 6.50
N PRO B 42 -31.62 5.32 7.26
CA PRO B 42 -31.93 6.17 8.40
C PRO B 42 -30.90 6.03 9.52
N GLY B 43 -30.51 7.16 10.10
CA GLY B 43 -29.56 7.17 11.18
C GLY B 43 -28.11 6.96 10.78
N TRP B 44 -27.81 6.98 9.48
CA TRP B 44 -26.46 6.78 8.98
C TRP B 44 -25.98 8.00 8.23
N THR B 45 -24.68 8.27 8.33
CA THR B 45 -24.06 9.42 7.69
C THR B 45 -22.98 8.94 6.72
N VAL B 46 -22.87 9.63 5.58
CA VAL B 46 -21.96 9.27 4.51
C VAL B 46 -20.86 10.31 4.43
N ARG B 47 -19.61 9.86 4.48
CA ARG B 47 -18.44 10.70 4.29
C ARG B 47 -17.77 10.36 2.97
N THR B 48 -17.09 11.34 2.39
CA THR B 48 -16.45 11.18 1.09
C THR B 48 -14.97 11.54 1.20
N VAL B 49 -14.12 10.67 0.67
CA VAL B 49 -12.69 10.93 0.55
C VAL B 49 -12.35 11.06 -0.92
N LEU B 50 -11.35 11.88 -1.21
CA LEU B 50 -11.00 12.24 -2.58
C LEU B 50 -9.55 11.89 -2.87
N GLY B 51 -9.28 11.56 -4.13
CA GLY B 51 -7.92 11.30 -4.57
C GLY B 51 -7.74 11.75 -6.00
N SER B 52 -6.49 12.00 -6.38
CA SER B 52 -6.17 12.49 -7.71
C SER B 52 -5.75 11.34 -8.62
N SER B 53 -6.27 11.34 -9.84
CA SER B 53 -5.96 10.33 -10.84
C SER B 53 -5.22 10.91 -12.03
N GLU B 54 -4.40 11.93 -11.80
CA GLU B 54 -3.65 12.60 -12.85
C GLU B 54 -2.21 12.81 -12.39
N ASN B 55 -1.31 12.88 -13.36
CA ASN B 55 0.11 13.09 -13.10
C ASN B 55 0.39 14.59 -13.00
N ALA B 56 1.67 14.96 -13.00
CA ALA B 56 2.04 16.37 -12.95
C ALA B 56 1.59 17.12 -14.19
N LEU B 57 1.42 16.42 -15.31
CA LEU B 57 0.96 17.06 -16.54
C LEU B 57 -0.52 17.40 -16.50
N GLY B 58 -1.27 16.82 -15.57
CA GLY B 58 -2.68 17.11 -15.44
C GLY B 58 -3.60 16.31 -16.36
N VAL B 59 -3.12 15.21 -16.92
CA VAL B 59 -3.90 14.37 -17.82
C VAL B 59 -4.07 13.00 -17.18
N CYS B 60 -4.99 12.21 -17.74
CA CYS B 60 -5.22 10.87 -17.24
C CYS B 60 -3.98 10.01 -17.43
N SER B 61 -3.63 9.26 -16.38
CA SER B 61 -2.48 8.36 -16.40
C SER B 61 -2.87 7.02 -15.79
N ASP B 62 -2.24 5.97 -16.27
CA ASP B 62 -2.48 4.62 -15.78
C ASP B 62 -1.58 4.23 -14.63
N THR B 63 -0.74 5.15 -14.15
CA THR B 63 0.15 4.90 -13.02
C THR B 63 -0.27 5.62 -11.75
N ALA B 64 -0.72 6.86 -11.85
CA ALA B 64 -1.08 7.63 -10.67
C ALA B 64 -2.41 7.15 -10.09
N ALA B 65 -3.36 6.79 -10.94
CA ALA B 65 -4.68 6.35 -10.45
C ALA B 65 -4.61 5.07 -9.63
N PRO B 66 -3.95 3.99 -10.08
CA PRO B 66 -3.87 2.80 -9.20
C PRO B 66 -3.14 3.07 -7.89
N LEU B 67 -2.09 3.89 -7.93
CA LEU B 67 -1.38 4.22 -6.70
C LEU B 67 -2.27 5.00 -5.74
N ALA B 68 -3.03 5.96 -6.25
CA ALA B 68 -3.95 6.71 -5.41
C ALA B 68 -5.03 5.81 -4.83
N ALA B 69 -5.56 4.88 -5.64
CA ALA B 69 -6.56 3.95 -5.14
C ALA B 69 -5.99 3.06 -4.04
N VAL B 70 -4.76 2.58 -4.22
CA VAL B 70 -4.13 1.73 -3.22
C VAL B 70 -3.91 2.50 -1.93
N ASP B 71 -3.43 3.75 -2.04
CA ASP B 71 -3.21 4.57 -0.85
C ASP B 71 -4.53 4.85 -0.12
N LEU B 72 -5.60 5.15 -0.88
CA LEU B 72 -6.89 5.39 -0.25
C LEU B 72 -7.41 4.14 0.46
N LYS B 73 -7.26 2.97 -0.18
CA LYS B 73 -7.70 1.73 0.43
C LYS B 73 -6.92 1.45 1.70
N TRP B 74 -5.60 1.68 1.69
CA TRP B 74 -4.80 1.44 2.88
C TRP B 74 -5.15 2.40 4.00
N GLU B 75 -5.32 3.69 3.68
CA GLU B 75 -5.53 4.70 4.72
C GLU B 75 -6.93 4.64 5.30
N HIS B 76 -7.96 4.51 4.46
CA HIS B 76 -9.34 4.62 4.91
C HIS B 76 -10.14 3.34 4.83
N ASN B 77 -9.80 2.43 3.92
CA ASN B 77 -10.55 1.20 3.67
C ASN B 77 -12.00 1.52 3.36
N PRO B 78 -12.28 2.13 2.22
CA PRO B 78 -13.67 2.50 1.89
C PRO B 78 -14.50 1.29 1.51
N ALA B 79 -15.81 1.49 1.56
CA ALA B 79 -16.76 0.44 1.20
C ALA B 79 -17.14 0.44 -0.27
N VAL B 80 -16.87 1.54 -0.99
CA VAL B 80 -17.19 1.65 -2.40
C VAL B 80 -16.23 2.63 -3.05
N PHE B 81 -15.92 2.40 -4.33
CA PHE B 81 -15.04 3.26 -5.10
C PHE B 81 -15.82 3.93 -6.21
N LEU B 82 -15.61 5.23 -6.38
CA LEU B 82 -16.25 6.01 -7.43
C LEU B 82 -15.20 6.48 -8.43
N GLY B 83 -15.45 6.20 -9.71
CA GLY B 83 -14.51 6.55 -10.75
C GLY B 83 -13.38 5.55 -10.85
N PRO B 84 -12.37 5.85 -11.69
CA PRO B 84 -12.29 7.04 -12.54
C PRO B 84 -13.09 6.90 -13.83
N GLY B 85 -12.90 7.84 -14.76
CA GLY B 85 -13.63 7.83 -16.01
C GLY B 85 -12.79 7.45 -17.21
N CYS B 86 -11.51 7.83 -17.20
CA CYS B 86 -10.62 7.48 -18.30
C CYS B 86 -10.40 5.97 -18.34
N VAL B 87 -10.43 5.41 -19.56
CA VAL B 87 -10.35 3.97 -19.71
C VAL B 87 -9.01 3.43 -19.21
N TYR B 88 -7.91 4.09 -19.61
CA TYR B 88 -6.59 3.63 -19.20
C TYR B 88 -6.41 3.75 -17.69
N ALA B 89 -6.90 4.85 -17.11
CA ALA B 89 -6.75 5.04 -15.67
C ALA B 89 -7.62 4.07 -14.88
N ALA B 90 -8.85 3.84 -15.35
CA ALA B 90 -9.80 3.01 -14.61
C ALA B 90 -9.61 1.52 -14.86
N ALA B 91 -8.84 1.13 -15.87
CA ALA B 91 -8.66 -0.29 -16.17
C ALA B 91 -7.98 -1.06 -15.04
N PRO B 92 -6.85 -0.62 -14.47
CA PRO B 92 -6.27 -1.40 -13.36
C PRO B 92 -7.07 -1.28 -12.07
N VAL B 93 -7.80 -0.18 -11.87
CA VAL B 93 -8.57 0.00 -10.65
C VAL B 93 -9.69 -1.04 -10.57
N GLY B 94 -10.27 -1.40 -11.72
CA GLY B 94 -11.29 -2.43 -11.72
C GLY B 94 -10.77 -3.77 -11.24
N ARG B 95 -9.60 -4.17 -11.74
CA ARG B 95 -8.99 -5.42 -11.30
C ARG B 95 -8.60 -5.35 -9.83
N PHE B 96 -8.09 -4.20 -9.39
CA PHE B 96 -7.71 -4.05 -7.99
C PHE B 96 -8.92 -4.19 -7.07
N THR B 97 -10.05 -3.57 -7.44
CA THR B 97 -11.25 -3.69 -6.64
C THR B 97 -11.83 -5.10 -6.70
N ALA B 98 -11.74 -5.76 -7.85
CA ALA B 98 -12.20 -7.15 -7.95
C ALA B 98 -11.38 -8.05 -7.04
N HIS B 99 -10.07 -7.85 -6.99
CA HIS B 99 -9.23 -8.61 -6.07
C HIS B 99 -9.58 -8.29 -4.62
N TRP B 100 -9.82 -7.01 -4.32
CA TRP B 100 -10.19 -6.59 -2.97
C TRP B 100 -11.64 -6.87 -2.62
N ARG B 101 -12.45 -7.32 -3.60
CA ARG B 101 -13.87 -7.59 -3.39
C ARG B 101 -14.60 -6.35 -2.88
N VAL B 102 -14.29 -5.21 -3.48
CA VAL B 102 -14.89 -3.92 -3.14
C VAL B 102 -15.72 -3.45 -4.33
N PRO B 103 -17.00 -3.13 -4.15
CA PRO B 103 -17.82 -2.68 -5.28
C PRO B 103 -17.26 -1.40 -5.90
N LEU B 104 -17.39 -1.31 -7.22
CA LEU B 104 -16.93 -0.15 -7.98
C LEU B 104 -18.06 0.37 -8.84
N LEU B 105 -18.19 1.70 -8.88
CA LEU B 105 -19.21 2.37 -9.67
C LEU B 105 -18.54 3.34 -10.64
N THR B 106 -19.01 3.35 -11.89
CA THR B 106 -18.42 4.23 -12.89
C THR B 106 -19.48 4.62 -13.91
N ALA B 107 -19.63 5.93 -14.13
CA ALA B 107 -20.53 6.43 -15.16
C ALA B 107 -19.82 6.67 -16.48
N GLY B 108 -18.54 6.37 -16.57
CA GLY B 108 -17.80 6.46 -17.81
C GLY B 108 -17.26 5.11 -18.23
N ALA B 109 -16.05 5.10 -18.80
CA ALA B 109 -15.36 3.90 -19.26
C ALA B 109 -16.26 3.09 -20.18
N PRO B 110 -16.54 3.56 -21.40
CA PRO B 110 -17.44 2.82 -22.29
C PRO B 110 -16.72 1.78 -23.13
N ALA B 111 -15.49 1.45 -22.75
CA ALA B 111 -14.70 0.49 -23.51
C ALA B 111 -15.34 -0.90 -23.45
N LEU B 112 -15.19 -1.64 -24.56
CA LEU B 112 -15.77 -2.97 -24.64
C LEU B 112 -15.08 -3.95 -23.71
N GLY B 113 -13.80 -3.72 -23.41
CA GLY B 113 -13.04 -4.63 -22.57
C GLY B 113 -13.60 -4.78 -21.17
N PHE B 114 -14.37 -3.80 -20.70
CA PHE B 114 -15.00 -3.89 -19.39
C PHE B 114 -16.23 -4.79 -19.38
N GLY B 115 -16.66 -5.28 -20.55
CA GLY B 115 -17.83 -6.14 -20.61
C GLY B 115 -17.62 -7.56 -20.15
N VAL B 116 -16.37 -7.96 -19.91
CA VAL B 116 -16.07 -9.29 -19.40
C VAL B 116 -16.24 -9.26 -17.89
N LYS B 117 -17.33 -9.87 -17.39
CA LYS B 117 -17.63 -9.82 -15.97
C LYS B 117 -16.73 -10.73 -15.15
N ASP B 118 -16.09 -11.72 -15.78
CA ASP B 118 -15.19 -12.60 -15.05
C ASP B 118 -13.95 -11.84 -14.56
N GLU B 119 -13.33 -11.05 -15.45
CA GLU B 119 -12.16 -10.28 -15.07
C GLU B 119 -12.53 -9.01 -14.30
N TYR B 120 -13.70 -8.44 -14.58
CA TYR B 120 -14.09 -7.16 -14.00
C TYR B 120 -15.35 -7.28 -13.15
N ALA B 121 -15.39 -8.29 -12.29
CA ALA B 121 -16.55 -8.49 -11.43
C ALA B 121 -16.67 -7.36 -10.42
N LEU B 122 -17.88 -7.23 -9.85
CA LEU B 122 -18.19 -6.20 -8.85
C LEU B 122 -17.99 -4.79 -9.41
N THR B 123 -18.22 -4.62 -10.70
CA THR B 123 -18.11 -3.32 -11.36
C THR B 123 -19.45 -2.98 -12.01
N THR B 124 -19.95 -1.78 -11.72
CA THR B 124 -21.22 -1.31 -12.25
C THR B 124 -20.98 -0.08 -13.12
N ARG B 125 -21.59 -0.07 -14.30
CA ARG B 125 -21.50 1.04 -15.24
C ARG B 125 -22.88 1.66 -15.40
N ALA B 126 -23.09 2.82 -14.76
CA ALA B 126 -24.37 3.52 -14.81
C ALA B 126 -24.41 4.60 -15.88
N GLY B 127 -23.36 4.71 -16.70
CA GLY B 127 -23.31 5.73 -17.72
C GLY B 127 -23.43 5.17 -19.12
N PRO B 128 -23.24 6.03 -20.13
CA PRO B 128 -23.35 5.57 -21.52
C PRO B 128 -22.27 4.57 -21.87
N SER B 129 -22.61 3.67 -22.81
CA SER B 129 -21.70 2.65 -23.29
C SER B 129 -21.72 2.64 -24.81
N TYR B 130 -20.82 1.86 -25.39
CA TYR B 130 -20.68 1.76 -26.84
C TYR B 130 -21.45 0.60 -27.44
N ALA B 131 -21.81 -0.41 -26.65
CA ALA B 131 -22.58 -1.53 -27.17
C ALA B 131 -24.01 -1.12 -27.53
N LYS B 132 -24.58 -0.19 -26.77
CA LYS B 132 -25.91 0.31 -27.10
C LYS B 132 -25.92 1.02 -28.45
N LEU B 133 -24.81 1.66 -28.80
CA LEU B 133 -24.69 2.23 -30.15
C LEU B 133 -24.75 1.14 -31.21
N GLY B 134 -24.10 0.00 -30.96
CA GLY B 134 -24.19 -1.12 -31.87
C GLY B 134 -25.61 -1.66 -31.98
N ASP B 135 -26.31 -1.73 -30.85
CA ASP B 135 -27.71 -2.18 -30.87
C ASP B 135 -28.57 -1.22 -31.68
N PHE B 136 -28.37 0.09 -31.50
CA PHE B 136 -29.12 1.08 -32.28
C PHE B 136 -28.81 0.97 -33.76
N VAL B 137 -27.55 0.75 -34.11
CA VAL B 137 -27.16 0.60 -35.51
C VAL B 137 -27.80 -0.64 -36.12
N ALA B 138 -27.81 -1.75 -35.37
CA ALA B 138 -28.45 -2.97 -35.85
C ALA B 138 -29.95 -2.76 -36.04
N ALA B 139 -30.60 -2.06 -35.10
CA ALA B 139 -32.02 -1.78 -35.24
C ALA B 139 -32.30 -0.92 -36.45
N LEU B 140 -31.45 0.09 -36.69
CA LEU B 140 -31.62 0.94 -37.87
C LEU B 140 -31.43 0.15 -39.16
N HIS B 141 -30.44 -0.76 -39.19
CA HIS B 141 -30.24 -1.60 -40.36
C HIS B 141 -31.44 -2.51 -40.59
N ARG B 142 -32.00 -3.08 -39.53
CA ARG B 142 -33.18 -3.92 -39.67
C ARG B 142 -34.37 -3.12 -40.19
N ARG B 143 -34.55 -1.89 -39.68
CA ARG B 143 -35.68 -1.06 -40.12
C ARG B 143 -35.52 -0.64 -41.57
N LEU B 144 -34.31 -0.29 -41.99
CA LEU B 144 -34.08 0.21 -43.34
C LEU B 144 -33.79 -0.89 -44.35
N GLY B 145 -33.67 -2.14 -43.91
CA GLY B 145 -33.48 -3.25 -44.82
C GLY B 145 -32.06 -3.49 -45.28
N TRP B 146 -31.09 -2.74 -44.77
CA TRP B 146 -29.69 -2.95 -45.16
C TRP B 146 -29.15 -4.20 -44.48
N GLU B 147 -28.80 -5.21 -45.28
CA GLU B 147 -28.35 -6.48 -44.74
C GLU B 147 -27.18 -7.10 -45.49
N ARG B 148 -26.40 -6.30 -46.23
CA ARG B 148 -25.34 -6.85 -47.07
C ARG B 148 -23.95 -6.45 -46.61
N GLN B 149 -23.67 -5.16 -46.47
CA GLN B 149 -22.32 -4.71 -46.16
C GLN B 149 -22.36 -3.34 -45.53
N ALA B 150 -21.26 -2.99 -44.85
CA ALA B 150 -21.10 -1.69 -44.24
C ALA B 150 -19.62 -1.35 -44.17
N LEU B 151 -19.32 -0.06 -44.04
CA LEU B 151 -17.96 0.44 -43.97
C LEU B 151 -17.80 1.35 -42.76
N MET B 152 -16.65 1.24 -42.09
CA MET B 152 -16.36 2.05 -40.91
C MET B 152 -14.99 2.71 -41.07
N LEU B 153 -14.91 4.00 -40.77
CA LEU B 153 -13.67 4.75 -40.82
C LEU B 153 -13.53 5.56 -39.54
N TYR B 154 -12.30 5.66 -39.03
CA TYR B 154 -12.05 6.47 -37.85
C TYR B 154 -10.73 7.22 -37.99
N ALA B 155 -10.65 8.36 -37.34
CA ALA B 155 -9.49 9.25 -37.41
C ALA B 155 -8.59 9.04 -36.20
N TYR B 156 -7.30 9.23 -36.43
CA TYR B 156 -6.27 9.07 -35.40
C TYR B 156 -5.73 10.43 -35.00
N ARG B 157 -5.66 10.67 -33.68
CA ARG B 157 -5.11 11.89 -33.13
C ARG B 157 -4.15 11.55 -31.99
N PRO B 158 -3.12 12.37 -31.78
CA PRO B 158 -2.19 12.13 -30.68
C PRO B 158 -2.60 12.76 -29.35
N GLY B 159 -3.69 13.50 -29.31
CA GLY B 159 -4.13 14.13 -28.08
C GLY B 159 -5.09 13.29 -27.27
N ASP B 160 -6.16 12.81 -27.89
CA ASP B 160 -7.14 12.00 -27.21
C ASP B 160 -6.60 10.58 -26.98
N GLU B 161 -7.26 9.86 -26.08
CA GLU B 161 -6.88 8.50 -25.75
C GLU B 161 -7.61 7.48 -26.62
N GLU B 162 -7.55 7.67 -27.93
CA GLU B 162 -8.13 6.76 -28.91
C GLU B 162 -9.63 6.56 -28.68
N HIS B 163 -10.34 7.69 -28.60
CA HIS B 163 -11.79 7.65 -28.38
C HIS B 163 -12.50 7.00 -29.57
N CYS B 164 -12.19 7.47 -30.78
CA CYS B 164 -12.80 6.88 -31.97
C CYS B 164 -12.41 5.42 -32.13
N PHE B 165 -11.18 5.05 -31.77
CA PHE B 165 -10.77 3.66 -31.87
C PHE B 165 -11.62 2.76 -31.00
N PHE B 166 -11.83 3.15 -29.73
CA PHE B 166 -12.64 2.36 -28.82
C PHE B 166 -14.09 2.31 -29.28
N LEU B 167 -14.64 3.46 -29.71
CA LEU B 167 -16.02 3.49 -30.18
C LEU B 167 -16.20 2.56 -31.38
N VAL B 168 -15.24 2.60 -32.31
CA VAL B 168 -15.35 1.78 -33.52
C VAL B 168 -15.21 0.31 -33.19
N GLU B 169 -14.30 -0.08 -32.29
CA GLU B 169 -14.18 -1.50 -31.98
C GLU B 169 -15.47 -2.00 -31.33
N GLY B 170 -16.04 -1.21 -30.40
CA GLY B 170 -17.29 -1.62 -29.79
C GLY B 170 -18.42 -1.76 -30.79
N LEU B 171 -18.57 -0.76 -31.67
CA LEU B 171 -19.64 -0.79 -32.66
C LEU B 171 -19.47 -1.95 -33.62
N PHE B 172 -18.24 -2.15 -34.12
CA PHE B 172 -17.98 -3.24 -35.06
C PHE B 172 -18.22 -4.60 -34.43
N MET B 173 -17.76 -4.78 -33.18
CA MET B 173 -17.97 -6.05 -32.51
C MET B 173 -19.46 -6.34 -32.30
N ARG B 174 -20.23 -5.33 -31.88
CA ARG B 174 -21.65 -5.57 -31.66
C ARG B 174 -22.38 -5.82 -32.97
N VAL B 175 -22.01 -5.11 -34.04
CA VAL B 175 -22.63 -5.35 -35.34
C VAL B 175 -22.30 -6.76 -35.83
N ARG B 176 -21.05 -7.20 -35.66
CA ARG B 176 -20.69 -8.56 -36.05
C ARG B 176 -21.45 -9.58 -35.22
N ASP B 177 -21.63 -9.33 -33.93
CA ASP B 177 -22.34 -10.27 -33.08
C ASP B 177 -23.82 -10.37 -33.47
N ARG B 178 -24.45 -9.25 -33.78
CA ARG B 178 -25.90 -9.24 -34.01
C ARG B 178 -26.26 -9.50 -35.47
N LEU B 179 -25.80 -8.64 -36.38
CA LEU B 179 -26.19 -8.72 -37.78
C LEU B 179 -25.38 -9.73 -38.57
N ASN B 180 -24.25 -10.21 -38.03
CA ASN B 180 -23.35 -11.18 -38.67
C ASN B 180 -23.17 -10.90 -40.16
N ILE B 181 -22.88 -9.63 -40.47
CA ILE B 181 -22.65 -9.20 -41.84
C ILE B 181 -21.18 -8.85 -42.02
N THR B 182 -20.80 -8.54 -43.25
CA THR B 182 -19.42 -8.19 -43.59
C THR B 182 -19.23 -6.69 -43.41
N VAL B 183 -18.30 -6.31 -42.53
CA VAL B 183 -18.03 -4.91 -42.23
C VAL B 183 -16.53 -4.67 -42.31
N ASP B 184 -16.15 -3.58 -42.97
CA ASP B 184 -14.76 -3.18 -43.10
C ASP B 184 -14.46 -2.01 -42.17
N HIS B 185 -13.18 -1.65 -42.08
CA HIS B 185 -12.75 -0.58 -41.18
C HIS B 185 -11.42 -0.03 -41.66
N LEU B 186 -11.23 1.27 -41.44
CA LEU B 186 -9.98 1.93 -41.80
C LEU B 186 -9.68 3.04 -40.80
N GLU B 187 -8.40 3.37 -40.67
CA GLU B 187 -7.94 4.46 -39.82
C GLU B 187 -7.19 5.47 -40.68
N PHE B 188 -7.56 6.74 -40.54
CA PHE B 188 -6.94 7.80 -41.32
C PHE B 188 -6.45 8.93 -40.41
N ALA B 189 -5.42 9.62 -40.87
CA ALA B 189 -4.86 10.72 -40.11
C ALA B 189 -5.83 11.89 -40.06
N GLU B 190 -5.83 12.60 -38.92
CA GLU B 190 -6.75 13.70 -38.73
C GLU B 190 -6.46 14.85 -39.70
N ASP B 191 -5.19 15.16 -39.92
CA ASP B 191 -4.78 16.27 -40.77
C ASP B 191 -3.75 15.78 -41.78
N ASP B 192 -4.23 15.32 -42.95
CA ASP B 192 -3.34 14.88 -44.01
C ASP B 192 -4.12 14.93 -45.32
N LEU B 193 -3.72 15.83 -46.22
CA LEU B 193 -4.42 15.98 -47.49
C LEU B 193 -4.24 14.75 -48.37
N SER B 194 -3.02 14.20 -48.41
CA SER B 194 -2.78 12.99 -49.21
C SER B 194 -3.58 11.81 -48.69
N HIS B 195 -3.65 11.67 -47.35
CA HIS B 195 -4.47 10.62 -46.77
C HIS B 195 -5.93 10.80 -47.13
N TYR B 196 -6.42 12.03 -47.11
CA TYR B 196 -7.80 12.30 -47.50
C TYR B 196 -8.04 11.93 -48.96
N THR B 197 -7.11 12.28 -49.85
CA THR B 197 -7.29 11.97 -51.26
C THR B 197 -7.30 10.47 -51.50
N ARG B 198 -6.37 9.74 -50.88
CA ARG B 198 -6.33 8.30 -51.07
C ARG B 198 -7.54 7.63 -50.43
N LEU B 199 -8.04 8.16 -49.31
CA LEU B 199 -9.26 7.63 -48.72
C LEU B 199 -10.46 7.84 -49.63
N LEU B 200 -10.59 9.03 -50.21
CA LEU B 200 -11.69 9.29 -51.14
C LEU B 200 -11.57 8.44 -52.40
N ARG B 201 -10.34 8.05 -52.77
CA ARG B 201 -10.19 7.14 -53.89
C ARG B 201 -10.59 5.71 -53.51
N THR B 202 -10.27 5.30 -52.28
CA THR B 202 -10.54 3.92 -51.85
C THR B 202 -12.01 3.69 -51.53
N MET B 203 -12.70 4.69 -50.98
CA MET B 203 -14.07 4.50 -50.50
C MET B 203 -15.05 3.97 -51.56
N PRO B 204 -15.10 4.48 -52.79
CA PRO B 204 -16.17 4.04 -53.71
C PRO B 204 -16.16 2.56 -54.05
N ARG B 205 -15.02 1.87 -53.87
CA ARG B 205 -14.90 0.47 -54.26
C ARG B 205 -15.00 -0.49 -53.08
N LYS B 206 -15.49 -0.03 -51.93
CA LYS B 206 -15.56 -0.90 -50.75
C LYS B 206 -16.99 -1.05 -50.23
N GLY B 207 -17.78 0.01 -50.28
CA GLY B 207 -19.13 -0.06 -49.75
C GLY B 207 -19.91 1.20 -50.03
N ARG B 208 -21.17 1.18 -49.62
CA ARG B 208 -22.09 2.29 -49.81
C ARG B 208 -22.58 2.93 -48.52
N VAL B 209 -22.85 2.14 -47.48
CA VAL B 209 -23.24 2.66 -46.18
C VAL B 209 -21.97 2.81 -45.34
N ILE B 210 -21.67 4.05 -44.94
CA ILE B 210 -20.38 4.40 -44.39
C ILE B 210 -20.59 5.16 -43.07
N TYR B 211 -19.87 4.74 -42.04
CA TYR B 211 -19.84 5.42 -40.75
C TYR B 211 -18.46 6.03 -40.55
N ILE B 212 -18.42 7.27 -40.06
CA ILE B 212 -17.19 8.03 -39.91
C ILE B 212 -17.09 8.55 -38.48
N CYS B 213 -15.93 8.35 -37.86
CA CYS B 213 -15.60 8.95 -36.58
C CYS B 213 -14.42 9.90 -36.79
N SER B 214 -14.63 11.17 -36.51
CA SER B 214 -13.62 12.20 -36.69
C SER B 214 -14.14 13.50 -36.07
N SER B 215 -13.30 14.54 -36.14
CA SER B 215 -13.70 15.85 -35.68
C SER B 215 -14.69 16.48 -36.65
N PRO B 216 -15.51 17.42 -36.18
CA PRO B 216 -16.45 18.09 -37.09
C PRO B 216 -15.79 18.76 -38.27
N ASP B 217 -14.61 19.37 -38.06
CA ASP B 217 -13.89 19.99 -39.17
C ASP B 217 -13.45 18.96 -40.18
N ALA B 218 -12.95 17.82 -39.71
CA ALA B 218 -12.53 16.76 -40.63
C ALA B 218 -13.72 16.21 -41.42
N PHE B 219 -14.87 16.03 -40.75
CA PHE B 219 -16.06 15.56 -41.44
C PHE B 219 -16.52 16.56 -42.49
N ARG B 220 -16.49 17.85 -42.16
CA ARG B 220 -16.88 18.87 -43.12
C ARG B 220 -15.94 18.88 -44.32
N THR B 221 -14.62 18.78 -44.07
CA THR B 221 -13.66 18.73 -45.17
C THR B 221 -13.86 17.51 -46.04
N LEU B 222 -14.10 16.36 -45.43
CA LEU B 222 -14.32 15.13 -46.19
C LEU B 222 -15.58 15.25 -47.05
N MET B 223 -16.66 15.79 -46.49
CA MET B 223 -17.89 15.95 -47.27
C MET B 223 -17.70 16.96 -48.39
N LEU B 224 -16.98 18.04 -48.13
CA LEU B 224 -16.71 19.02 -49.19
C LEU B 224 -15.90 18.39 -50.31
N LEU B 225 -14.89 17.60 -49.97
CA LEU B 225 -14.10 16.90 -51.00
C LEU B 225 -14.97 15.93 -51.79
N ALA B 226 -15.82 15.18 -51.10
CA ALA B 226 -16.71 14.24 -51.77
C ALA B 226 -17.75 14.94 -52.64
N LEU B 227 -18.03 16.21 -52.37
CA LEU B 227 -18.98 16.96 -53.19
C LEU B 227 -18.54 17.01 -54.65
N GLU B 228 -17.28 17.37 -54.90
CA GLU B 228 -16.75 17.38 -56.25
C GLU B 228 -15.96 16.12 -56.59
N ALA B 229 -15.88 15.16 -55.67
CA ALA B 229 -15.24 13.88 -55.98
C ALA B 229 -16.14 12.96 -56.81
N GLY B 230 -17.39 13.34 -57.03
CA GLY B 230 -18.33 12.54 -57.78
C GLY B 230 -19.35 11.79 -56.95
N LEU B 231 -19.17 11.72 -55.64
CA LEU B 231 -20.12 11.05 -54.77
C LEU B 231 -21.36 11.90 -54.60
N CYS B 232 -22.53 11.27 -54.74
CA CYS B 232 -23.81 11.94 -54.60
C CYS B 232 -24.64 11.28 -53.52
N GLY B 233 -25.77 11.91 -53.19
CA GLY B 233 -26.65 11.40 -52.15
C GLY B 233 -27.57 10.29 -52.57
N GLU B 234 -27.66 10.01 -53.86
CA GLU B 234 -28.54 8.94 -54.35
C GLU B 234 -27.92 7.56 -54.23
N ASP B 235 -26.63 7.47 -53.91
CA ASP B 235 -25.95 6.18 -53.79
C ASP B 235 -25.22 6.05 -52.46
N TYR B 236 -24.77 7.17 -51.91
CA TYR B 236 -23.95 7.19 -50.71
C TYR B 236 -24.70 7.85 -49.56
N VAL B 237 -24.50 7.30 -48.36
CA VAL B 237 -25.06 7.86 -47.13
C VAL B 237 -23.95 7.92 -46.09
N PHE B 238 -23.92 9.00 -45.32
CA PHE B 238 -22.89 9.23 -44.33
C PHE B 238 -23.51 9.42 -42.96
N PHE B 239 -22.91 8.79 -41.94
CA PHE B 239 -23.36 8.88 -40.56
C PHE B 239 -22.22 9.40 -39.70
N HIS B 240 -22.51 10.39 -38.86
CA HIS B 240 -21.55 10.97 -37.94
C HIS B 240 -21.91 10.57 -36.52
N LEU B 241 -21.01 9.81 -35.89
CA LEU B 241 -21.25 9.31 -34.53
C LEU B 241 -20.67 10.28 -33.50
N ASP B 242 -21.35 11.42 -33.37
CA ASP B 242 -20.99 12.45 -32.40
C ASP B 242 -21.88 12.24 -31.18
N ILE B 243 -21.36 11.47 -30.21
CA ILE B 243 -22.15 11.13 -29.03
C ILE B 243 -22.48 12.36 -28.21
N PHE B 244 -21.51 13.26 -28.04
CA PHE B 244 -21.73 14.48 -27.27
C PHE B 244 -22.25 15.64 -28.11
N GLY B 245 -22.34 15.46 -29.43
CA GLY B 245 -22.85 16.50 -30.31
C GLY B 245 -22.00 17.76 -30.32
N GLN B 246 -20.72 17.62 -30.70
CA GLN B 246 -19.86 18.79 -30.78
C GLN B 246 -20.20 19.68 -31.96
N SER B 247 -20.66 19.11 -33.07
CA SER B 247 -21.07 19.90 -34.22
C SER B 247 -22.31 20.73 -33.93
N LEU B 248 -23.12 20.33 -32.95
CA LEU B 248 -24.36 20.99 -32.60
C LEU B 248 -24.28 21.46 -31.15
N GLN B 249 -25.41 21.94 -30.62
CA GLN B 249 -25.48 22.30 -29.21
C GLN B 249 -25.98 21.14 -28.35
N GLY B 250 -27.17 20.63 -28.64
CA GLY B 250 -27.71 19.49 -27.93
C GLY B 250 -28.39 19.83 -26.62
N GLY B 251 -27.92 20.88 -25.96
CA GLY B 251 -28.47 21.23 -24.65
C GLY B 251 -29.92 21.67 -24.70
N GLN B 252 -30.27 22.47 -25.69
CA GLN B 252 -31.61 23.04 -25.81
C GLN B 252 -32.39 22.34 -26.92
N GLY B 253 -33.70 22.19 -26.72
CA GLY B 253 -34.55 21.54 -27.68
C GLY B 253 -34.75 22.33 -28.95
N PRO B 254 -35.48 23.45 -28.87
CA PRO B 254 -35.78 24.25 -30.06
C PRO B 254 -34.64 25.21 -30.38
N ALA B 255 -33.98 24.97 -31.52
CA ALA B 255 -32.88 25.81 -32.00
C ALA B 255 -32.52 25.40 -33.42
N PRO B 256 -31.96 26.31 -34.23
CA PRO B 256 -31.69 25.95 -35.63
C PRO B 256 -30.66 24.84 -35.80
N ARG B 257 -29.48 24.97 -35.17
CA ARG B 257 -28.41 23.99 -35.25
C ARG B 257 -27.95 23.80 -36.70
N ARG B 258 -27.39 24.89 -37.25
CA ARG B 258 -26.83 24.85 -38.59
C ARG B 258 -25.37 24.41 -38.51
N PRO B 259 -25.04 23.20 -38.99
CA PRO B 259 -23.67 22.70 -38.84
C PRO B 259 -22.75 23.06 -40.00
N TRP B 260 -23.32 23.42 -41.13
CA TRP B 260 -22.54 23.68 -42.34
C TRP B 260 -22.19 25.15 -42.54
N GLU B 261 -22.57 26.02 -41.61
CA GLU B 261 -22.30 27.45 -41.73
C GLU B 261 -21.08 27.79 -40.89
N ARG B 262 -20.05 28.32 -41.53
CA ARG B 262 -18.83 28.72 -40.84
C ARG B 262 -18.28 30.07 -41.29
N GLY B 263 -18.89 30.72 -42.27
CA GLY B 263 -18.41 32.00 -42.74
C GLY B 263 -17.05 31.95 -43.40
N ASP B 264 -16.80 30.92 -44.20
CA ASP B 264 -15.53 30.77 -44.90
C ASP B 264 -15.66 30.84 -46.41
N GLY B 265 -16.81 31.27 -46.92
CA GLY B 265 -17.04 31.37 -48.34
C GLY B 265 -17.49 30.10 -49.02
N GLN B 266 -17.58 28.99 -48.29
CA GLN B 266 -18.01 27.70 -48.84
C GLN B 266 -19.31 27.24 -48.20
N ASP B 267 -20.11 28.19 -47.70
CA ASP B 267 -21.37 27.84 -47.04
C ASP B 267 -22.34 27.17 -48.01
N VAL B 268 -22.44 27.68 -49.24
CA VAL B 268 -23.36 27.11 -50.21
C VAL B 268 -22.95 25.69 -50.57
N SER B 269 -21.64 25.48 -50.81
CA SER B 269 -21.15 24.16 -51.14
C SER B 269 -21.33 23.19 -49.98
N ALA B 270 -21.08 23.66 -48.75
CA ALA B 270 -21.27 22.81 -47.58
C ALA B 270 -22.73 22.42 -47.42
N ARG B 271 -23.65 23.37 -47.62
CA ARG B 271 -25.08 23.06 -47.53
C ARG B 271 -25.49 22.07 -48.60
N GLN B 272 -24.98 22.25 -49.83
CA GLN B 272 -25.31 21.31 -50.90
C GLN B 272 -24.79 19.91 -50.59
N ALA B 273 -23.58 19.82 -50.03
CA ALA B 273 -22.99 18.52 -49.73
C ALA B 273 -23.72 17.83 -48.57
N PHE B 274 -24.07 18.59 -47.54
CA PHE B 274 -24.62 18.00 -46.31
C PHE B 274 -26.02 17.43 -46.48
N GLN B 275 -26.57 17.42 -47.69
CA GLN B 275 -27.89 16.85 -47.92
C GLN B 275 -27.91 15.33 -47.78
N ALA B 276 -26.74 14.68 -47.71
CA ALA B 276 -26.64 13.23 -47.61
C ALA B 276 -25.90 12.80 -46.35
N ALA B 277 -26.05 13.56 -45.26
CA ALA B 277 -25.37 13.27 -44.01
C ALA B 277 -26.39 13.25 -42.87
N LYS B 278 -26.18 12.34 -41.92
CA LYS B 278 -27.00 12.25 -40.72
C LYS B 278 -26.10 12.15 -39.51
N ILE B 279 -26.64 12.54 -38.35
CA ILE B 279 -25.88 12.62 -37.11
C ILE B 279 -26.59 11.82 -36.03
N ILE B 280 -25.81 11.02 -35.29
CA ILE B 280 -26.33 10.23 -34.18
C ILE B 280 -25.71 10.76 -32.90
N THR B 281 -26.55 11.22 -31.98
CA THR B 281 -26.12 11.78 -30.70
C THR B 281 -26.88 11.09 -29.57
N TYR B 282 -26.64 11.55 -28.34
CA TYR B 282 -27.39 11.06 -27.19
C TYR B 282 -28.77 11.70 -27.14
N LYS B 283 -29.63 11.16 -26.29
CA LYS B 283 -30.99 11.63 -26.14
C LYS B 283 -31.06 12.59 -24.95
N ASP B 284 -31.65 13.76 -25.19
CA ASP B 284 -31.75 14.79 -24.16
C ASP B 284 -33.02 14.57 -23.35
N PRO B 285 -32.93 14.41 -22.02
CA PRO B 285 -34.14 14.30 -21.21
C PRO B 285 -34.97 15.58 -21.28
N ASP B 286 -36.29 15.41 -21.16
CA ASP B 286 -37.22 16.52 -21.29
C ASP B 286 -38.05 16.80 -20.04
N ASN B 287 -37.96 15.96 -19.01
CA ASN B 287 -38.73 16.17 -17.81
C ASN B 287 -38.24 17.42 -17.06
N PRO B 288 -39.15 18.16 -16.42
CA PRO B 288 -38.73 19.37 -15.70
C PRO B 288 -37.79 19.10 -14.53
N GLU B 289 -37.80 17.87 -13.98
CA GLU B 289 -36.86 17.55 -12.92
C GLU B 289 -35.42 17.66 -13.41
N TYR B 290 -35.15 17.24 -14.64
CA TYR B 290 -33.82 17.38 -15.21
C TYR B 290 -33.42 18.84 -15.33
N LEU B 291 -34.36 19.71 -15.75
CA LEU B 291 -34.06 21.13 -15.85
C LEU B 291 -33.76 21.74 -14.49
N GLU B 292 -34.56 21.37 -13.47
CA GLU B 292 -34.31 21.88 -12.12
C GLU B 292 -32.96 21.40 -11.59
N PHE B 293 -32.63 20.13 -11.82
CA PHE B 293 -31.34 19.60 -11.40
C PHE B 293 -30.20 20.32 -12.11
N LEU B 294 -30.36 20.59 -13.40
CA LEU B 294 -29.33 21.32 -14.14
C LEU B 294 -29.14 22.73 -13.58
N LYS B 295 -30.25 23.43 -13.30
CA LYS B 295 -30.14 24.77 -12.75
C LYS B 295 -29.43 24.76 -11.39
N GLN B 296 -29.82 23.81 -10.53
CA GLN B 296 -29.15 23.71 -9.22
C GLN B 296 -27.68 23.38 -9.38
N LEU B 297 -27.34 22.48 -10.32
CA LEU B 297 -25.96 22.11 -10.53
C LEU B 297 -25.13 23.30 -11.00
N LYS B 298 -25.66 24.08 -11.95
CA LYS B 298 -24.95 25.26 -12.40
C LYS B 298 -24.75 26.26 -11.27
N HIS B 299 -25.81 26.50 -10.47
CA HIS B 299 -25.70 27.45 -9.37
C HIS B 299 -24.65 27.01 -8.36
N LEU B 300 -24.68 25.73 -7.97
CA LEU B 300 -23.72 25.23 -6.99
C LEU B 300 -22.30 25.25 -7.54
N ALA B 301 -22.12 24.88 -8.81
CA ALA B 301 -20.79 24.89 -9.40
C ALA B 301 -20.23 26.30 -9.45
N TYR B 302 -21.04 27.28 -9.86
CA TYR B 302 -20.58 28.65 -9.89
C TYR B 302 -20.27 29.17 -8.50
N GLU B 303 -21.09 28.80 -7.51
CA GLU B 303 -20.88 29.30 -6.15
C GLU B 303 -19.62 28.70 -5.52
N GLN B 304 -19.36 27.41 -5.74
CA GLN B 304 -18.29 26.73 -5.03
C GLN B 304 -17.02 26.58 -5.86
N PHE B 305 -17.10 25.95 -7.02
CA PHE B 305 -15.92 25.58 -7.79
C PHE B 305 -15.43 26.69 -8.72
N ASN B 306 -16.14 27.82 -8.78
CA ASN B 306 -15.76 28.94 -9.63
C ASN B 306 -15.61 28.50 -11.10
N PHE B 307 -16.53 27.65 -11.53
CA PHE B 307 -16.51 27.12 -12.89
C PHE B 307 -17.85 27.39 -13.56
N THR B 308 -17.80 27.83 -14.81
CA THR B 308 -19.01 28.15 -15.57
C THR B 308 -19.27 27.01 -16.57
N MET B 309 -20.37 26.31 -16.36
CA MET B 309 -20.71 25.18 -17.23
C MET B 309 -21.47 25.66 -18.46
N GLU B 310 -21.47 24.82 -19.48
CA GLU B 310 -22.11 25.13 -20.76
C GLU B 310 -23.15 24.07 -21.09
N ASP B 311 -24.26 24.51 -21.69
CA ASP B 311 -25.33 23.60 -22.06
C ASP B 311 -24.86 22.59 -23.10
N GLY B 312 -25.33 21.36 -22.97
CA GLY B 312 -24.96 20.31 -23.90
C GLY B 312 -25.25 18.95 -23.31
N LEU B 313 -24.99 17.93 -24.12
CA LEU B 313 -25.19 16.55 -23.69
C LEU B 313 -24.16 16.10 -22.67
N VAL B 314 -23.04 16.81 -22.56
CA VAL B 314 -22.01 16.45 -21.59
C VAL B 314 -22.57 16.50 -20.17
N ASN B 315 -23.51 17.40 -19.92
CA ASN B 315 -24.13 17.50 -18.60
C ASN B 315 -24.87 16.22 -18.22
N THR B 316 -25.19 15.37 -19.19
CA THR B 316 -25.82 14.09 -18.87
C THR B 316 -24.87 13.10 -18.24
N ILE B 317 -23.57 13.35 -18.27
CA ILE B 317 -22.59 12.42 -17.71
C ILE B 317 -22.57 12.53 -16.19
N PRO B 318 -22.35 13.70 -15.58
CA PRO B 318 -22.35 13.74 -14.11
C PRO B 318 -23.69 13.38 -13.50
N ALA B 319 -24.80 13.76 -14.15
CA ALA B 319 -26.12 13.55 -13.57
C ALA B 319 -26.37 12.06 -13.32
N SER B 320 -26.06 11.22 -14.30
CA SER B 320 -26.18 9.77 -14.11
C SER B 320 -25.41 9.33 -12.88
N PHE B 321 -24.20 9.85 -12.69
CA PHE B 321 -23.43 9.63 -11.47
C PHE B 321 -24.34 9.76 -10.24
N HIS B 322 -24.94 10.94 -10.09
CA HIS B 322 -25.89 11.20 -9.02
C HIS B 322 -26.89 10.05 -8.90
N ASP B 323 -27.61 9.76 -9.99
CA ASP B 323 -28.62 8.71 -9.96
C ASP B 323 -28.00 7.40 -9.51
N GLY B 324 -26.85 7.05 -10.09
CA GLY B 324 -26.21 5.80 -9.72
C GLY B 324 -25.95 5.72 -8.23
N LEU B 325 -25.43 6.81 -7.66
CA LEU B 325 -25.17 6.83 -6.23
C LEU B 325 -26.43 6.49 -5.46
N LEU B 326 -27.55 7.13 -5.82
CA LEU B 326 -28.82 6.86 -5.15
C LEU B 326 -29.11 5.36 -5.18
N LEU B 327 -28.98 4.75 -6.37
CA LEU B 327 -29.26 3.33 -6.50
C LEU B 327 -28.42 2.53 -5.50
N TYR B 328 -27.13 2.83 -5.44
CA TYR B 328 -26.25 2.10 -4.53
C TYR B 328 -26.79 2.20 -3.11
N ILE B 329 -27.17 3.41 -2.68
CA ILE B 329 -27.68 3.59 -1.33
C ILE B 329 -28.86 2.66 -1.10
N GLN B 330 -29.80 2.63 -2.05
CA GLN B 330 -30.96 1.76 -1.90
C GLN B 330 -30.53 0.32 -1.68
N ALA B 331 -29.58 -0.15 -2.47
CA ALA B 331 -29.10 -1.53 -2.32
C ALA B 331 -28.62 -1.77 -0.90
N VAL B 332 -27.83 -0.84 -0.36
CA VAL B 332 -27.32 -0.98 1.00
C VAL B 332 -28.48 -1.17 1.97
N THR B 333 -29.52 -0.34 1.82
CA THR B 333 -30.68 -0.45 2.71
C THR B 333 -31.27 -1.85 2.64
N GLU B 334 -31.41 -2.39 1.42
CA GLU B 334 -31.96 -3.73 1.28
C GLU B 334 -31.12 -4.74 2.03
N THR B 335 -29.78 -4.61 1.94
CA THR B 335 -28.92 -5.50 2.72
C THR B 335 -29.21 -5.36 4.20
N LEU B 336 -29.31 -4.12 4.68
CA LEU B 336 -29.63 -3.90 6.09
C LEU B 336 -31.03 -4.33 6.44
N ALA B 337 -31.88 -4.55 5.43
CA ALA B 337 -33.22 -5.07 5.65
C ALA B 337 -33.29 -6.59 5.54
N HIS B 338 -32.17 -7.26 5.26
CA HIS B 338 -32.17 -8.70 5.08
C HIS B 338 -31.05 -9.37 5.88
N GLY B 339 -30.66 -8.76 6.99
CA GLY B 339 -29.63 -9.33 7.85
C GLY B 339 -28.27 -9.40 7.21
N GLY B 340 -27.66 -8.24 6.95
CA GLY B 340 -26.36 -8.17 6.35
C GLY B 340 -25.58 -6.97 6.85
N THR B 341 -24.35 -6.86 6.35
CA THR B 341 -23.44 -5.77 6.71
C THR B 341 -23.18 -4.90 5.50
N VAL B 342 -22.48 -3.79 5.73
CA VAL B 342 -22.15 -2.86 4.65
C VAL B 342 -20.95 -3.30 3.82
N THR B 343 -20.34 -4.45 4.14
CA THR B 343 -19.19 -4.96 3.42
C THR B 343 -19.53 -6.20 2.61
N ASP B 344 -20.79 -6.36 2.22
CA ASP B 344 -21.25 -7.48 1.42
C ASP B 344 -21.30 -7.01 -0.03
N GLY B 345 -20.15 -7.07 -0.71
CA GLY B 345 -20.08 -6.57 -2.08
C GLY B 345 -20.90 -7.40 -3.06
N GLU B 346 -20.84 -8.73 -2.93
CA GLU B 346 -21.53 -9.59 -3.88
C GLU B 346 -23.04 -9.42 -3.80
N ASN B 347 -23.59 -9.38 -2.58
CA ASN B 347 -25.03 -9.24 -2.43
C ASN B 347 -25.52 -7.90 -2.96
N ILE B 348 -24.80 -6.82 -2.65
CA ILE B 348 -25.19 -5.51 -3.13
C ILE B 348 -25.10 -5.46 -4.66
N THR B 349 -24.02 -5.98 -5.22
CA THR B 349 -23.86 -5.96 -6.68
C THR B 349 -24.96 -6.76 -7.37
N GLN B 350 -25.34 -7.91 -6.81
CA GLN B 350 -26.45 -8.67 -7.36
C GLN B 350 -27.76 -7.89 -7.24
N ARG B 351 -27.96 -7.19 -6.13
CA ARG B 351 -29.19 -6.44 -5.93
C ARG B 351 -29.34 -5.28 -6.91
N MET B 352 -28.26 -4.54 -7.16
CA MET B 352 -28.36 -3.43 -8.12
C MET B 352 -28.59 -3.94 -9.54
N TRP B 353 -27.97 -5.05 -9.91
CA TRP B 353 -28.10 -5.56 -11.26
C TRP B 353 -29.52 -6.02 -11.54
N ASN B 354 -29.97 -5.79 -12.77
CA ASN B 354 -31.31 -6.16 -13.23
C ASN B 354 -32.39 -5.53 -12.36
N ARG B 355 -32.41 -4.19 -12.35
CA ARG B 355 -33.34 -3.46 -11.52
C ARG B 355 -33.78 -2.18 -12.23
N SER B 356 -34.97 -1.71 -11.88
CA SER B 356 -35.52 -0.48 -12.43
C SER B 356 -35.50 0.62 -11.37
N PHE B 357 -35.05 1.81 -11.75
CA PHE B 357 -34.92 2.92 -10.83
C PHE B 357 -35.49 4.18 -11.49
N GLN B 358 -35.92 5.12 -10.64
CA GLN B 358 -36.47 6.40 -11.08
C GLN B 358 -35.54 7.52 -10.62
N GLY B 359 -35.13 8.37 -11.55
CA GLY B 359 -34.24 9.47 -11.23
C GLY B 359 -34.47 10.68 -12.11
N VAL B 360 -33.61 11.69 -11.98
CA VAL B 360 -33.75 12.91 -12.77
C VAL B 360 -33.65 12.62 -14.25
N THR B 361 -32.90 11.57 -14.63
CA THR B 361 -32.76 11.19 -16.02
C THR B 361 -33.95 10.37 -16.53
N GLY B 362 -34.85 9.95 -15.65
CA GLY B 362 -36.04 9.21 -16.03
C GLY B 362 -36.05 7.81 -15.44
N TYR B 363 -36.56 6.85 -16.21
CA TYR B 363 -36.68 5.47 -15.79
C TYR B 363 -35.47 4.69 -16.31
N LEU B 364 -34.52 4.44 -15.42
CA LEU B 364 -33.32 3.70 -15.77
C LEU B 364 -33.50 2.21 -15.48
N LYS B 365 -32.92 1.39 -16.34
CA LYS B 365 -32.99 -0.07 -16.20
C LYS B 365 -31.58 -0.64 -16.28
N ILE B 366 -31.24 -1.49 -15.31
CA ILE B 366 -29.94 -2.17 -15.29
C ILE B 366 -30.19 -3.64 -15.58
N ASP B 367 -29.53 -4.15 -16.62
CA ASP B 367 -29.70 -5.54 -17.03
C ASP B 367 -28.82 -6.44 -16.16
N SER B 368 -28.78 -7.73 -16.50
CA SER B 368 -28.00 -8.69 -15.72
C SER B 368 -26.50 -8.49 -15.90
N SER B 369 -26.07 -7.79 -16.95
CA SER B 369 -24.66 -7.56 -17.20
C SER B 369 -24.10 -6.36 -16.44
N GLY B 370 -24.94 -5.63 -15.72
CA GLY B 370 -24.48 -4.48 -14.97
C GLY B 370 -24.28 -3.22 -15.77
N ASP B 371 -24.81 -3.15 -16.98
CA ASP B 371 -24.68 -1.99 -17.85
C ASP B 371 -26.04 -1.33 -18.05
N ARG B 372 -26.07 0.00 -17.93
CA ARG B 372 -27.30 0.74 -18.08
C ARG B 372 -27.65 0.90 -19.56
N GLU B 373 -28.90 0.63 -19.91
CA GLU B 373 -29.36 0.81 -21.28
C GLU B 373 -29.54 2.30 -21.57
N THR B 374 -28.99 2.74 -22.69
CA THR B 374 -28.98 4.16 -23.06
C THR B 374 -29.85 4.40 -24.29
N ASP B 375 -30.22 5.66 -24.47
CA ASP B 375 -31.04 6.09 -25.60
C ASP B 375 -30.21 6.93 -26.55
N PHE B 376 -30.60 6.93 -27.82
CA PHE B 376 -29.91 7.65 -28.87
C PHE B 376 -30.91 8.43 -29.71
N SER B 377 -30.40 9.46 -30.39
CA SER B 377 -31.20 10.32 -31.24
C SER B 377 -30.52 10.45 -32.60
N LEU B 378 -31.34 10.38 -33.66
CA LEU B 378 -30.88 10.54 -35.03
C LEU B 378 -31.49 11.80 -35.61
N TRP B 379 -30.63 12.66 -36.15
CA TRP B 379 -31.02 13.95 -36.71
C TRP B 379 -31.19 13.85 -38.22
N ASP B 380 -31.76 14.91 -38.80
CA ASP B 380 -31.92 15.00 -40.24
C ASP B 380 -32.03 16.46 -40.63
N MET B 381 -31.70 16.74 -41.88
CA MET B 381 -31.72 18.11 -42.41
C MET B 381 -33.13 18.47 -42.89
N ASP B 382 -33.55 19.69 -42.59
CA ASP B 382 -34.85 20.16 -43.05
C ASP B 382 -34.81 20.42 -44.55
N PRO B 383 -35.73 19.84 -45.32
CA PRO B 383 -35.71 20.06 -46.77
C PRO B 383 -35.88 21.52 -47.18
N GLU B 384 -36.67 22.29 -46.43
CA GLU B 384 -36.94 23.68 -46.79
C GLU B 384 -36.00 24.63 -46.05
N ASN B 385 -36.03 24.61 -44.72
CA ASN B 385 -35.22 25.52 -43.93
C ASN B 385 -33.73 25.24 -44.10
N GLY B 386 -33.35 23.96 -44.17
CA GLY B 386 -31.96 23.59 -44.25
C GLY B 386 -31.26 23.43 -42.92
N ALA B 387 -31.99 23.49 -41.81
CA ALA B 387 -31.41 23.36 -40.48
C ALA B 387 -31.71 21.96 -39.94
N PHE B 388 -30.72 21.38 -39.27
CA PHE B 388 -30.86 20.02 -38.74
C PHE B 388 -31.84 20.00 -37.58
N ARG B 389 -32.53 18.86 -37.45
CA ARG B 389 -33.51 18.67 -36.40
C ARG B 389 -33.57 17.20 -36.01
N VAL B 390 -34.04 16.95 -34.80
CA VAL B 390 -34.17 15.58 -34.30
C VAL B 390 -35.37 14.92 -34.98
N VAL B 391 -35.14 13.74 -35.57
CA VAL B 391 -36.21 13.02 -36.25
C VAL B 391 -36.44 11.63 -35.71
N LEU B 392 -35.46 10.98 -35.07
CA LEU B 392 -35.67 9.64 -34.56
C LEU B 392 -35.11 9.52 -33.15
N ASN B 393 -35.78 8.73 -32.31
CA ASN B 393 -35.29 8.40 -30.98
C ASN B 393 -35.33 6.88 -30.81
N TYR B 394 -34.40 6.37 -30.00
CA TYR B 394 -34.27 4.94 -29.77
C TYR B 394 -34.44 4.65 -28.28
N ASN B 395 -35.33 3.72 -27.96
CA ASN B 395 -35.50 3.23 -26.60
C ASN B 395 -34.80 1.88 -26.48
N GLY B 396 -33.76 1.82 -25.65
CA GLY B 396 -33.00 0.59 -25.50
C GLY B 396 -33.65 -0.43 -24.58
N THR B 397 -34.49 0.04 -23.64
CA THR B 397 -35.19 -0.90 -22.76
C THR B 397 -36.14 -1.78 -23.56
N SER B 398 -36.96 -1.17 -24.41
CA SER B 398 -37.84 -1.90 -25.31
C SER B 398 -37.24 -2.10 -26.69
N GLN B 399 -36.11 -1.45 -26.99
CA GLN B 399 -35.45 -1.54 -28.29
C GLN B 399 -36.40 -1.18 -29.42
N GLU B 400 -36.86 0.08 -29.40
CA GLU B 400 -37.85 0.55 -30.36
C GLU B 400 -37.44 1.90 -30.92
N LEU B 401 -37.93 2.21 -32.11
CA LEU B 401 -37.67 3.48 -32.78
C LEU B 401 -38.94 4.32 -32.79
N VAL B 402 -38.82 5.58 -32.37
CA VAL B 402 -39.96 6.49 -32.25
C VAL B 402 -39.67 7.73 -33.07
N ALA B 403 -40.64 8.13 -33.89
CA ALA B 403 -40.53 9.38 -34.64
C ALA B 403 -40.93 10.56 -33.76
N VAL B 404 -40.59 11.76 -34.22
CA VAL B 404 -40.85 13.00 -33.50
C VAL B 404 -41.81 13.85 -34.33
N SER B 405 -42.99 14.11 -33.77
CA SER B 405 -43.99 14.99 -34.39
C SER B 405 -44.35 14.53 -35.81
N GLY B 406 -44.32 13.22 -36.04
CA GLY B 406 -44.64 12.68 -37.34
C GLY B 406 -43.69 13.12 -38.45
N ARG B 407 -42.40 13.18 -38.15
CA ARG B 407 -41.40 13.55 -39.14
C ARG B 407 -40.95 12.34 -39.93
N LYS B 408 -40.42 12.58 -41.12
CA LYS B 408 -39.95 11.53 -42.01
C LYS B 408 -38.52 11.84 -42.44
N LEU B 409 -37.77 10.78 -42.71
CA LEU B 409 -36.39 10.93 -43.16
C LEU B 409 -36.35 11.55 -44.55
N ASN B 410 -35.41 12.46 -44.75
CA ASN B 410 -35.26 13.17 -46.02
C ASN B 410 -34.29 12.39 -46.90
N TRP B 411 -34.80 11.88 -48.02
CA TRP B 411 -34.01 11.13 -48.98
C TRP B 411 -34.02 11.84 -50.32
N PRO B 412 -32.86 12.10 -50.94
CA PRO B 412 -32.86 12.78 -52.24
C PRO B 412 -33.63 12.05 -53.32
N LEU B 413 -33.61 10.71 -53.32
CA LEU B 413 -34.32 9.92 -54.31
C LEU B 413 -35.57 9.25 -53.75
N GLY B 414 -35.97 9.59 -52.52
CA GLY B 414 -37.18 9.07 -51.91
C GLY B 414 -37.01 7.87 -51.00
N TYR B 415 -36.13 6.95 -51.37
CA TYR B 415 -35.90 5.74 -50.61
C TYR B 415 -34.41 5.56 -50.36
N PRO B 416 -34.04 4.92 -49.25
CA PRO B 416 -32.62 4.73 -48.94
C PRO B 416 -31.92 3.91 -50.01
N PRO B 417 -30.68 4.25 -50.35
CA PRO B 417 -29.98 3.51 -51.39
C PRO B 417 -29.68 2.09 -50.95
N PRO B 418 -29.61 1.15 -51.88
CA PRO B 418 -29.27 -0.24 -51.51
C PRO B 418 -27.82 -0.36 -51.09
N ASP B 419 -27.55 -1.43 -50.33
CA ASP B 419 -26.18 -1.67 -49.86
C ASP B 419 -25.24 -1.94 -51.03
N ILE B 420 -25.66 -2.74 -51.99
CA ILE B 420 -24.85 -3.13 -53.14
C ILE B 420 -25.50 -2.58 -54.39
N PRO B 421 -24.79 -1.84 -55.23
CA PRO B 421 -25.39 -1.36 -56.48
C PRO B 421 -25.63 -2.51 -57.46
N LYS B 422 -26.53 -2.25 -58.40
CA LYS B 422 -26.86 -3.27 -59.39
C LYS B 422 -25.65 -3.63 -60.24
N CYS B 423 -24.87 -2.63 -60.66
CA CYS B 423 -23.66 -2.90 -61.43
C CYS B 423 -22.63 -3.65 -60.61
N GLY B 424 -22.48 -3.31 -59.33
CA GLY B 424 -21.52 -3.95 -58.46
C GLY B 424 -20.37 -3.02 -58.10
N PHE B 425 -19.49 -3.54 -57.24
CA PHE B 425 -18.34 -2.79 -56.79
C PHE B 425 -17.26 -2.75 -57.86
N CYS C 7 -1.44 -4.16 -36.89
N CYS C 7 -7.43 -5.86 -35.42
CA CYS C 7 -1.51 -3.41 -35.63
CA CYS C 7 -7.11 -4.81 -34.46
C CYS C 7 -0.13 -3.28 -35.00
C CYS C 7 -8.24 -4.65 -33.43
N PHE C 8 0.86 -2.92 -35.81
N PHE C 8 -9.45 -5.02 -33.84
CA PHE C 8 2.24 -2.77 -35.36
CA PHE C 8 -10.62 -4.92 -32.98
C PHE C 8 2.63 -1.31 -35.17
C PHE C 8 -10.97 -6.23 -32.29
N GLY C 9 1.65 -0.45 -34.88
N GLY C 9 -9.95 -7.05 -31.98
CA GLY C 9 1.95 0.96 -34.69
CA GLY C 9 -10.21 -8.35 -31.39
C GLY C 9 2.74 1.27 -33.43
C GLY C 9 -10.90 -8.28 -30.03
N GLY C 10 2.74 0.35 -32.47
N GLY C 10 -10.61 -7.24 -29.26
CA GLY C 10 3.48 0.56 -31.24
CA GLY C 10 -11.19 -7.09 -27.94
C GLY C 10 2.76 1.48 -30.28
C GLY C 10 -10.44 -7.86 -26.89
N ARG C 11 3.45 1.76 -29.16
N ARG C 11 -10.84 -7.62 -25.64
CA ARG C 11 2.96 2.64 -28.11
CA ARG C 11 -10.22 -8.23 -24.45
C ARG C 11 1.64 2.15 -27.50
C ARG C 11 -8.73 -7.94 -24.37
N MET C 12 1.32 0.87 -27.68
N MET C 12 -8.27 -6.87 -25.03
CA MET C 12 0.12 0.26 -27.13
CA MET C 12 -6.87 -6.46 -25.01
C MET C 12 0.40 -0.60 -25.92
C MET C 12 -6.65 -5.21 -24.18
N ASP C 13 1.60 -0.49 -25.34
N ASP C 13 -7.56 -4.93 -23.23
CA ASP C 13 1.95 -1.31 -24.17
CA ASP C 13 -7.42 -3.75 -22.38
C ASP C 13 1.14 -0.93 -22.93
C ASP C 13 -6.23 -3.83 -21.44
N ARG C 14 0.47 0.23 -22.96
N ARG C 14 -5.62 -5.01 -21.30
CA ARG C 14 -0.39 0.61 -21.85
CA ARG C 14 -4.40 -5.15 -20.50
C ARG C 14 -1.56 -0.36 -21.73
C ARG C 14 -3.29 -4.30 -21.09
N ILE C 15 -1.53 -1.22 -20.70
N ILE C 15 -2.89 -3.24 -20.37
CA ILE C 15 -2.43 -2.35 -20.50
CA ILE C 15 -1.98 -2.19 -20.82
C ILE C 15 -2.82 -2.99 -21.82
C ILE C 15 -2.10 -1.93 -22.32
N GLY C 16 -1.92 -3.79 -22.37
N GLY C 16 -3.05 -1.09 -22.69
CA GLY C 16 -2.16 -4.50 -23.61
CA GLY C 16 -3.26 -0.74 -24.09
C GLY C 16 -2.96 -5.77 -23.49
C GLY C 16 -2.35 0.33 -24.62
N ALA C 17 -3.52 -6.04 -22.31
N ALA C 17 -1.45 0.87 -23.80
CA ALA C 17 -4.32 -7.25 -22.12
CA ALA C 17 -0.53 1.90 -24.24
C ALA C 17 -5.58 -7.26 -22.97
C ALA C 17 0.55 1.38 -25.16
N GLN C 18 -6.05 -6.09 -23.40
N GLN C 18 0.69 0.06 -25.29
CA GLN C 18 -7.19 -6.03 -24.29
CA GLN C 18 1.71 -0.50 -26.18
C GLN C 18 -6.84 -6.70 -25.62
C GLN C 18 1.40 -0.15 -27.63
N SER C 19 -7.72 -7.59 -26.08
N SER C 19 2.46 0.06 -28.41
CA SER C 19 -7.47 -8.31 -27.33
CA SER C 19 2.32 0.43 -29.81
C SER C 19 -7.84 -7.45 -28.54
C SER C 19 2.15 -0.84 -30.65
N GLY C 20 -9.12 -7.09 -28.64
N GLY C 20 2.11 -0.68 -31.97
CA GLY C 20 -9.59 -6.22 -29.70
CA GLY C 20 1.92 -1.80 -32.87
C GLY C 20 -9.36 -6.81 -31.09
C GLY C 20 0.47 -2.03 -33.21
N LEU C 21 -9.42 -5.92 -32.08
N LEU C 21 0.13 -1.90 -34.50
CA LEU C 21 -9.15 -6.25 -33.47
CA LEU C 21 -1.25 -2.05 -34.95
C LEU C 21 -8.78 -4.95 -34.19
C LEU C 21 -1.52 -3.42 -35.57
N GLY C 22 -8.73 -5.01 -35.52
N GLY C 22 -0.75 -3.77 -36.61
CA GLY C 22 -8.46 -3.81 -36.29
CA GLY C 22 -0.99 -5.03 -37.31
C GLY C 22 -6.99 -3.61 -36.62
C GLY C 22 -2.13 -4.91 -38.30
N CYS C 23 -6.36 -4.59 -37.25
N CYS C 23 -3.36 -4.92 -37.79
CA CYS C 23 -4.98 -4.46 -37.67
CA CYS C 23 -4.57 -4.70 -38.58
C CYS C 23 -4.90 -3.70 -39.00
C CYS C 23 -4.67 -5.68 -39.75
N ASN C 24 -5.50 -2.52 -39.03
N ASN C 24 -4.22 -6.91 -39.57
CA ASN C 24 -5.58 -1.68 -40.22
CA ASN C 24 -4.27 -7.92 -40.62
C ASN C 24 -5.23 -0.24 -39.86
C ASN C 24 -4.87 -9.24 -40.14
N SER C 25 -4.10 -0.06 -39.16
N SER C 25 -5.35 -9.29 -38.90
CA SER C 25 -3.69 1.27 -38.72
CA SER C 25 -5.95 -10.52 -38.40
C SER C 25 -3.55 2.23 -39.91
C SER C 25 -7.31 -10.76 -39.03
N PHE C 26 -3.09 1.72 -41.05
N PHE C 26 -7.54 -12.01 -39.46
CA PHE C 26 -3.02 2.49 -42.30
CA PHE C 26 -8.81 -12.41 -40.07
C PHE C 26 -2.18 3.75 -42.12
C PHE C 26 -9.60 -13.20 -39.02
N ARG C 27 -0.90 3.52 -41.80
N ARG C 27 -10.64 -12.57 -38.48
CA ARG C 27 0.04 4.61 -41.58
CA ARG C 27 -11.46 -13.20 -37.46
C ARG C 27 0.40 5.31 -42.88
C ARG C 27 -12.69 -13.86 -38.07
N VAL D 2 41.40 14.11 19.05
CA VAL D 2 40.45 14.59 18.05
C VAL D 2 39.90 15.95 18.46
N GLN D 3 40.23 16.98 17.70
CA GLN D 3 39.78 18.33 17.97
C GLN D 3 39.20 18.95 16.71
N LEU D 4 38.11 19.69 16.87
CA LEU D 4 37.46 20.40 15.77
C LEU D 4 37.37 21.87 16.16
N VAL D 5 38.00 22.73 15.37
CA VAL D 5 38.11 24.16 15.69
C VAL D 5 37.46 24.96 14.56
N GLN D 6 36.60 25.90 14.93
CA GLN D 6 35.95 26.80 13.99
C GLN D 6 36.23 28.24 14.39
N SER D 7 36.06 29.15 13.43
CA SER D 7 36.27 30.57 13.68
C SER D 7 35.38 31.38 12.74
N GLY D 8 34.73 32.40 13.28
CA GLY D 8 33.92 33.29 12.47
C GLY D 8 32.58 33.64 13.09
N ALA D 9 32.32 34.94 13.25
CA ALA D 9 31.05 35.42 13.77
C ALA D 9 30.59 36.68 13.05
N GLU D 10 31.04 36.86 11.81
CA GLU D 10 30.78 38.10 11.08
C GLU D 10 29.31 38.20 10.67
N VAL D 11 28.85 39.45 10.54
CA VAL D 11 27.50 39.76 10.08
C VAL D 11 27.63 40.66 8.85
N LYS D 12 26.78 40.42 7.86
CA LYS D 12 26.87 41.16 6.60
C LYS D 12 25.49 41.26 5.97
N LYS D 13 25.38 42.18 5.01
CA LYS D 13 24.12 42.42 4.33
C LYS D 13 23.76 41.24 3.43
N PRO D 14 22.47 41.05 3.14
CA PRO D 14 22.06 39.97 2.25
C PRO D 14 22.64 40.16 0.84
N GLY D 15 22.85 39.04 0.17
CA GLY D 15 23.43 39.03 -1.16
C GLY D 15 24.94 38.87 -1.20
N ALA D 16 25.61 38.87 -0.05
CA ALA D 16 27.05 38.69 0.01
C ALA D 16 27.35 37.20 0.20
N SER D 17 28.61 36.88 0.49
CA SER D 17 29.05 35.51 0.68
C SER D 17 29.75 35.37 2.01
N VAL D 18 29.66 34.17 2.59
CA VAL D 18 30.29 33.86 3.87
C VAL D 18 31.08 32.57 3.73
N THR D 19 32.21 32.50 4.41
CA THR D 19 33.08 31.33 4.40
C THR D 19 33.28 30.82 5.82
N VAL D 20 33.28 29.50 5.99
CA VAL D 20 33.45 28.86 7.28
C VAL D 20 34.61 27.87 7.16
N SER D 21 35.54 27.93 8.12
CA SER D 21 36.69 27.05 8.15
C SER D 21 36.58 26.05 9.30
N CYS D 22 36.80 24.78 8.97
CA CYS D 22 36.77 23.71 9.96
C CYS D 22 38.12 23.01 9.97
N LYS D 23 38.72 22.90 11.14
CA LYS D 23 40.02 22.26 11.32
C LYS D 23 39.84 20.92 12.01
N ALA D 24 40.53 19.90 11.51
CA ALA D 24 40.39 18.53 11.99
C ALA D 24 41.74 17.96 12.42
N SER D 25 42.49 18.75 13.19
CA SER D 25 43.78 18.30 13.69
C SER D 25 43.61 17.25 14.78
N GLY D 26 44.65 16.42 14.94
CA GLY D 26 44.66 15.39 15.95
C GLY D 26 44.28 14.01 15.44
N TYR D 27 43.83 13.88 14.20
CA TYR D 27 43.44 12.59 13.65
C TYR D 27 43.59 12.65 12.14
N THR D 28 43.61 11.46 11.53
CA THR D 28 43.82 11.35 10.09
C THR D 28 42.62 11.95 9.35
N PHE D 29 42.82 13.13 8.75
CA PHE D 29 41.72 13.84 8.10
C PHE D 29 41.16 13.05 6.92
N THR D 30 42.04 12.40 6.15
CA THR D 30 41.63 11.66 4.96
C THR D 30 41.15 10.25 5.29
N ASP D 31 40.79 9.97 6.54
CA ASP D 31 40.33 8.64 6.93
C ASP D 31 38.88 8.62 7.40
N TYR D 32 38.19 9.75 7.38
CA TYR D 32 36.81 9.82 7.84
C TYR D 32 36.05 10.87 7.05
N TYR D 33 34.73 10.74 7.05
CA TYR D 33 33.87 11.71 6.39
C TYR D 33 33.82 13.01 7.18
N MET D 34 33.30 14.06 6.54
CA MET D 34 33.15 15.37 7.15
C MET D 34 31.76 15.89 6.82
N HIS D 35 30.92 16.03 7.84
CA HIS D 35 29.52 16.44 7.66
C HIS D 35 29.36 17.88 8.12
N TRP D 36 28.64 18.66 7.31
CA TRP D 36 28.27 20.03 7.66
C TRP D 36 26.78 20.08 7.98
N VAL D 37 26.45 20.54 9.19
CA VAL D 37 25.07 20.56 9.68
C VAL D 37 24.76 21.96 10.18
N ARG D 38 23.63 22.50 9.74
CA ARG D 38 23.15 23.81 10.16
C ARG D 38 21.92 23.66 11.03
N GLN D 39 21.84 24.43 12.11
CA GLN D 39 20.72 24.40 13.02
C GLN D 39 20.13 25.79 13.14
N ALA D 40 18.83 25.91 12.86
CA ALA D 40 18.14 27.19 12.97
C ALA D 40 18.00 27.59 14.44
N PRO D 41 17.88 28.89 14.72
CA PRO D 41 17.76 29.32 16.12
C PRO D 41 16.56 28.74 16.85
N GLY D 42 15.46 28.47 16.16
CA GLY D 42 14.28 27.98 16.84
C GLY D 42 13.53 26.86 16.11
N GLN D 43 14.08 26.40 15.00
CA GLN D 43 13.43 25.32 14.23
C GLN D 43 13.99 23.95 14.62
N GLY D 44 15.27 23.75 14.46
CA GLY D 44 15.89 22.48 14.79
C GLY D 44 17.06 22.20 13.87
N LEU D 45 17.61 20.99 14.04
CA LEU D 45 18.76 20.57 13.24
C LEU D 45 18.35 20.39 11.78
N GLU D 46 19.31 20.63 10.89
CA GLU D 46 19.05 20.57 9.44
C GLU D 46 20.32 20.11 8.74
N TRP D 47 20.29 18.91 8.18
CA TRP D 47 21.45 18.38 7.49
C TRP D 47 21.63 19.09 6.14
N MET D 48 22.87 19.47 5.84
CA MET D 48 23.19 20.18 4.61
C MET D 48 23.93 19.29 3.61
N GLY D 49 25.06 18.72 4.01
CA GLY D 49 25.84 17.91 3.10
C GLY D 49 27.09 17.38 3.78
N TRP D 50 27.87 16.63 3.01
CA TRP D 50 29.11 16.06 3.51
C TRP D 50 30.06 15.82 2.34
N ILE D 51 31.33 15.64 2.67
CA ILE D 51 32.39 15.47 1.68
C ILE D 51 33.21 14.23 2.03
N LYS D 52 33.85 13.67 1.02
CA LYS D 52 34.74 12.51 1.20
C LYS D 52 36.13 12.90 0.73
N PRO D 53 37.11 13.02 1.64
CA PRO D 53 38.40 13.60 1.24
C PRO D 53 39.25 12.69 0.37
N ASN D 54 39.36 11.41 0.71
CA ASN D 54 40.27 10.53 -0.02
C ASN D 54 39.82 10.29 -1.45
N SER D 55 38.52 10.05 -1.65
CA SER D 55 37.99 9.77 -2.97
C SER D 55 37.48 11.00 -3.69
N GLY D 56 37.53 12.18 -3.06
CA GLY D 56 37.02 13.38 -3.69
C GLY D 56 35.52 13.33 -3.94
N GLY D 57 34.76 12.80 -2.99
CA GLY D 57 33.32 12.71 -3.13
C GLY D 57 32.61 13.86 -2.45
N THR D 58 31.43 14.19 -2.97
CA THR D 58 30.63 15.29 -2.46
C THR D 58 29.15 14.93 -2.54
N ASN D 59 28.41 15.33 -1.51
CA ASN D 59 26.97 15.11 -1.47
C ASN D 59 26.32 16.34 -0.84
N SER D 60 25.19 16.76 -1.41
CA SER D 60 24.50 17.94 -0.93
C SER D 60 22.98 17.72 -1.06
N ALA D 61 22.23 18.50 -0.28
CA ALA D 61 20.78 18.44 -0.34
C ALA D 61 20.27 19.08 -1.63
N GLN D 62 19.04 18.70 -2.00
CA GLN D 62 18.45 19.22 -3.23
C GLN D 62 18.24 20.73 -3.15
N ARG D 63 17.78 21.22 -2.00
CA ARG D 63 17.51 22.64 -1.82
C ARG D 63 18.75 23.45 -1.44
N PHE D 64 19.91 22.79 -1.24
CA PHE D 64 21.13 23.50 -0.89
C PHE D 64 22.22 23.40 -1.96
N GLN D 65 22.15 22.45 -2.88
CA GLN D 65 23.22 22.28 -3.85
C GLN D 65 23.34 23.46 -4.81
N GLY D 66 22.35 24.34 -4.85
CA GLY D 66 22.38 25.44 -5.81
C GLY D 66 23.48 26.44 -5.54
N ARG D 67 23.73 26.76 -4.26
CA ARG D 67 24.62 27.87 -3.94
C ARG D 67 25.59 27.53 -2.81
N ILE D 68 26.03 26.27 -2.71
CA ILE D 68 27.04 25.87 -1.73
C ILE D 68 28.18 25.18 -2.46
N THR D 69 29.41 25.52 -2.06
CA THR D 69 30.61 24.89 -2.57
C THR D 69 31.53 24.60 -1.40
N MET D 70 31.87 23.33 -1.21
CA MET D 70 32.73 22.90 -0.11
C MET D 70 34.00 22.26 -0.66
N THR D 71 35.15 22.71 -0.17
CA THR D 71 36.45 22.19 -0.56
C THR D 71 37.22 21.78 0.67
N TRP D 72 38.43 21.27 0.46
CA TRP D 72 39.27 20.81 1.56
C TRP D 72 40.73 20.98 1.17
N ASP D 73 41.59 21.03 2.19
CA ASP D 73 43.03 21.15 2.02
C ASP D 73 43.70 20.13 2.92
N THR D 74 44.23 19.06 2.32
CA THR D 74 44.87 17.99 3.08
C THR D 74 46.24 18.37 3.62
N SER D 75 46.84 19.47 3.13
CA SER D 75 48.14 19.88 3.64
C SER D 75 48.06 20.28 5.11
N ILE D 76 47.01 21.00 5.49
CA ILE D 76 46.81 21.45 6.86
C ILE D 76 45.58 20.82 7.50
N SER D 77 44.91 19.90 6.80
CA SER D 77 43.72 19.21 7.32
C SER D 77 42.63 20.21 7.72
N THR D 78 42.17 20.97 6.71
CA THR D 78 41.14 21.97 6.91
C THR D 78 40.07 21.82 5.84
N ALA D 79 38.84 22.20 6.20
CA ALA D 79 37.71 22.16 5.29
C ALA D 79 37.07 23.54 5.23
N TYR D 80 36.69 23.96 4.03
CA TYR D 80 36.12 25.27 3.79
C TYR D 80 34.71 25.13 3.24
N MET D 81 33.77 25.88 3.80
CA MET D 81 32.39 25.91 3.33
C MET D 81 32.07 27.31 2.83
N GLU D 82 31.58 27.40 1.60
CA GLU D 82 31.27 28.68 0.96
C GLU D 82 29.78 28.74 0.67
N LEU D 83 29.13 29.80 1.12
CA LEU D 83 27.71 30.03 0.90
C LEU D 83 27.52 31.36 0.19
N SER D 84 26.67 31.38 -0.84
CA SER D 84 26.41 32.56 -1.63
C SER D 84 24.91 32.79 -1.73
N ARG D 85 24.54 33.97 -2.24
CA ARG D 85 23.14 34.37 -2.40
C ARG D 85 22.39 34.28 -1.08
N LEU D 86 23.02 34.80 -0.02
CA LEU D 86 22.44 34.74 1.31
C LEU D 86 21.18 35.58 1.40
N ARG D 87 20.17 35.05 2.08
CA ARG D 87 18.91 35.74 2.32
C ARG D 87 18.64 35.80 3.82
N SER D 88 17.46 36.30 4.18
CA SER D 88 17.09 36.45 5.59
C SER D 88 16.89 35.10 6.28
N ASP D 89 16.75 34.01 5.54
CA ASP D 89 16.53 32.69 6.10
C ASP D 89 17.81 31.94 6.39
N ASP D 90 18.98 32.55 6.14
CA ASP D 90 20.26 31.90 6.33
C ASP D 90 20.91 32.28 7.67
N THR D 91 20.15 32.86 8.58
CA THR D 91 20.65 33.21 9.91
C THR D 91 20.47 32.01 10.82
N ALA D 92 21.55 31.28 11.09
CA ALA D 92 21.49 30.07 11.89
C ALA D 92 22.90 29.77 12.40
N VAL D 93 23.09 28.56 12.95
CA VAL D 93 24.36 28.12 13.50
C VAL D 93 24.86 26.94 12.68
N TYR D 94 26.12 26.99 12.30
CA TYR D 94 26.75 25.97 11.46
C TYR D 94 27.68 25.10 12.29
N TYR D 95 27.67 23.80 12.02
CA TYR D 95 28.52 22.84 12.71
C TYR D 95 29.24 21.95 11.70
N CYS D 96 30.47 21.59 12.05
CA CYS D 96 31.26 20.64 11.29
C CYS D 96 31.63 19.45 12.18
N SER D 97 31.51 18.25 11.64
CA SER D 97 31.70 17.03 12.41
C SER D 97 32.22 15.93 11.50
N ARG D 98 32.79 14.90 12.12
CA ARG D 98 33.34 13.75 11.41
C ARG D 98 32.65 12.47 11.86
N GLY D 99 32.51 11.52 10.94
CA GLY D 99 31.91 10.25 11.26
C GLY D 99 31.92 9.27 10.11
N GLY D 100 32.31 8.02 10.38
CA GLY D 100 32.31 6.98 9.38
C GLY D 100 33.67 6.81 8.72
N PRO D 101 34.22 5.60 8.83
CA PRO D 101 35.51 5.32 8.18
C PRO D 101 35.38 5.28 6.67
N VAL D 102 36.50 5.51 5.99
CA VAL D 102 36.53 5.52 4.53
C VAL D 102 37.07 4.21 3.95
N MET D 103 37.75 3.38 4.75
CA MET D 103 38.21 2.09 4.24
C MET D 103 37.03 1.21 3.84
N ASN D 104 35.98 1.19 4.67
CA ASN D 104 34.73 0.55 4.33
C ASN D 104 33.65 1.62 4.20
N TYR D 105 32.80 1.47 3.19
CA TYR D 105 31.82 2.50 2.88
C TYR D 105 30.68 2.53 3.91
N TYR D 106 31.01 2.89 5.15
CA TYR D 106 30.02 2.97 6.21
C TYR D 106 29.59 4.42 6.40
N TYR D 107 28.86 4.92 5.39
CA TYR D 107 28.38 6.29 5.42
C TYR D 107 27.21 6.47 6.37
N TYR D 108 26.61 5.39 6.87
CA TYR D 108 25.48 5.47 7.78
C TYR D 108 25.88 5.61 9.24
N TYR D 109 27.18 5.62 9.53
CA TYR D 109 27.64 5.79 10.90
C TYR D 109 27.33 7.18 11.41
N GLY D 110 26.99 7.28 12.69
CA GLY D 110 26.67 8.57 13.26
C GLY D 110 27.91 9.43 13.47
N MET D 111 27.67 10.74 13.60
CA MET D 111 28.73 11.70 13.82
C MET D 111 29.21 11.60 15.27
N ASP D 112 30.48 11.24 15.44
CA ASP D 112 31.01 11.01 16.78
C ASP D 112 31.43 12.31 17.46
N VAL D 113 32.36 13.04 16.85
CA VAL D 113 32.90 14.27 17.43
C VAL D 113 32.33 15.46 16.68
N TRP D 114 31.78 16.42 17.43
CA TRP D 114 31.17 17.62 16.86
C TRP D 114 32.08 18.83 17.10
N GLY D 115 31.78 19.90 16.37
CA GLY D 115 32.51 21.14 16.51
C GLY D 115 31.84 22.10 17.48
N GLN D 116 32.53 23.23 17.72
CA GLN D 116 32.00 24.22 18.65
C GLN D 116 30.86 25.03 18.05
N GLY D 117 30.84 25.16 16.73
CA GLY D 117 29.76 25.90 16.08
C GLY D 117 30.11 27.35 15.83
N THR D 118 29.53 27.90 14.77
CA THR D 118 29.71 29.29 14.39
C THR D 118 28.36 29.93 14.10
N THR D 119 28.24 31.21 14.38
CA THR D 119 26.99 31.95 14.21
C THR D 119 27.11 32.92 13.05
N VAL D 120 26.17 32.84 12.11
CA VAL D 120 26.11 33.73 10.96
C VAL D 120 24.75 34.41 10.96
N THR D 121 24.76 35.74 10.87
CA THR D 121 23.54 36.54 10.87
C THR D 121 23.47 37.32 9.56
N VAL D 122 22.29 37.34 8.94
CA VAL D 122 22.05 38.05 7.69
C VAL D 122 21.03 39.14 7.97
N SER D 123 21.44 40.39 7.80
CA SER D 123 20.55 41.53 8.01
C SER D 123 21.14 42.75 7.33
N SER D 124 20.27 43.68 6.94
CA SER D 124 20.67 44.93 6.31
C SER D 124 20.41 46.05 7.32
N ALA D 125 21.40 46.30 8.18
CA ALA D 125 21.28 47.33 9.20
C ALA D 125 22.68 47.77 9.63
N SER D 126 22.73 48.91 10.27
CA SER D 126 23.98 49.48 10.76
C SER D 126 24.20 49.10 12.22
N THR D 127 25.47 49.19 12.65
CA THR D 127 25.84 48.88 14.04
C THR D 127 25.58 50.11 14.89
N LYS D 128 24.36 50.17 15.43
CA LYS D 128 23.91 51.30 16.24
C LYS D 128 23.74 50.84 17.68
N GLY D 129 24.06 51.74 18.62
CA GLY D 129 24.07 51.40 20.03
C GLY D 129 22.68 51.19 20.60
N PRO D 130 22.62 50.60 21.80
CA PRO D 130 21.33 50.31 22.43
C PRO D 130 20.75 51.55 23.11
N SER D 131 19.45 51.48 23.39
CA SER D 131 18.74 52.50 24.13
C SER D 131 18.18 51.88 25.39
N VAL D 132 18.48 52.51 26.54
CA VAL D 132 18.11 51.98 27.85
C VAL D 132 17.05 52.88 28.46
N PHE D 133 15.95 52.28 28.91
CA PHE D 133 14.86 53.00 29.54
C PHE D 133 14.61 52.39 30.91
N PRO D 134 14.81 53.15 32.00
CA PRO D 134 14.57 52.60 33.34
C PRO D 134 13.08 52.43 33.61
N LEU D 135 12.78 51.50 34.53
CA LEU D 135 11.42 51.18 34.91
C LEU D 135 11.20 51.55 36.37
N ALA D 136 10.12 52.27 36.63
CA ALA D 136 9.78 52.71 37.98
C ALA D 136 8.31 52.41 38.27
N PRO D 137 7.97 52.12 39.52
CA PRO D 137 6.56 51.88 39.85
C PRO D 137 5.73 53.15 39.75
N CYS D 138 4.44 52.96 39.49
CA CYS D 138 3.52 54.08 39.37
C CYS D 138 3.04 54.53 40.75
N THR D 146 6.53 43.64 45.18
CA THR D 146 5.26 44.26 44.88
C THR D 146 5.44 45.51 44.02
N ALA D 147 6.32 45.41 43.03
CA ALA D 147 6.61 46.53 42.14
C ALA D 147 7.20 45.96 40.85
N ALA D 148 7.70 46.85 39.99
CA ALA D 148 8.32 46.47 38.71
C ALA D 148 9.54 47.36 38.51
N LEU D 149 10.71 46.85 38.91
CA LEU D 149 11.96 47.57 38.81
C LEU D 149 12.88 46.84 37.84
N GLY D 150 13.47 47.58 36.91
CA GLY D 150 14.37 46.99 35.94
C GLY D 150 14.76 48.00 34.88
N CYS D 151 15.37 47.49 33.82
CA CYS D 151 15.76 48.30 32.69
C CYS D 151 15.42 47.59 31.40
N LEU D 152 14.96 48.36 30.41
CA LEU D 152 14.56 47.83 29.11
C LEU D 152 15.51 48.35 28.04
N VAL D 153 16.08 47.44 27.26
CA VAL D 153 16.95 47.79 26.15
C VAL D 153 16.14 47.69 24.85
N LYS D 154 16.27 48.70 24.00
CA LYS D 154 15.47 48.79 22.79
C LYS D 154 16.34 49.25 21.63
N ASP D 155 16.10 48.66 20.46
CA ASP D 155 16.73 49.08 19.20
C ASP D 155 18.25 48.99 19.28
N TYR D 156 18.75 47.76 19.43
CA TYR D 156 20.18 47.50 19.43
C TYR D 156 20.51 46.47 18.36
N PHE D 157 21.72 46.56 17.83
CA PHE D 157 22.20 45.63 16.82
C PHE D 157 23.72 45.67 16.77
N PRO D 158 24.39 44.51 16.74
CA PRO D 158 23.80 43.17 16.78
C PRO D 158 23.89 42.48 18.14
N GLU D 159 23.52 41.20 18.16
CA GLU D 159 23.66 40.37 19.35
C GLU D 159 25.14 40.24 19.70
N PRO D 160 25.48 40.02 21.00
CA PRO D 160 24.67 39.91 22.22
C PRO D 160 24.69 41.14 23.13
N VAL D 161 24.10 40.97 24.31
CA VAL D 161 24.09 42.00 25.36
C VAL D 161 24.68 41.38 26.62
N THR D 162 25.47 42.16 27.35
CA THR D 162 26.17 41.68 28.53
C THR D 162 25.22 41.62 29.72
N VAL D 163 25.78 41.49 30.93
CA VAL D 163 24.98 41.30 32.13
C VAL D 163 23.98 42.45 32.29
N SER D 164 22.86 42.14 32.95
CA SER D 164 21.75 43.08 33.04
C SER D 164 22.13 44.34 33.81
N TRP D 165 22.44 44.19 35.10
CA TRP D 165 22.64 45.36 35.95
C TRP D 165 23.68 45.06 37.02
N ASN D 166 24.28 46.13 37.54
CA ASN D 166 25.15 46.14 38.71
C ASN D 166 26.42 45.32 38.53
N SER D 167 26.69 44.83 37.32
CA SER D 167 27.89 44.06 37.03
C SER D 167 28.04 42.87 37.96
N GLY D 168 26.93 42.20 38.23
CA GLY D 168 26.92 41.01 39.06
C GLY D 168 26.84 41.25 40.55
N ALA D 169 26.48 42.45 40.99
CA ALA D 169 26.31 42.69 42.42
C ALA D 169 25.10 41.92 42.97
N LEU D 170 24.02 41.84 42.19
CA LEU D 170 22.82 41.10 42.55
C LEU D 170 22.68 39.94 41.58
N THR D 171 23.05 38.74 42.02
CA THR D 171 23.02 37.55 41.19
C THR D 171 21.93 36.56 41.58
N SER D 172 21.68 36.39 42.88
CA SER D 172 20.66 35.44 43.32
C SER D 172 19.27 35.95 42.93
N GLY D 173 18.46 35.04 42.38
CA GLY D 173 17.12 35.39 41.94
C GLY D 173 17.09 36.42 40.82
N VAL D 174 17.65 36.06 39.67
CA VAL D 174 17.70 36.95 38.51
C VAL D 174 17.12 36.22 37.32
N HIS D 175 16.40 36.96 36.48
CA HIS D 175 15.79 36.41 35.27
C HIS D 175 16.08 37.34 34.10
N THR D 176 16.48 36.75 32.97
CA THR D 176 16.77 37.51 31.75
C THR D 176 15.99 36.90 30.59
N PHE D 177 15.29 37.78 29.83
CA PHE D 177 14.50 37.29 28.71
C PHE D 177 15.34 37.27 27.44
N PRO D 178 15.08 36.31 26.55
CA PRO D 178 15.81 36.27 25.27
C PRO D 178 15.41 37.42 24.37
N ALA D 179 16.33 37.77 23.48
CA ALA D 179 16.09 38.86 22.53
C ALA D 179 15.00 38.48 21.54
N VAL D 180 14.23 39.49 21.12
CA VAL D 180 13.14 39.33 20.17
C VAL D 180 13.40 40.23 18.98
N LEU D 181 13.35 39.67 17.78
CA LEU D 181 13.57 40.44 16.56
C LEU D 181 12.26 41.11 16.15
N GLN D 182 12.28 42.44 16.12
CA GLN D 182 11.08 43.21 15.77
C GLN D 182 10.99 43.39 14.26
N SER D 183 9.95 44.10 13.82
CA SER D 183 9.74 44.31 12.39
C SER D 183 10.77 45.25 11.79
N SER D 184 11.27 46.21 12.58
CA SER D 184 12.23 47.18 12.08
C SER D 184 13.59 46.57 11.78
N GLY D 185 13.84 45.33 12.21
CA GLY D 185 15.10 44.68 11.96
C GLY D 185 16.10 44.73 13.09
N LEU D 186 15.70 45.24 14.27
CA LEU D 186 16.57 45.34 15.42
C LEU D 186 16.10 44.37 16.51
N TYR D 187 16.77 44.40 17.65
CA TYR D 187 16.51 43.48 18.74
C TYR D 187 16.17 44.25 20.01
N SER D 188 15.45 43.59 20.91
CA SER D 188 15.08 44.18 22.18
C SER D 188 14.81 43.07 23.19
N LEU D 189 15.09 43.36 24.46
CA LEU D 189 14.85 42.43 25.55
C LEU D 189 14.74 43.23 26.85
N SER D 190 14.52 42.53 27.95
CA SER D 190 14.38 43.17 29.24
C SER D 190 14.75 42.18 30.34
N SER D 191 14.84 42.70 31.56
CA SER D 191 15.14 41.88 32.74
C SER D 191 14.60 42.60 33.95
N VAL D 192 13.60 42.00 34.62
CA VAL D 192 12.92 42.61 35.74
C VAL D 192 13.01 41.67 36.94
N VAL D 193 13.53 42.17 38.05
CA VAL D 193 13.55 41.45 39.31
C VAL D 193 13.01 42.37 40.40
N THR D 194 12.05 41.87 41.16
CA THR D 194 11.35 42.69 42.15
C THR D 194 11.84 42.33 43.56
N VAL D 195 12.22 43.37 44.31
CA VAL D 195 12.64 43.22 45.70
C VAL D 195 11.49 43.63 46.60
N PRO D 196 11.50 43.30 47.89
CA PRO D 196 10.44 43.78 48.78
C PRO D 196 10.39 45.30 48.82
N SER D 197 9.16 45.83 48.94
CA SER D 197 8.94 47.26 48.86
C SER D 197 9.50 48.03 50.06
N SER D 198 9.90 47.33 51.13
CA SER D 198 10.43 48.02 52.31
C SER D 198 11.73 48.73 51.99
N SER D 199 12.60 48.12 51.19
CA SER D 199 13.92 48.64 50.89
C SER D 199 14.03 49.20 49.48
N LEU D 200 12.96 49.86 49.01
CA LEU D 200 12.99 50.43 47.66
C LEU D 200 13.99 51.56 47.56
N GLY D 201 13.95 52.51 48.50
CA GLY D 201 14.84 53.65 48.47
C GLY D 201 16.14 53.50 49.23
N THR D 202 16.27 52.44 50.04
CA THR D 202 17.49 52.26 50.81
C THR D 202 18.67 51.88 49.91
N LYS D 203 18.42 51.05 48.91
CA LYS D 203 19.46 50.56 48.01
C LYS D 203 19.23 51.12 46.61
N THR D 204 20.28 51.71 46.04
CA THR D 204 20.20 52.26 44.69
C THR D 204 20.42 51.15 43.66
N TYR D 205 19.72 51.28 42.53
CA TYR D 205 19.80 50.31 41.44
C TYR D 205 20.23 51.02 40.17
N THR D 206 21.27 50.48 39.52
CA THR D 206 21.78 51.02 38.26
C THR D 206 22.04 49.86 37.31
N CYS D 207 21.59 50.01 36.07
CA CYS D 207 21.75 48.97 35.05
C CYS D 207 22.87 49.37 34.10
N ASN D 208 23.77 48.44 33.82
CA ASN D 208 24.89 48.65 32.92
C ASN D 208 24.69 47.82 31.66
N VAL D 209 24.76 48.48 30.50
CA VAL D 209 24.60 47.83 29.21
C VAL D 209 25.88 48.07 28.42
N ASP D 210 26.51 46.98 27.97
CA ASP D 210 27.77 47.04 27.24
C ASP D 210 27.60 46.37 25.88
N HIS D 211 28.19 46.96 24.85
CA HIS D 211 28.01 46.51 23.48
C HIS D 211 29.38 46.53 22.79
N LYS D 212 29.99 45.35 22.67
CA LYS D 212 31.31 45.26 22.01
C LYS D 212 31.30 45.72 20.56
N PRO D 213 30.37 45.29 19.68
CA PRO D 213 30.44 45.75 18.29
C PRO D 213 30.34 47.26 18.13
N SER D 214 29.57 47.95 18.99
CA SER D 214 29.41 49.38 18.89
C SER D 214 30.24 50.15 19.91
N ASN D 215 30.93 49.45 20.81
CA ASN D 215 31.76 50.09 21.84
C ASN D 215 30.96 51.10 22.65
N THR D 216 29.74 50.74 23.00
CA THR D 216 28.83 51.61 23.73
C THR D 216 28.68 51.13 25.17
N LYS D 217 28.91 52.05 26.12
CA LYS D 217 28.74 51.78 27.54
C LYS D 217 27.68 52.73 28.08
N VAL D 218 26.60 52.16 28.63
CA VAL D 218 25.49 52.94 29.15
C VAL D 218 25.25 52.56 30.60
N ASP D 219 25.19 53.56 31.47
CA ASP D 219 24.88 53.38 32.88
C ASP D 219 23.63 54.21 33.19
N LYS D 220 22.50 53.53 33.35
CA LYS D 220 21.21 54.19 33.55
C LYS D 220 20.70 53.92 34.96
N ARG D 221 20.36 54.99 35.67
CA ARG D 221 19.79 54.85 37.01
C ARG D 221 18.35 54.37 36.92
N VAL D 222 18.03 53.36 37.72
CA VAL D 222 16.67 52.81 37.73
C VAL D 222 15.76 53.66 38.60
N ASN E 1 11.46 11.92 -0.10
CA ASN E 1 12.28 11.69 1.09
C ASN E 1 11.49 10.94 2.16
N ILE E 2 12.07 10.81 3.34
CA ILE E 2 11.45 10.10 4.45
C ILE E 2 11.20 11.10 5.58
N GLN E 3 9.96 11.16 6.04
CA GLN E 3 9.57 12.05 7.13
C GLN E 3 9.58 11.26 8.44
N MET E 4 10.18 11.84 9.47
CA MET E 4 10.39 11.16 10.74
C MET E 4 9.58 11.87 11.83
N THR E 5 8.88 11.09 12.64
CA THR E 5 7.99 11.62 13.67
C THR E 5 8.43 11.12 15.04
N GLN E 6 8.33 11.99 16.04
CA GLN E 6 8.73 11.67 17.41
C GLN E 6 7.53 11.80 18.34
N SER E 7 7.40 10.85 19.27
CA SER E 7 6.33 10.85 20.25
C SER E 7 6.88 10.52 21.62
N PRO E 8 6.44 11.22 22.67
CA PRO E 8 5.54 12.37 22.59
C PRO E 8 6.28 13.66 22.27
N SER E 9 5.55 14.72 21.91
CA SER E 9 6.19 16.01 21.65
C SER E 9 6.86 16.54 22.90
N SER E 10 6.20 16.42 24.05
CA SER E 10 6.76 16.82 25.33
C SER E 10 6.37 15.80 26.38
N LEU E 11 7.22 15.65 27.39
CA LEU E 11 6.97 14.69 28.46
C LEU E 11 7.62 15.20 29.75
N SER E 12 6.90 15.04 30.86
CA SER E 12 7.38 15.43 32.18
C SER E 12 7.49 14.20 33.06
N ALA E 13 8.64 14.03 33.70
CA ALA E 13 8.87 12.88 34.57
C ALA E 13 9.82 13.28 35.68
N SER E 14 9.83 12.48 36.74
CA SER E 14 10.65 12.73 37.91
C SER E 14 11.96 11.96 37.80
N VAL E 15 12.79 12.10 38.83
CA VAL E 15 14.09 11.45 38.87
C VAL E 15 13.93 9.97 39.17
N GLY E 16 14.67 9.13 38.44
CA GLY E 16 14.61 7.70 38.66
C GLY E 16 13.40 7.02 38.09
N ASP E 17 12.83 7.54 37.01
CA ASP E 17 11.66 6.97 36.38
C ASP E 17 12.02 6.33 35.05
N ARG E 18 11.12 5.48 34.57
CA ARG E 18 11.27 4.79 33.29
C ARG E 18 10.56 5.59 32.21
N VAL E 19 11.28 5.96 31.17
CA VAL E 19 10.74 6.78 30.09
C VAL E 19 11.06 6.12 28.75
N THR E 20 10.11 6.20 27.82
CA THR E 20 10.27 5.67 26.47
C THR E 20 9.86 6.72 25.45
N ILE E 21 10.64 6.83 24.38
CA ILE E 21 10.37 7.74 23.28
C ILE E 21 10.27 6.93 21.99
N THR E 22 9.22 7.18 21.21
CA THR E 22 8.95 6.42 20.00
C THR E 22 9.28 7.26 18.78
N CYS E 23 10.04 6.68 17.85
CA CYS E 23 10.38 7.31 16.59
C CYS E 23 9.79 6.49 15.45
N ARG E 24 9.05 7.14 14.56
CA ARG E 24 8.35 6.48 13.47
C ARG E 24 8.81 7.05 12.14
N ALA E 25 8.99 6.18 11.16
CA ALA E 25 9.42 6.55 9.82
C ALA E 25 8.32 6.27 8.81
N SER E 26 8.19 7.16 7.82
CA SER E 26 7.17 6.98 6.79
C SER E 26 7.52 5.83 5.84
N GLN E 27 8.77 5.38 5.84
CA GLN E 27 9.20 4.27 4.99
C GLN E 27 10.01 3.28 5.83
N SER E 28 10.02 2.03 5.39
CA SER E 28 10.66 0.98 6.16
C SER E 28 12.19 1.11 6.07
N ILE E 29 12.84 1.10 7.23
CA ILE E 29 14.30 1.10 7.33
C ILE E 29 14.71 -0.02 8.25
N ASP E 30 15.69 -0.82 7.82
CA ASP E 30 16.08 -2.00 8.57
C ASP E 30 16.65 -1.67 9.94
N SER E 31 17.80 -0.98 9.97
CA SER E 31 18.42 -0.62 11.24
C SER E 31 19.16 0.71 11.18
N TYR E 32 18.84 1.57 10.22
CA TYR E 32 19.56 2.82 10.02
C TYR E 32 18.91 3.90 10.86
N LEU E 33 19.32 3.99 12.13
CA LEU E 33 18.80 5.00 13.04
C LEU E 33 19.88 5.42 14.02
N ASN E 34 19.95 6.71 14.29
CA ASN E 34 20.89 7.28 15.26
C ASN E 34 20.12 8.16 16.23
N TRP E 35 20.55 8.14 17.49
CA TRP E 35 19.92 8.92 18.55
C TRP E 35 20.91 9.97 19.04
N TYR E 36 20.48 11.23 19.09
CA TYR E 36 21.30 12.33 19.55
C TYR E 36 20.60 13.06 20.67
N GLN E 37 21.38 13.52 21.65
CA GLN E 37 20.90 14.35 22.74
C GLN E 37 21.59 15.70 22.69
N GLN E 38 20.81 16.76 22.93
CA GLN E 38 21.32 18.13 22.83
C GLN E 38 20.83 18.94 24.02
N LYS E 39 21.74 19.69 24.62
CA LYS E 39 21.47 20.62 25.70
C LYS E 39 21.60 22.05 25.18
N PRO E 40 20.89 23.01 25.78
CA PRO E 40 20.98 24.40 25.31
C PRO E 40 22.42 24.92 25.37
N GLY E 41 22.83 25.59 24.30
CA GLY E 41 24.17 26.15 24.23
C GLY E 41 25.28 25.15 24.01
N LYS E 42 24.95 23.89 23.70
CA LYS E 42 25.95 22.85 23.51
C LYS E 42 25.64 22.06 22.24
N ALA E 43 26.70 21.50 21.65
CA ALA E 43 26.54 20.69 20.46
C ALA E 43 25.91 19.34 20.80
N PRO E 44 25.16 18.74 19.87
CA PRO E 44 24.57 17.43 20.14
C PRO E 44 25.64 16.36 20.32
N LYS E 45 25.31 15.36 21.12
CA LYS E 45 26.21 14.25 21.40
C LYS E 45 25.52 12.93 21.02
N LEU E 46 26.24 12.09 20.29
CA LEU E 46 25.68 10.83 19.81
C LEU E 46 25.57 9.83 20.95
N LEU E 47 24.45 9.10 20.96
CA LEU E 47 24.20 8.06 21.95
C LEU E 47 24.19 6.67 21.33
N ILE E 48 23.39 6.47 20.29
CA ILE E 48 23.26 5.18 19.62
C ILE E 48 23.54 5.38 18.14
N TYR E 49 24.40 4.52 17.58
CA TYR E 49 24.80 4.67 16.18
C TYR E 49 24.15 3.66 15.24
N VAL E 50 23.49 2.63 15.76
CA VAL E 50 22.68 1.74 14.93
C VAL E 50 21.40 1.51 15.73
N ALA E 51 20.54 0.60 15.26
CA ALA E 51 19.26 0.38 15.92
C ALA E 51 19.39 -0.03 17.38
N SER E 52 20.37 -0.89 17.74
CA SER E 52 20.41 -1.42 19.10
C SER E 52 21.80 -1.56 19.70
N SER E 53 22.76 -0.72 19.33
CA SER E 53 24.08 -0.76 19.94
C SER E 53 24.19 0.30 21.03
N LEU E 54 25.40 0.52 21.53
CA LEU E 54 25.64 1.53 22.57
C LEU E 54 27.02 2.13 22.31
N GLN E 55 27.04 3.44 22.05
CA GLN E 55 28.30 4.12 21.78
C GLN E 55 29.18 4.17 23.02
N SER E 56 30.48 4.21 22.80
CA SER E 56 31.44 4.24 23.90
C SER E 56 31.31 5.54 24.69
N GLY E 57 31.44 5.43 26.01
CA GLY E 57 31.31 6.58 26.88
C GLY E 57 29.90 6.96 27.25
N VAL E 58 28.92 6.15 26.88
CA VAL E 58 27.51 6.42 27.17
C VAL E 58 27.09 5.54 28.34
N PRO E 59 26.39 6.08 29.34
CA PRO E 59 25.93 5.24 30.46
C PRO E 59 25.00 4.13 29.99
N SER E 60 25.05 3.01 30.72
CA SER E 60 24.28 1.82 30.35
C SER E 60 22.77 2.00 30.58
N ARG E 61 22.36 3.08 31.25
CA ARG E 61 20.93 3.30 31.49
C ARG E 61 20.15 3.59 30.22
N PHE E 62 20.82 3.94 29.12
CA PHE E 62 20.16 4.19 27.85
C PHE E 62 20.10 2.89 27.04
N SER E 63 18.97 2.68 26.37
CA SER E 63 18.81 1.50 25.53
C SER E 63 17.99 1.87 24.29
N GLY E 64 18.19 1.13 23.22
CA GLY E 64 17.45 1.35 21.99
C GLY E 64 17.02 0.03 21.39
N SER E 65 15.84 0.04 20.79
CA SER E 65 15.28 -1.16 20.17
C SER E 65 14.32 -0.74 19.07
N GLY E 66 13.75 -1.73 18.39
CA GLY E 66 12.79 -1.48 17.33
C GLY E 66 13.36 -1.82 15.96
N SER E 67 12.47 -1.77 14.98
CA SER E 67 12.82 -2.12 13.61
C SER E 67 11.71 -1.65 12.69
N GLY E 68 11.84 -2.00 11.41
CA GLY E 68 10.83 -1.68 10.43
C GLY E 68 10.56 -0.20 10.33
N LYS E 69 9.40 0.23 10.83
CA LYS E 69 9.02 1.64 10.81
C LYS E 69 8.91 2.25 12.21
N ASP E 70 9.15 1.47 13.27
CA ASP E 70 9.00 1.97 14.62
C ASP E 70 10.20 1.59 15.48
N PHE E 71 10.72 2.56 16.22
CA PHE E 71 11.85 2.35 17.11
C PHE E 71 11.56 3.01 18.45
N THR E 72 12.20 2.50 19.50
CA THR E 72 12.01 2.99 20.85
C THR E 72 13.35 3.25 21.52
N LEU E 73 13.43 4.39 22.22
CA LEU E 73 14.57 4.74 23.05
C LEU E 73 14.10 4.76 24.50
N THR E 74 14.78 4.00 25.35
CA THR E 74 14.33 3.76 26.72
C THR E 74 15.39 4.19 27.71
N ILE E 75 14.97 4.93 28.73
CA ILE E 75 15.82 5.29 29.86
C ILE E 75 15.19 4.68 31.10
N SER E 76 15.95 3.82 31.79
CA SER E 76 15.40 3.10 32.95
C SER E 76 15.28 4.00 34.16
N SER E 77 16.29 4.83 34.42
CA SER E 77 16.30 5.70 35.60
C SER E 77 16.75 7.09 35.18
N LEU E 78 15.89 8.08 35.38
CA LEU E 78 16.23 9.44 35.04
C LEU E 78 17.22 10.03 36.04
N GLN E 79 18.04 10.95 35.56
CA GLN E 79 19.02 11.68 36.36
C GLN E 79 18.92 13.16 36.02
N PRO E 80 19.36 14.04 36.92
CA PRO E 80 19.27 15.49 36.65
C PRO E 80 20.00 15.92 35.39
N GLU E 81 21.03 15.20 34.97
CA GLU E 81 21.77 15.53 33.76
C GLU E 81 21.21 14.86 32.51
N ASP E 82 20.15 14.06 32.65
CA ASP E 82 19.57 13.34 31.52
C ASP E 82 18.44 14.10 30.84
N PHE E 83 18.11 15.31 31.29
CA PHE E 83 17.04 16.10 30.71
C PHE E 83 17.61 16.93 29.57
N ALA E 84 17.27 16.56 28.33
CA ALA E 84 17.75 17.24 27.15
C ALA E 84 16.80 16.95 26.00
N THR E 85 17.10 17.52 24.84
CA THR E 85 16.29 17.32 23.65
C THR E 85 16.83 16.14 22.85
N TYR E 86 15.94 15.23 22.46
CA TYR E 86 16.32 14.00 21.79
C TYR E 86 15.88 14.01 20.33
N TYR E 87 16.78 13.60 19.45
CA TYR E 87 16.50 13.53 18.02
C TYR E 87 16.84 12.14 17.49
N CYS E 88 15.99 11.62 16.60
CA CYS E 88 16.24 10.37 15.90
C CYS E 88 16.43 10.67 14.42
N GLN E 89 17.55 10.19 13.87
CA GLN E 89 17.95 10.48 12.51
C GLN E 89 18.09 9.19 11.71
N GLN E 90 17.59 9.19 10.48
CA GLN E 90 17.71 8.05 9.59
C GLN E 90 18.93 8.20 8.70
N SER E 91 19.57 7.08 8.40
CA SER E 91 20.79 7.08 7.59
C SER E 91 20.73 6.17 6.38
N TYR E 92 19.59 5.49 6.13
CA TYR E 92 19.47 4.66 4.95
C TYR E 92 19.54 5.50 3.67
N SER E 93 18.94 6.68 3.69
CA SER E 93 18.92 7.59 2.56
C SER E 93 19.46 8.94 2.99
N ILE E 94 19.27 9.97 2.17
CA ILE E 94 19.63 11.34 2.50
C ILE E 94 19.16 11.64 3.92
N PRO E 95 20.07 11.86 4.87
CA PRO E 95 19.67 11.94 6.28
C PRO E 95 18.70 13.08 6.55
N THR E 96 17.73 12.81 7.43
CA THR E 96 16.76 13.80 7.88
C THR E 96 16.70 13.78 9.39
N PHE E 97 16.36 14.93 9.97
CA PHE E 97 16.28 15.09 11.41
C PHE E 97 14.84 15.26 11.84
N GLY E 98 14.50 14.71 13.00
CA GLY E 98 13.17 14.79 13.53
C GLY E 98 12.86 16.13 14.17
N GLN E 99 11.60 16.29 14.57
CA GLN E 99 11.17 17.54 15.19
C GLN E 99 11.70 17.73 16.60
N GLY E 100 12.18 16.66 17.24
CA GLY E 100 12.70 16.74 18.58
C GLY E 100 11.69 16.31 19.63
N THR E 101 12.18 16.19 20.86
CA THR E 101 11.34 15.78 21.99
C THR E 101 11.91 16.42 23.24
N ARG E 102 11.20 17.40 23.79
CA ARG E 102 11.66 18.09 24.99
C ARG E 102 11.26 17.31 26.23
N LEU E 103 12.21 17.20 27.17
CA LEU E 103 11.99 16.49 28.43
C LEU E 103 12.20 17.47 29.58
N GLU E 104 11.27 17.46 30.54
CA GLU E 104 11.32 18.37 31.68
C GLU E 104 10.99 17.62 32.95
N ILE E 105 11.31 18.24 34.08
CA ILE E 105 11.06 17.65 35.39
C ILE E 105 9.59 17.82 35.76
N LYS E 106 9.15 17.10 36.80
CA LYS E 106 7.78 17.17 37.27
C LYS E 106 7.72 18.02 38.53
N ARG E 107 6.78 18.95 38.57
CA ARG E 107 6.64 19.86 39.69
C ARG E 107 5.17 20.11 39.96
N THR E 108 4.88 20.55 41.19
CA THR E 108 3.50 20.86 41.57
C THR E 108 3.04 22.16 40.91
N VAL E 109 1.72 22.35 40.90
CA VAL E 109 1.14 23.54 40.28
C VAL E 109 1.39 24.74 41.18
N ALA E 110 1.82 25.85 40.57
CA ALA E 110 2.10 27.08 41.29
C ALA E 110 1.34 28.24 40.65
N ALA E 111 1.04 29.25 41.45
CA ALA E 111 0.28 30.40 40.97
C ALA E 111 1.23 31.51 40.50
N PRO E 112 0.90 32.17 39.40
CA PRO E 112 1.77 33.24 38.90
C PRO E 112 1.61 34.53 39.70
N SER E 113 2.62 35.38 39.57
CA SER E 113 2.58 36.75 40.10
C SER E 113 2.53 37.71 38.93
N VAL E 114 1.54 38.61 38.95
CA VAL E 114 1.27 39.51 37.84
C VAL E 114 1.86 40.88 38.17
N PHE E 115 2.75 41.38 37.33
CA PHE E 115 3.34 42.70 37.51
C PHE E 115 3.15 43.55 36.27
N ILE E 116 2.77 44.81 36.47
CA ILE E 116 2.47 45.75 35.40
C ILE E 116 3.45 46.91 35.48
N PHE E 117 3.75 47.51 34.33
CA PHE E 117 4.58 48.72 34.33
C PHE E 117 4.03 49.75 33.36
N PRO E 118 3.60 50.91 33.84
CA PRO E 118 3.14 51.96 32.93
C PRO E 118 4.29 52.51 32.11
N PRO E 119 4.01 53.05 30.92
CA PRO E 119 5.11 53.55 30.08
C PRO E 119 5.85 54.70 30.72
N SER E 120 7.16 54.75 30.50
CA SER E 120 7.99 55.79 31.06
C SER E 120 7.93 57.06 30.21
N ASP E 121 8.34 58.17 30.82
CA ASP E 121 8.33 59.45 30.12
C ASP E 121 9.39 59.50 29.02
N GLU E 122 10.46 58.71 29.16
CA GLU E 122 11.48 58.67 28.12
C GLU E 122 10.92 58.11 26.82
N GLN E 123 10.06 57.11 26.91
CA GLN E 123 9.41 56.56 25.71
C GLN E 123 8.52 57.61 25.05
N LEU E 124 7.81 58.41 25.84
CA LEU E 124 7.00 59.48 25.27
C LEU E 124 7.87 60.53 24.61
N LYS E 125 9.02 60.84 25.21
CA LYS E 125 9.95 61.79 24.59
C LYS E 125 10.48 61.26 23.27
N SER E 126 10.78 59.96 23.21
CA SER E 126 11.27 59.35 21.99
C SER E 126 10.20 59.26 20.90
N GLY E 127 8.93 59.37 21.26
CA GLY E 127 7.85 59.30 20.30
C GLY E 127 7.21 57.94 20.11
N THR E 128 7.49 56.99 20.99
CA THR E 128 6.90 55.66 20.88
C THR E 128 6.77 55.09 22.28
N ALA E 129 5.55 54.72 22.67
CA ALA E 129 5.27 54.24 24.02
C ALA E 129 5.23 52.71 24.04
N SER E 130 5.51 52.15 25.21
CA SER E 130 5.50 50.71 25.38
C SER E 130 5.03 50.37 26.79
N VAL E 131 4.14 49.39 26.89
CA VAL E 131 3.65 48.88 28.17
C VAL E 131 4.07 47.41 28.28
N VAL E 132 4.29 46.97 29.52
CA VAL E 132 4.72 45.61 29.77
C VAL E 132 3.97 45.06 30.99
N CYS E 133 3.63 43.78 30.92
CA CYS E 133 3.15 43.06 32.10
C CYS E 133 3.64 41.63 32.03
N LEU E 134 4.09 41.11 33.17
CA LEU E 134 4.76 39.82 33.21
C LEU E 134 4.22 38.94 34.32
N LEU E 135 4.23 37.64 34.04
CA LEU E 135 3.93 36.57 34.99
C LEU E 135 5.24 36.00 35.50
N ASN E 136 5.38 35.95 36.82
CA ASN E 136 6.59 35.47 37.46
C ASN E 136 6.28 34.28 38.37
N ASN E 137 7.14 33.28 38.32
CA ASN E 137 7.08 32.09 39.19
C ASN E 137 5.74 31.37 39.03
N PHE E 138 5.53 30.84 37.82
CA PHE E 138 4.32 30.10 37.50
C PHE E 138 4.69 28.73 36.91
N TYR E 139 3.79 27.77 37.14
CA TYR E 139 3.94 26.42 36.60
C TYR E 139 2.55 25.83 36.49
N PRO E 140 2.21 25.14 35.38
CA PRO E 140 3.08 24.85 34.24
C PRO E 140 3.28 26.05 33.30
N ARG E 141 3.95 25.80 32.17
CA ARG E 141 4.32 26.89 31.28
C ARG E 141 3.13 27.46 30.52
N GLU E 142 2.10 26.64 30.28
CA GLU E 142 0.99 27.09 29.45
C GLU E 142 0.15 28.14 30.17
N ALA E 143 -0.13 29.24 29.48
CA ALA E 143 -0.95 30.32 30.00
C ALA E 143 -1.36 31.21 28.83
N LYS E 144 -2.36 32.06 29.07
CA LYS E 144 -2.86 32.95 28.04
C LYS E 144 -2.87 34.39 28.56
N VAL E 145 -2.44 35.32 27.71
CA VAL E 145 -2.37 36.73 28.06
C VAL E 145 -3.09 37.52 26.98
N GLN E 146 -4.00 38.40 27.39
CA GLN E 146 -4.75 39.26 26.48
C GLN E 146 -4.60 40.71 26.89
N TRP E 147 -4.61 41.60 25.89
CA TRP E 147 -4.50 43.03 26.12
C TRP E 147 -5.87 43.70 25.93
N LYS E 148 -6.24 44.55 26.88
CA LYS E 148 -7.53 45.23 26.84
C LYS E 148 -7.32 46.70 27.19
N VAL E 149 -7.67 47.58 26.27
CA VAL E 149 -7.61 49.01 26.49
C VAL E 149 -8.98 49.60 26.20
N ASP E 150 -9.60 50.18 27.24
CA ASP E 150 -10.95 50.73 27.16
C ASP E 150 -11.92 49.71 26.58
N ASN E 151 -11.81 48.46 27.07
CA ASN E 151 -12.64 47.34 26.60
C ASN E 151 -12.51 47.13 25.09
N ALA E 152 -11.28 47.26 24.58
CA ALA E 152 -10.97 47.00 23.19
C ALA E 152 -9.75 46.11 23.09
N LEU E 153 -9.74 45.23 22.09
CA LEU E 153 -8.68 44.25 21.90
C LEU E 153 -7.93 44.54 20.60
N GLN E 154 -6.60 44.53 20.68
CA GLN E 154 -5.74 44.72 19.52
C GLN E 154 -4.85 43.49 19.35
N SER E 155 -4.57 43.12 18.10
CA SER E 155 -3.77 41.96 17.78
C SER E 155 -2.71 42.34 16.76
N GLY E 156 -1.58 41.64 16.83
CA GLY E 156 -0.47 41.86 15.91
C GLY E 156 0.52 42.91 16.33
N ASN E 157 0.28 43.62 17.43
CA ASN E 157 1.16 44.67 17.91
C ASN E 157 1.73 44.35 19.28
N SER E 158 1.83 43.06 19.62
CA SER E 158 2.33 42.63 20.92
C SER E 158 3.39 41.55 20.72
N GLN E 159 4.30 41.47 21.70
CA GLN E 159 5.37 40.49 21.69
C GLN E 159 5.42 39.77 23.03
N GLU E 160 5.88 38.53 23.01
CA GLU E 160 5.94 37.69 24.20
C GLU E 160 7.34 37.12 24.36
N SER E 161 7.84 37.13 25.59
CA SER E 161 9.16 36.58 25.90
C SER E 161 9.04 35.63 27.07
N VAL E 162 9.61 34.43 26.92
CA VAL E 162 9.58 33.39 27.94
C VAL E 162 10.99 32.87 28.16
N THR E 163 11.34 32.64 29.42
CA THR E 163 12.66 32.15 29.78
C THR E 163 12.64 30.62 29.85
N GLU E 164 13.73 30.04 30.36
CA GLU E 164 13.86 28.60 30.53
C GLU E 164 13.64 28.22 31.99
N GLN E 165 13.22 26.98 32.20
CA GLN E 165 12.95 26.49 33.55
C GLN E 165 14.22 26.56 34.40
N ASP E 166 14.10 27.14 35.58
CA ASP E 166 15.25 27.27 36.47
C ASP E 166 15.52 25.96 37.19
N SER E 167 16.79 25.76 37.56
CA SER E 167 17.19 24.54 38.25
C SER E 167 16.79 24.55 39.72
N LYS E 168 16.72 25.73 40.34
CA LYS E 168 16.48 25.81 41.78
C LYS E 168 14.99 25.65 42.10
N ASP E 169 14.16 26.56 41.60
CA ASP E 169 12.75 26.58 41.94
C ASP E 169 11.84 26.05 40.83
N SER E 170 12.39 25.77 39.65
CA SER E 170 11.63 25.25 38.51
C SER E 170 10.46 26.16 38.17
N THR E 171 10.76 27.44 37.97
CA THR E 171 9.76 28.45 37.66
C THR E 171 9.95 28.96 36.24
N TYR E 172 9.02 29.80 35.81
CA TYR E 172 9.03 30.38 34.48
C TYR E 172 8.69 31.86 34.55
N SER E 173 9.14 32.61 33.55
CA SER E 173 8.82 34.02 33.40
C SER E 173 8.20 34.24 32.04
N LEU E 174 7.10 35.01 32.01
CA LEU E 174 6.34 35.22 30.78
C LEU E 174 5.96 36.69 30.69
N SER E 175 6.70 37.46 29.89
CA SER E 175 6.51 38.91 29.81
C SER E 175 5.90 39.28 28.47
N SER E 176 4.81 40.05 28.51
CA SER E 176 4.14 40.53 27.31
C SER E 176 4.34 42.03 27.20
N THR E 177 4.75 42.47 26.01
CA THR E 177 5.05 43.88 25.73
C THR E 177 4.18 44.35 24.58
N LEU E 178 3.48 45.46 24.78
CA LEU E 178 2.66 46.09 23.76
C LEU E 178 3.27 47.45 23.42
N THR E 179 3.62 47.65 22.15
CA THR E 179 4.24 48.88 21.68
C THR E 179 3.27 49.64 20.80
N LEU E 180 3.17 50.95 21.03
CA LEU E 180 2.26 51.80 20.27
C LEU E 180 2.96 53.11 19.97
N SER E 181 2.41 53.83 18.98
CA SER E 181 2.95 55.13 18.61
C SER E 181 2.59 56.17 19.66
N LYS E 182 3.27 57.32 19.58
CA LYS E 182 3.00 58.40 20.53
C LYS E 182 1.59 58.93 20.38
N ALA E 183 1.09 59.02 19.13
CA ALA E 183 -0.23 59.58 18.89
C ALA E 183 -1.32 58.74 19.53
N ASP E 184 -1.24 57.42 19.41
CA ASP E 184 -2.29 56.55 19.91
C ASP E 184 -2.37 56.50 21.43
N TYR E 185 -1.39 57.07 22.13
CA TYR E 185 -1.36 56.96 23.59
C TYR E 185 -2.45 57.79 24.25
N GLU E 186 -2.72 58.99 23.74
CA GLU E 186 -3.59 59.94 24.44
C GLU E 186 -5.06 59.83 24.07
N LYS E 187 -5.43 59.03 23.09
CA LYS E 187 -6.85 58.79 22.82
C LYS E 187 -7.41 57.58 23.55
N HIS E 188 -6.66 57.00 24.47
CA HIS E 188 -7.15 55.94 25.33
C HIS E 188 -6.70 56.21 26.76
N LYS E 189 -7.46 55.68 27.71
CA LYS E 189 -7.32 56.05 29.12
C LYS E 189 -6.74 54.93 29.96
N VAL E 190 -7.37 53.75 29.96
CA VAL E 190 -7.02 52.66 30.88
C VAL E 190 -6.47 51.50 30.05
N TYR E 191 -5.30 50.99 30.45
CA TYR E 191 -4.66 49.86 29.80
C TYR E 191 -4.54 48.72 30.78
N ALA E 192 -4.85 47.50 30.32
CA ALA E 192 -4.84 46.35 31.22
C ALA E 192 -4.45 45.11 30.44
N CYS E 193 -3.98 44.11 31.18
CA CYS E 193 -3.75 42.78 30.63
C CYS E 193 -4.41 41.74 31.52
N GLU E 194 -5.06 40.77 30.88
CA GLU E 194 -5.74 39.68 31.53
C GLU E 194 -4.94 38.40 31.35
N VAL E 195 -4.76 37.65 32.44
CA VAL E 195 -4.00 36.42 32.44
C VAL E 195 -4.92 35.27 32.83
N THR E 196 -4.87 34.20 32.05
CA THR E 196 -5.62 32.97 32.32
C THR E 196 -4.61 31.83 32.47
N HIS E 197 -4.64 31.17 33.63
CA HIS E 197 -3.71 30.09 33.93
C HIS E 197 -4.47 28.93 34.54
N GLN E 198 -3.92 27.72 34.37
CA GLN E 198 -4.54 26.53 34.94
C GLN E 198 -4.54 26.59 36.47
N GLY E 199 -3.45 27.07 37.06
CA GLY E 199 -3.37 27.14 38.51
C GLY E 199 -4.30 28.17 39.11
N LEU E 200 -4.64 29.20 38.35
CA LEU E 200 -5.56 30.24 38.84
C LEU E 200 -7.00 29.77 38.69
N SER E 201 -7.79 29.93 39.75
CA SER E 201 -9.20 29.58 39.67
C SER E 201 -9.94 30.47 38.67
N SER E 202 -9.64 31.76 38.67
CA SER E 202 -10.25 32.71 37.75
C SER E 202 -9.17 33.56 37.10
N PRO E 203 -9.41 34.04 35.87
CA PRO E 203 -8.44 34.93 35.24
C PRO E 203 -8.26 36.22 36.03
N VAL E 204 -7.04 36.75 35.99
CA VAL E 204 -6.65 37.92 36.78
C VAL E 204 -6.43 39.09 35.84
N THR E 205 -7.02 40.23 36.18
CA THR E 205 -6.88 41.46 35.42
C THR E 205 -5.92 42.39 36.14
N LYS E 206 -4.94 42.93 35.43
CA LYS E 206 -4.04 43.94 35.96
C LYS E 206 -4.18 45.19 35.10
N SER E 207 -4.58 46.30 35.72
CA SER E 207 -4.95 47.51 35.00
C SER E 207 -4.21 48.71 35.56
N PHE E 208 -4.10 49.74 34.72
CA PHE E 208 -3.54 51.02 35.14
C PHE E 208 -4.12 52.12 34.26
N ASN E 209 -4.01 53.35 34.74
CA ASN E 209 -4.58 54.51 34.09
C ASN E 209 -3.47 55.45 33.61
N ARG E 210 -3.65 56.00 32.41
CA ARG E 210 -2.65 56.90 31.85
C ARG E 210 -2.52 58.18 32.67
N GLY E 211 -3.65 58.75 33.11
CA GLY E 211 -3.61 60.05 33.76
C GLY E 211 -2.89 60.02 35.10
N GLU E 212 -3.17 59.01 35.92
CA GLU E 212 -2.61 58.99 37.26
C GLU E 212 -1.17 58.49 37.29
N CYS E 213 -0.71 57.86 36.20
CA CYS E 213 0.68 57.45 36.11
C CYS E 213 1.52 58.50 35.39
N VAL F 2 -34.32 -7.39 32.24
CA VAL F 2 -34.03 -8.32 31.15
C VAL F 2 -33.37 -9.59 31.71
N GLN F 3 -33.74 -10.74 31.14
CA GLN F 3 -33.21 -12.01 31.59
C GLN F 3 -33.09 -12.95 30.39
N LEU F 4 -32.01 -13.75 30.38
CA LEU F 4 -31.80 -14.78 29.38
C LEU F 4 -31.55 -16.09 30.09
N VAL F 5 -32.33 -17.11 29.76
CA VAL F 5 -32.29 -18.41 30.42
C VAL F 5 -32.00 -19.49 29.38
N GLN F 6 -31.00 -20.31 29.66
CA GLN F 6 -30.65 -21.45 28.83
C GLN F 6 -30.94 -22.75 29.58
N SER F 7 -30.76 -23.87 28.88
CA SER F 7 -30.98 -25.18 29.48
C SER F 7 -30.23 -26.22 28.66
N GLY F 8 -29.67 -27.21 29.35
CA GLY F 8 -28.99 -28.29 28.67
C GLY F 8 -27.62 -28.61 29.23
N ALA F 9 -27.41 -29.89 29.61
CA ALA F 9 -26.12 -30.38 30.04
C ALA F 9 -25.82 -31.75 29.43
N GLU F 10 -26.32 -32.00 28.22
CA GLU F 10 -26.25 -33.30 27.60
C GLU F 10 -24.87 -33.56 27.01
N VAL F 11 -24.57 -34.84 26.81
CA VAL F 11 -23.37 -35.29 26.13
C VAL F 11 -23.79 -36.10 24.91
N LYS F 12 -23.30 -35.72 23.74
CA LYS F 12 -23.72 -36.32 22.48
C LYS F 12 -22.54 -37.03 21.82
N LYS F 13 -22.83 -38.16 21.19
CA LYS F 13 -21.80 -38.89 20.46
C LYS F 13 -21.39 -38.13 19.20
N PRO F 14 -20.18 -38.36 18.71
CA PRO F 14 -19.76 -37.70 17.46
C PRO F 14 -20.67 -38.09 16.30
N GLY F 15 -20.93 -37.12 15.42
CA GLY F 15 -21.80 -37.33 14.28
C GLY F 15 -23.27 -37.12 14.56
N ALA F 16 -23.64 -36.80 15.80
CA ALA F 16 -25.03 -36.56 16.15
C ALA F 16 -25.37 -35.08 15.99
N SER F 17 -26.53 -34.67 16.48
CA SER F 17 -26.98 -33.29 16.42
C SER F 17 -27.26 -32.77 17.82
N VAL F 18 -26.96 -31.50 18.05
CA VAL F 18 -27.16 -30.86 19.34
C VAL F 18 -28.04 -29.63 19.13
N THR F 19 -29.02 -29.46 20.02
CA THR F 19 -29.94 -28.33 19.98
C THR F 19 -29.81 -27.52 21.27
N VAL F 20 -29.63 -26.22 21.13
CA VAL F 20 -29.50 -25.30 22.26
C VAL F 20 -30.64 -24.30 22.19
N SER F 21 -31.36 -24.15 23.29
CA SER F 21 -32.50 -23.25 23.38
C SER F 21 -32.21 -22.12 24.36
N CYS F 22 -32.51 -20.89 23.95
CA CYS F 22 -32.30 -19.71 24.79
C CYS F 22 -33.61 -18.93 24.84
N LYS F 23 -34.06 -18.62 26.05
CA LYS F 23 -35.34 -17.93 26.25
C LYS F 23 -35.09 -16.53 26.79
N ALA F 24 -35.81 -15.56 26.24
CA ALA F 24 -35.69 -14.16 26.63
C ALA F 24 -36.93 -13.71 27.39
N SER F 25 -36.73 -12.82 28.35
CA SER F 25 -37.83 -12.29 29.15
C SER F 25 -37.48 -10.88 29.60
N GLY F 26 -38.52 -10.12 29.95
CA GLY F 26 -38.35 -8.76 30.43
C GLY F 26 -38.24 -7.71 29.35
N TYR F 27 -38.27 -8.09 28.07
CA TYR F 27 -38.17 -7.14 26.98
C TYR F 27 -38.80 -7.74 25.74
N THR F 28 -39.07 -6.89 24.75
CA THR F 28 -39.67 -7.33 23.50
C THR F 28 -38.66 -8.15 22.69
N PHE F 29 -39.07 -9.35 22.29
CA PHE F 29 -38.15 -10.27 21.64
C PHE F 29 -37.70 -9.76 20.28
N THR F 30 -38.62 -9.16 19.52
CA THR F 30 -38.37 -8.79 18.13
C THR F 30 -37.87 -7.36 17.97
N ASP F 31 -37.13 -6.83 18.96
CA ASP F 31 -36.61 -5.47 18.88
C ASP F 31 -35.10 -5.40 18.95
N TYR F 32 -34.41 -6.52 19.14
CA TYR F 32 -32.96 -6.51 19.22
C TYR F 32 -32.40 -7.76 18.55
N TYR F 33 -31.14 -7.66 18.13
CA TYR F 33 -30.44 -8.81 17.59
C TYR F 33 -30.07 -9.80 18.69
N MET F 34 -29.86 -11.04 18.30
CA MET F 34 -29.43 -12.10 19.23
C MET F 34 -28.25 -12.83 18.61
N HIS F 35 -27.10 -12.75 19.28
CA HIS F 35 -25.87 -13.37 18.80
C HIS F 35 -25.60 -14.67 19.57
N TRP F 36 -24.94 -15.61 18.90
CA TRP F 36 -24.51 -16.86 19.49
C TRP F 36 -23.00 -16.90 19.52
N VAL F 37 -22.43 -17.08 20.72
CA VAL F 37 -20.99 -17.07 20.93
C VAL F 37 -20.61 -18.34 21.69
N ARG F 38 -19.65 -19.08 21.16
CA ARG F 38 -19.12 -20.28 21.79
C ARG F 38 -17.71 -20.01 22.30
N GLN F 39 -17.36 -20.61 23.43
CA GLN F 39 -16.06 -20.41 24.04
C GLN F 39 -15.43 -21.77 24.35
N ALA F 40 -14.27 -22.02 23.75
CA ALA F 40 -13.52 -23.24 24.03
C ALA F 40 -12.95 -23.20 25.44
N PRO F 41 -12.67 -24.38 26.03
CA PRO F 41 -12.12 -24.38 27.40
C PRO F 41 -10.81 -23.62 27.53
N GLY F 42 -9.96 -23.64 26.50
CA GLY F 42 -8.67 -22.96 26.59
C GLY F 42 -8.42 -21.94 25.50
N GLN F 43 -9.06 -22.10 24.34
CA GLN F 43 -8.80 -21.20 23.22
C GLN F 43 -9.33 -19.80 23.49
N GLY F 44 -10.58 -19.69 23.93
CA GLY F 44 -11.20 -18.42 24.24
C GLY F 44 -12.52 -18.27 23.53
N LEU F 45 -13.01 -17.03 23.50
CA LEU F 45 -14.30 -16.74 22.89
C LEU F 45 -14.22 -16.86 21.37
N GLU F 46 -15.33 -17.30 20.77
CA GLU F 46 -15.45 -17.42 19.33
C GLU F 46 -16.86 -17.04 18.91
N TRP F 47 -16.95 -16.30 17.80
CA TRP F 47 -18.23 -15.82 17.28
C TRP F 47 -18.71 -16.73 16.17
N MET F 48 -20.01 -17.04 16.19
CA MET F 48 -20.61 -17.94 15.20
C MET F 48 -21.60 -17.22 14.28
N GLY F 49 -22.60 -16.55 14.85
CA GLY F 49 -23.58 -15.88 14.01
C GLY F 49 -24.62 -15.19 14.86
N TRP F 50 -25.60 -14.60 14.18
CA TRP F 50 -26.68 -13.88 14.84
C TRP F 50 -27.91 -13.94 13.94
N ILE F 51 -29.07 -13.63 14.54
CA ILE F 51 -30.35 -13.69 13.86
C ILE F 51 -31.05 -12.36 13.98
N LYS F 52 -31.75 -11.96 12.92
CA LYS F 52 -32.56 -10.74 12.92
C LYS F 52 -34.03 -11.13 12.97
N PRO F 53 -34.72 -10.92 14.09
CA PRO F 53 -36.07 -11.48 14.26
C PRO F 53 -37.13 -10.82 13.40
N ASN F 54 -37.13 -9.48 13.35
CA ASN F 54 -38.21 -8.78 12.66
C ASN F 54 -38.18 -9.03 11.16
N SER F 55 -36.99 -9.03 10.56
CA SER F 55 -36.84 -9.23 9.12
C SER F 55 -36.63 -10.68 8.73
N GLY F 56 -36.50 -11.58 9.70
CA GLY F 56 -36.27 -12.98 9.40
C GLY F 56 -34.97 -13.24 8.67
N GLY F 57 -33.90 -12.53 9.06
CA GLY F 57 -32.60 -12.68 8.46
C GLY F 57 -31.62 -13.32 9.42
N THR F 58 -30.72 -14.13 8.87
CA THR F 58 -29.72 -14.84 9.66
C THR F 58 -28.35 -14.65 9.04
N ASN F 59 -27.33 -14.60 9.90
CA ASN F 59 -25.94 -14.48 9.48
C ASN F 59 -25.13 -15.57 10.15
N SER F 60 -24.19 -16.15 9.39
CA SER F 60 -23.36 -17.25 9.87
C SER F 60 -21.91 -17.01 9.49
N ALA F 61 -21.01 -17.59 10.27
CA ALA F 61 -19.59 -17.52 9.97
C ALA F 61 -19.26 -18.42 8.79
N GLN F 62 -18.14 -18.09 8.11
CA GLN F 62 -17.73 -18.86 6.94
C GLN F 62 -17.41 -20.30 7.30
N ARG F 63 -16.70 -20.50 8.41
CA ARG F 63 -16.33 -21.86 8.81
C ARG F 63 -17.54 -22.66 9.28
N PHE F 64 -18.46 -22.02 9.99
CA PHE F 64 -19.64 -22.71 10.51
C PHE F 64 -20.77 -22.83 9.50
N GLN F 65 -20.67 -22.17 8.35
CA GLN F 65 -21.74 -22.22 7.36
C GLN F 65 -21.84 -23.62 6.76
N GLY F 66 -23.07 -24.10 6.63
CA GLY F 66 -23.36 -25.40 6.05
C GLY F 66 -23.92 -26.41 7.03
N ARG F 67 -23.53 -26.32 8.30
CA ARG F 67 -23.96 -27.27 9.32
C ARG F 67 -24.56 -26.57 10.53
N ILE F 68 -25.06 -25.35 10.38
CA ILE F 68 -25.67 -24.60 11.47
C ILE F 68 -27.06 -24.14 11.04
N THR F 69 -28.02 -24.27 11.93
CA THR F 69 -29.39 -23.86 11.69
C THR F 69 -29.92 -23.12 12.92
N MET F 70 -30.50 -21.94 12.69
CA MET F 70 -31.03 -21.12 13.77
C MET F 70 -32.50 -20.82 13.48
N THR F 71 -33.35 -21.00 14.50
CA THR F 71 -34.78 -20.73 14.38
C THR F 71 -35.25 -20.06 15.67
N TRP F 72 -36.40 -19.39 15.58
CA TRP F 72 -36.94 -18.68 16.73
C TRP F 72 -38.46 -18.78 16.69
N ASP F 73 -39.07 -18.58 17.87
CA ASP F 73 -40.52 -18.59 18.03
C ASP F 73 -40.92 -17.33 18.79
N THR F 74 -41.64 -16.44 18.11
CA THR F 74 -42.03 -15.17 18.72
C THR F 74 -43.12 -15.33 19.78
N SER F 75 -43.96 -16.36 19.66
CA SER F 75 -45.06 -16.54 20.61
C SER F 75 -44.54 -16.79 22.02
N ILE F 76 -43.49 -17.61 22.15
CA ILE F 76 -42.90 -17.90 23.45
C ILE F 76 -41.59 -17.17 23.69
N SER F 77 -41.13 -16.39 22.70
CA SER F 77 -39.89 -15.61 22.81
C SER F 77 -38.70 -16.52 23.12
N THR F 78 -38.48 -17.49 22.24
CA THR F 78 -37.39 -18.45 22.39
C THR F 78 -36.65 -18.60 21.06
N ALA F 79 -35.37 -18.94 21.15
CA ALA F 79 -34.53 -19.14 19.98
C ALA F 79 -33.85 -20.49 20.08
N TYR F 80 -33.76 -21.21 18.96
CA TYR F 80 -33.17 -22.53 18.90
C TYR F 80 -32.03 -22.55 17.89
N MET F 81 -30.92 -23.19 18.27
CA MET F 81 -29.77 -23.34 17.40
C MET F 81 -29.44 -24.82 17.30
N GLU F 82 -29.29 -25.31 16.07
CA GLU F 82 -29.01 -26.72 15.81
C GLU F 82 -27.68 -26.85 15.07
N LEU F 83 -26.83 -27.75 15.55
CA LEU F 83 -25.54 -28.03 14.93
C LEU F 83 -25.45 -29.52 14.63
N SER F 84 -25.06 -29.85 13.41
CA SER F 84 -24.94 -31.22 12.96
C SER F 84 -23.50 -31.57 12.66
N ARG F 85 -23.23 -32.87 12.52
CA ARG F 85 -21.90 -33.40 12.24
C ARG F 85 -20.89 -32.95 13.30
N LEU F 86 -21.17 -33.36 14.54
CA LEU F 86 -20.31 -33.00 15.66
C LEU F 86 -18.94 -33.66 15.54
N ARG F 87 -17.93 -32.99 16.08
CA ARG F 87 -16.56 -33.48 16.06
C ARG F 87 -15.96 -33.33 17.46
N SER F 88 -14.74 -33.83 17.61
CA SER F 88 -14.07 -33.80 18.91
C SER F 88 -13.71 -32.38 19.35
N ASP F 89 -13.62 -31.43 18.42
CA ASP F 89 -13.28 -30.05 18.74
C ASP F 89 -14.52 -29.20 19.00
N ASP F 90 -15.71 -29.78 19.01
CA ASP F 90 -16.95 -29.05 19.22
C ASP F 90 -17.30 -28.90 20.70
N THR F 91 -16.47 -29.43 21.59
CA THR F 91 -16.73 -29.32 23.02
C THR F 91 -16.39 -27.91 23.49
N ALA F 92 -17.40 -27.15 23.87
CA ALA F 92 -17.22 -25.77 24.29
C ALA F 92 -18.44 -25.35 25.09
N VAL F 93 -18.52 -24.05 25.41
CA VAL F 93 -19.64 -23.48 26.15
C VAL F 93 -20.29 -22.43 25.25
N TYR F 94 -21.61 -22.53 25.10
CA TYR F 94 -22.36 -21.68 24.19
C TYR F 94 -23.13 -20.62 24.97
N TYR F 95 -23.10 -19.39 24.48
CA TYR F 95 -23.76 -18.26 25.10
C TYR F 95 -24.69 -17.57 24.11
N CYS F 96 -25.86 -17.16 24.57
CA CYS F 96 -26.78 -16.34 23.80
C CYS F 96 -26.79 -14.93 24.38
N SER F 97 -26.60 -13.94 23.52
CA SER F 97 -26.45 -12.56 23.95
C SER F 97 -27.32 -11.64 23.12
N ARG F 98 -27.72 -10.52 23.72
CA ARG F 98 -28.54 -9.51 23.08
C ARG F 98 -27.75 -8.22 22.94
N GLY F 99 -27.79 -7.61 21.75
CA GLY F 99 -27.10 -6.35 21.54
C GLY F 99 -27.43 -5.70 20.21
N GLY F 100 -27.75 -4.41 20.25
CA GLY F 100 -28.00 -3.64 19.05
C GLY F 100 -29.47 -3.50 18.73
N PRO F 101 -29.95 -2.26 18.72
CA PRO F 101 -31.34 -2.01 18.31
C PRO F 101 -31.54 -2.35 16.84
N VAL F 102 -32.75 -2.78 16.50
CA VAL F 102 -33.06 -3.24 15.15
C VAL F 102 -33.78 -2.17 14.33
N MET F 103 -34.29 -1.12 14.96
CA MET F 103 -35.05 -0.10 14.22
C MET F 103 -34.19 0.61 13.20
N ASN F 104 -32.95 0.96 13.58
CA ASN F 104 -32.06 1.72 12.70
C ASN F 104 -30.87 0.87 12.24
N TYR F 105 -30.95 -0.44 12.38
CA TYR F 105 -29.91 -1.38 11.91
C TYR F 105 -28.57 -1.06 12.56
N TYR F 106 -28.58 -1.02 13.90
CA TYR F 106 -27.36 -0.78 14.68
C TYR F 106 -26.75 -2.11 15.10
N TYR F 107 -26.23 -2.83 14.12
CA TYR F 107 -25.67 -4.15 14.34
C TYR F 107 -24.28 -4.11 14.96
N TYR F 108 -23.64 -2.95 15.02
CA TYR F 108 -22.29 -2.84 15.55
C TYR F 108 -22.25 -2.56 17.06
N TYR F 109 -23.40 -2.48 17.71
CA TYR F 109 -23.43 -2.23 19.15
C TYR F 109 -22.93 -3.45 19.91
N GLY F 110 -22.44 -3.20 21.12
CA GLY F 110 -21.91 -4.27 21.95
C GLY F 110 -23.00 -5.11 22.58
N MET F 111 -22.58 -6.27 23.09
CA MET F 111 -23.48 -7.23 23.71
C MET F 111 -23.49 -6.97 25.22
N ASP F 112 -24.64 -6.54 25.73
CA ASP F 112 -24.75 -6.13 27.12
C ASP F 112 -25.42 -7.16 28.03
N VAL F 113 -26.16 -8.12 27.47
CA VAL F 113 -26.84 -9.14 28.24
C VAL F 113 -26.35 -10.50 27.77
N TRP F 114 -25.94 -11.34 28.72
CA TRP F 114 -25.41 -12.66 28.42
C TRP F 114 -26.13 -13.71 29.25
N GLY F 115 -26.20 -14.92 28.71
CA GLY F 115 -26.82 -16.04 29.40
C GLY F 115 -25.85 -16.76 30.32
N GLN F 116 -26.37 -17.75 31.04
CA GLN F 116 -25.55 -18.52 31.96
C GLN F 116 -24.62 -19.49 31.24
N GLY F 117 -24.94 -19.87 30.01
CA GLY F 117 -24.09 -20.75 29.24
C GLY F 117 -24.57 -22.18 29.24
N THR F 118 -24.27 -22.89 28.16
CA THR F 118 -24.62 -24.30 28.01
C THR F 118 -23.36 -25.09 27.66
N THR F 119 -23.09 -26.14 28.41
CA THR F 119 -21.91 -26.96 28.21
C THR F 119 -22.26 -28.17 27.35
N VAL F 120 -21.55 -28.34 26.24
CA VAL F 120 -21.76 -29.46 25.33
C VAL F 120 -20.43 -30.21 25.19
N THR F 121 -20.46 -31.51 25.43
CA THR F 121 -19.29 -32.36 25.33
C THR F 121 -19.51 -33.42 24.28
N VAL F 122 -18.56 -33.56 23.36
CA VAL F 122 -18.62 -34.54 22.29
C VAL F 122 -17.43 -35.48 22.44
N SER F 123 -17.70 -36.74 22.72
CA SER F 123 -16.65 -37.74 22.87
C SER F 123 -17.27 -39.13 22.71
N SER F 124 -16.40 -40.11 22.47
CA SER F 124 -16.80 -41.50 22.30
C SER F 124 -16.41 -42.24 23.58
N ALA F 125 -17.31 -42.27 24.55
CA ALA F 125 -17.07 -42.94 25.83
C ALA F 125 -18.42 -43.29 26.45
N SER F 126 -18.40 -43.69 27.72
CA SER F 126 -19.61 -44.07 28.43
C SER F 126 -19.43 -43.73 29.91
N THR F 127 -20.56 -43.66 30.61
CA THR F 127 -20.54 -43.36 32.04
C THR F 127 -19.80 -44.45 32.80
N LYS F 128 -18.90 -44.03 33.70
CA LYS F 128 -18.10 -44.97 34.48
C LYS F 128 -17.85 -44.37 35.85
N GLY F 129 -17.84 -45.23 36.87
CA GLY F 129 -17.61 -44.80 38.23
C GLY F 129 -16.17 -44.49 38.50
N PRO F 130 -15.91 -43.48 39.33
CA PRO F 130 -14.53 -43.10 39.66
C PRO F 130 -13.88 -44.10 40.62
N SER F 131 -12.55 -44.08 40.61
CA SER F 131 -11.75 -44.88 41.50
C SER F 131 -10.91 -43.96 42.38
N VAL F 132 -10.94 -44.19 43.69
CA VAL F 132 -10.27 -43.34 44.66
C VAL F 132 -9.08 -44.08 45.23
N PHE F 133 -7.90 -43.46 45.17
CA PHE F 133 -6.67 -44.03 45.70
C PHE F 133 -6.06 -43.04 46.68
N PRO F 134 -5.83 -43.44 47.93
CA PRO F 134 -5.23 -42.53 48.90
C PRO F 134 -3.78 -42.22 48.56
N LEU F 135 -3.34 -41.03 48.97
CA LEU F 135 -1.97 -40.57 48.75
C LEU F 135 -1.39 -40.13 50.08
N ALA F 136 -0.39 -40.87 50.57
CA ALA F 136 0.26 -40.56 51.83
C ALA F 136 1.77 -40.63 51.66
N PRO F 137 2.51 -39.83 52.43
CA PRO F 137 3.97 -39.88 52.34
C PRO F 137 4.52 -41.21 52.81
N CYS F 138 5.64 -41.61 52.22
CA CYS F 138 6.29 -42.88 52.57
C CYS F 138 6.95 -42.79 53.94
N THR F 146 5.43 -30.28 58.94
CA THR F 146 4.34 -30.17 57.98
C THR F 146 4.19 -31.46 57.17
N ALA F 147 2.97 -31.97 57.08
CA ALA F 147 2.68 -33.18 56.34
C ALA F 147 1.56 -32.92 55.35
N ALA F 148 1.57 -33.66 54.26
CA ALA F 148 0.57 -33.52 53.19
C ALA F 148 -0.11 -34.85 52.93
N LEU F 149 -1.43 -34.80 52.80
CA LEU F 149 -2.24 -35.97 52.47
C LEU F 149 -3.23 -35.59 51.38
N GLY F 150 -3.73 -36.60 50.68
CA GLY F 150 -4.67 -36.34 49.60
C GLY F 150 -5.27 -37.62 49.06
N CYS F 151 -6.30 -37.45 48.24
CA CYS F 151 -6.99 -38.56 47.59
C CYS F 151 -7.02 -38.29 46.09
N LEU F 152 -6.77 -39.32 45.30
CA LEU F 152 -6.72 -39.22 43.85
C LEU F 152 -7.90 -39.95 43.24
N VAL F 153 -8.67 -39.27 42.40
CA VAL F 153 -9.80 -39.85 41.69
C VAL F 153 -9.44 -39.97 40.22
N LYS F 154 -9.70 -41.14 39.64
CA LYS F 154 -9.29 -41.43 38.28
C LYS F 154 -10.35 -42.29 37.61
N ASP F 155 -10.38 -42.23 36.28
CA ASP F 155 -11.27 -43.05 35.44
C ASP F 155 -12.74 -42.81 35.79
N TYR F 156 -13.18 -41.58 35.53
CA TYR F 156 -14.58 -41.21 35.70
C TYR F 156 -15.06 -40.45 34.48
N PHE F 157 -16.38 -40.52 34.23
CA PHE F 157 -17.00 -39.84 33.12
C PHE F 157 -18.50 -39.84 33.33
N PRO F 158 -19.21 -38.72 33.10
CA PRO F 158 -18.63 -37.43 32.71
C PRO F 158 -18.48 -36.45 33.88
N GLU F 159 -18.13 -35.22 33.56
CA GLU F 159 -18.02 -34.16 34.55
C GLU F 159 -19.41 -33.76 35.06
N PRO F 160 -19.50 -33.16 36.26
CA PRO F 160 -18.42 -32.88 37.21
C PRO F 160 -18.38 -33.84 38.41
N VAL F 161 -17.34 -33.70 39.24
CA VAL F 161 -17.18 -34.48 40.45
C VAL F 161 -16.85 -33.53 41.60
N THR F 162 -17.53 -33.70 42.73
CA THR F 162 -17.31 -32.90 43.91
C THR F 162 -16.62 -33.75 44.98
N VAL F 163 -15.55 -33.22 45.56
CA VAL F 163 -14.78 -33.92 46.58
C VAL F 163 -14.73 -33.06 47.83
N SER F 164 -14.88 -33.70 48.99
CA SER F 164 -14.86 -33.01 50.27
C SER F 164 -14.06 -33.83 51.26
N TRP F 165 -13.56 -33.16 52.30
CA TRP F 165 -12.74 -33.78 53.33
C TRP F 165 -13.50 -33.75 54.66
N ASN F 166 -13.64 -34.93 55.27
CA ASN F 166 -14.30 -35.07 56.57
C ASN F 166 -15.72 -34.50 56.55
N SER F 167 -16.40 -34.69 55.43
CA SER F 167 -17.77 -34.19 55.23
C SER F 167 -17.85 -32.69 55.49
N GLY F 168 -16.85 -31.96 55.02
CA GLY F 168 -16.81 -30.52 55.17
C GLY F 168 -16.27 -30.02 56.50
N ALA F 169 -15.90 -30.91 57.42
CA ALA F 169 -15.34 -30.48 58.68
C ALA F 169 -13.99 -29.79 58.50
N LEU F 170 -13.16 -30.33 57.62
CA LEU F 170 -11.83 -29.78 57.34
C LEU F 170 -11.86 -29.11 55.97
N THR F 171 -11.61 -27.80 55.95
CA THR F 171 -11.60 -27.04 54.70
C THR F 171 -10.35 -26.19 54.51
N SER F 172 -9.65 -25.81 55.58
CA SER F 172 -8.45 -25.00 55.45
C SER F 172 -7.31 -25.81 54.84
N GLY F 173 -6.61 -25.21 53.89
CA GLY F 173 -5.49 -25.87 53.25
C GLY F 173 -5.86 -26.96 52.28
N VAL F 174 -7.08 -26.98 51.77
CA VAL F 174 -7.55 -27.97 50.82
C VAL F 174 -7.44 -27.39 49.42
N HIS F 175 -6.73 -28.08 48.55
CA HIS F 175 -6.53 -27.64 47.17
C HIS F 175 -7.07 -28.72 46.23
N THR F 176 -7.90 -28.32 45.29
CA THR F 176 -8.48 -29.23 44.30
C THR F 176 -7.95 -28.83 42.92
N PHE F 177 -7.13 -29.70 42.33
CA PHE F 177 -6.55 -29.41 41.03
C PHE F 177 -7.58 -29.61 39.92
N PRO F 178 -7.49 -28.84 38.83
CA PRO F 178 -8.42 -29.02 37.73
C PRO F 178 -8.27 -30.38 37.06
N ALA F 179 -9.37 -30.88 36.53
CA ALA F 179 -9.37 -32.17 35.87
C ALA F 179 -8.57 -32.10 34.57
N VAL F 180 -7.95 -33.23 34.22
CA VAL F 180 -7.15 -33.35 33.00
C VAL F 180 -7.72 -34.48 32.15
N LEU F 181 -7.77 -34.27 30.85
CA LEU F 181 -8.29 -35.27 29.92
C LEU F 181 -7.20 -36.27 29.56
N GLN F 182 -7.40 -37.53 29.96
CA GLN F 182 -6.43 -38.57 29.67
C GLN F 182 -6.51 -38.99 28.20
N SER F 183 -5.48 -39.69 27.74
CA SER F 183 -5.43 -40.15 26.36
C SER F 183 -6.47 -41.23 26.07
N SER F 184 -6.97 -41.90 27.10
CA SER F 184 -7.97 -42.95 26.91
C SER F 184 -9.39 -42.40 26.80
N GLY F 185 -9.57 -41.09 26.98
CA GLY F 185 -10.89 -40.49 26.92
C GLY F 185 -11.57 -40.25 28.25
N LEU F 186 -10.87 -40.46 29.35
CA LEU F 186 -11.42 -40.27 30.69
C LEU F 186 -10.75 -39.07 31.35
N TYR F 187 -11.13 -38.83 32.61
CA TYR F 187 -10.65 -37.68 33.36
C TYR F 187 -10.10 -38.12 34.70
N SER F 188 -9.23 -37.30 35.27
CA SER F 188 -8.64 -37.59 36.57
C SER F 188 -8.18 -36.29 37.22
N LEU F 189 -8.24 -36.24 38.54
CA LEU F 189 -7.77 -35.09 39.31
C LEU F 189 -7.42 -35.58 40.71
N SER F 190 -6.73 -34.72 41.47
CA SER F 190 -6.33 -35.05 42.83
C SER F 190 -6.57 -33.85 43.73
N SER F 191 -7.07 -34.11 44.93
CA SER F 191 -7.28 -33.10 45.96
C SER F 191 -6.34 -33.37 47.12
N VAL F 192 -5.63 -32.34 47.56
CA VAL F 192 -4.63 -32.48 48.60
C VAL F 192 -4.95 -31.54 49.75
N VAL F 193 -4.46 -31.89 50.93
CA VAL F 193 -4.65 -31.10 52.15
C VAL F 193 -3.34 -31.07 52.93
N THR F 194 -3.03 -29.93 53.51
CA THR F 194 -1.82 -29.74 54.30
C THR F 194 -2.20 -29.70 55.78
N VAL F 195 -1.56 -30.55 56.58
CA VAL F 195 -1.86 -30.65 58.01
C VAL F 195 -0.56 -30.64 58.80
N PRO F 196 -0.57 -30.23 60.07
CA PRO F 196 0.65 -30.27 60.87
C PRO F 196 1.15 -31.69 61.06
N SER F 197 2.48 -31.82 61.19
CA SER F 197 3.09 -33.13 61.35
C SER F 197 2.65 -33.80 62.64
N SER F 198 2.44 -33.01 63.70
CA SER F 198 2.05 -33.57 64.99
C SER F 198 0.68 -34.23 64.96
N SER F 199 -0.15 -33.89 63.96
CA SER F 199 -1.49 -34.46 63.83
C SER F 199 -1.52 -35.67 62.91
N LEU F 200 -0.43 -36.43 62.82
CA LEU F 200 -0.39 -37.58 61.92
C LEU F 200 -1.30 -38.71 62.40
N GLY F 201 -1.47 -38.84 63.72
CA GLY F 201 -2.28 -39.91 64.25
C GLY F 201 -3.28 -39.45 65.30
N THR F 202 -3.21 -38.18 65.69
CA THR F 202 -4.14 -37.66 66.68
C THR F 202 -5.58 -37.65 66.15
N LYS F 203 -5.76 -37.30 64.89
CA LYS F 203 -7.08 -37.24 64.27
C LYS F 203 -7.09 -38.08 63.00
N THR F 204 -8.25 -38.66 62.70
CA THR F 204 -8.43 -39.48 61.51
C THR F 204 -8.73 -38.60 60.30
N TYR F 205 -8.46 -39.16 59.12
CA TYR F 205 -8.67 -38.46 57.87
C TYR F 205 -9.54 -39.31 56.95
N THR F 206 -10.50 -38.67 56.29
CA THR F 206 -11.41 -39.35 55.38
C THR F 206 -11.84 -38.39 54.29
N CYS F 207 -11.70 -38.82 53.04
CA CYS F 207 -12.10 -38.02 51.88
C CYS F 207 -13.37 -38.59 51.27
N ASN F 208 -14.32 -37.71 50.96
CA ASN F 208 -15.60 -38.09 50.40
C ASN F 208 -15.68 -37.61 48.97
N VAL F 209 -16.09 -38.50 48.06
CA VAL F 209 -16.22 -38.18 46.64
C VAL F 209 -17.69 -38.37 46.25
N ASP F 210 -18.11 -37.58 45.27
CA ASP F 210 -19.50 -37.61 44.79
C ASP F 210 -19.51 -37.41 43.29
N HIS F 211 -20.05 -38.40 42.57
CA HIS F 211 -20.19 -38.34 41.12
C HIS F 211 -21.68 -38.49 40.80
N LYS F 212 -22.36 -37.37 40.59
CA LYS F 212 -23.81 -37.39 40.39
C LYS F 212 -24.24 -38.21 39.18
N PRO F 213 -23.63 -38.08 37.99
CA PRO F 213 -24.10 -38.91 36.87
C PRO F 213 -23.98 -40.40 37.13
N SER F 214 -22.96 -40.85 37.84
CA SER F 214 -22.79 -42.27 38.15
C SER F 214 -23.35 -42.67 39.50
N ASN F 215 -23.75 -41.70 40.33
CA ASN F 215 -24.28 -41.95 41.67
C ASN F 215 -23.31 -42.80 42.49
N THR F 216 -22.11 -42.27 42.68
CA THR F 216 -21.03 -42.97 43.38
C THR F 216 -20.93 -42.44 44.81
N LYS F 217 -21.09 -43.34 45.77
CA LYS F 217 -20.99 -43.03 47.20
C LYS F 217 -19.77 -43.76 47.75
N VAL F 218 -18.63 -43.08 47.79
CA VAL F 218 -17.38 -43.68 48.27
C VAL F 218 -16.79 -42.77 49.35
N ASP F 219 -16.49 -43.36 50.50
CA ASP F 219 -15.84 -42.65 51.61
C ASP F 219 -14.52 -43.37 51.89
N LYS F 220 -13.43 -42.82 51.38
CA LYS F 220 -12.12 -43.44 51.48
C LYS F 220 -11.35 -42.85 52.66
N ARG F 221 -10.77 -43.72 53.48
CA ARG F 221 -9.98 -43.32 54.64
C ARG F 221 -8.50 -43.40 54.29
N VAL F 222 -7.77 -42.33 54.56
CA VAL F 222 -6.34 -42.29 54.28
C VAL F 222 -5.57 -43.11 55.32
N ASN G 1 -10.48 -12.57 7.28
CA ASN G 1 -11.14 -11.31 7.58
C ASN G 1 -10.15 -10.31 8.16
N ILE G 2 -10.43 -9.83 9.37
CA ILE G 2 -9.59 -8.87 10.07
C ILE G 2 -9.07 -9.52 11.34
N GLN G 3 -7.75 -9.52 11.51
CA GLN G 3 -7.11 -10.11 12.67
C GLN G 3 -6.81 -9.04 13.70
N MET G 4 -7.11 -9.33 14.97
CA MET G 4 -6.90 -8.38 16.06
C MET G 4 -5.82 -8.93 16.99
N THR G 5 -4.91 -8.06 17.39
CA THR G 5 -3.78 -8.43 18.24
C THR G 5 -3.84 -7.63 19.54
N GLN G 6 -3.55 -8.31 20.65
CA GLN G 6 -3.55 -7.69 21.97
C GLN G 6 -2.12 -7.64 22.52
N SER G 7 -1.79 -6.52 23.17
CA SER G 7 -0.48 -6.32 23.75
C SER G 7 -0.64 -5.61 25.09
N PRO G 8 -0.01 -6.10 26.16
CA PRO G 8 0.83 -7.31 26.15
C PRO G 8 0.02 -8.58 26.40
N SER G 9 0.67 -9.74 26.34
CA SER G 9 -0.03 -10.99 26.62
C SER G 9 -0.49 -11.04 28.07
N SER G 10 0.35 -10.61 29.00
CA SER G 10 -0.01 -10.59 30.40
C SER G 10 0.84 -9.55 31.12
N LEU G 11 0.35 -9.10 32.27
CA LEU G 11 1.07 -8.12 33.08
C LEU G 11 0.60 -8.23 34.51
N SER G 12 1.40 -7.66 35.41
CA SER G 12 1.11 -7.67 36.84
C SER G 12 1.25 -6.26 37.40
N ALA G 13 0.31 -5.88 38.27
CA ALA G 13 0.34 -4.56 38.89
C ALA G 13 -0.32 -4.65 40.26
N SER G 14 0.01 -3.69 41.12
CA SER G 14 -0.52 -3.65 42.46
C SER G 14 -1.80 -2.82 42.52
N VAL G 15 -2.41 -2.80 43.71
CA VAL G 15 -3.65 -2.04 43.90
C VAL G 15 -3.34 -0.56 43.88
N GLY G 16 -4.09 0.19 43.07
CA GLY G 16 -3.91 1.63 42.97
C GLY G 16 -2.98 2.08 41.88
N ASP G 17 -2.51 1.17 41.02
CA ASP G 17 -1.60 1.53 39.94
C ASP G 17 -2.39 1.83 38.68
N ARG G 18 -1.68 2.05 37.57
CA ARG G 18 -2.31 2.35 36.28
C ARG G 18 -1.79 1.38 35.23
N VAL G 19 -2.70 0.82 34.44
CA VAL G 19 -2.35 -0.15 33.42
C VAL G 19 -2.95 0.28 32.10
N THR G 20 -2.36 -0.18 31.00
CA THR G 20 -2.81 0.16 29.67
C THR G 20 -2.72 -1.08 28.78
N ILE G 21 -3.76 -1.33 28.00
CA ILE G 21 -3.82 -2.46 27.08
C ILE G 21 -4.03 -1.91 25.67
N THR G 22 -3.21 -2.36 24.73
CA THR G 22 -3.25 -1.89 23.36
C THR G 22 -3.80 -2.97 22.44
N CYS G 23 -4.72 -2.58 21.56
CA CYS G 23 -5.31 -3.47 20.57
C CYS G 23 -4.97 -2.96 19.18
N ARG G 24 -4.49 -3.85 18.33
CA ARG G 24 -4.06 -3.52 16.98
C ARG G 24 -4.91 -4.27 15.95
N ALA G 25 -5.30 -3.57 14.89
CA ALA G 25 -6.12 -4.14 13.84
C ALA G 25 -5.31 -4.26 12.56
N SER G 26 -5.52 -5.36 11.83
CA SER G 26 -4.82 -5.56 10.57
C SER G 26 -5.28 -4.57 9.50
N GLN G 27 -6.54 -4.16 9.55
CA GLN G 27 -7.10 -3.21 8.61
C GLN G 27 -7.53 -1.94 9.36
N SER G 28 -8.17 -1.03 8.64
CA SER G 28 -8.57 0.26 9.19
C SER G 28 -10.03 0.23 9.59
N ILE G 29 -10.29 0.48 10.88
CA ILE G 29 -11.65 0.61 11.40
C ILE G 29 -11.75 1.93 12.13
N ASP G 30 -12.74 2.74 11.78
CA ASP G 30 -12.88 4.09 12.34
C ASP G 30 -13.11 4.06 13.84
N SER G 31 -14.24 3.50 14.28
CA SER G 31 -14.55 3.44 15.70
C SER G 31 -15.32 2.17 16.05
N TYR G 32 -15.11 1.08 15.30
CA TYR G 32 -15.84 -0.16 15.52
C TYR G 32 -15.03 -1.05 16.46
N LEU G 33 -15.15 -0.77 17.75
CA LEU G 33 -14.44 -1.51 18.78
C LEU G 33 -15.30 -1.62 20.03
N ASN G 34 -15.25 -2.78 20.67
CA ASN G 34 -15.92 -3.02 21.93
C ASN G 34 -14.96 -3.71 22.89
N TRP G 35 -15.06 -3.37 24.16
CA TRP G 35 -14.19 -3.92 25.20
C TRP G 35 -15.01 -4.77 26.16
N TYR G 36 -14.53 -5.98 26.43
CA TYR G 36 -15.21 -6.91 27.32
C TYR G 36 -14.27 -7.37 28.41
N GLN G 37 -14.84 -7.62 29.60
CA GLN G 37 -14.10 -8.16 30.72
C GLN G 37 -14.80 -9.43 31.20
N GLN G 38 -14.03 -10.51 31.34
CA GLN G 38 -14.57 -11.80 31.72
C GLN G 38 -13.76 -12.38 32.87
N LYS G 39 -14.45 -12.79 33.93
CA LYS G 39 -13.89 -13.50 35.07
C LYS G 39 -14.01 -15.01 34.86
N PRO G 40 -13.14 -15.81 35.46
CA PRO G 40 -13.22 -17.26 35.25
C PRO G 40 -14.52 -17.83 35.79
N GLY G 41 -15.19 -18.62 34.95
CA GLY G 41 -16.46 -19.21 35.30
C GLY G 41 -17.67 -18.31 35.15
N LYS G 42 -17.48 -17.07 34.71
CA LYS G 42 -18.56 -16.11 34.58
C LYS G 42 -18.61 -15.58 33.15
N ALA G 43 -19.79 -15.12 32.75
CA ALA G 43 -19.98 -14.58 31.42
C ALA G 43 -19.26 -13.24 31.27
N PRO G 44 -18.81 -12.91 30.06
CA PRO G 44 -18.14 -11.62 29.84
C PRO G 44 -19.10 -10.45 30.03
N LYS G 45 -18.52 -9.30 30.37
CA LYS G 45 -19.27 -8.07 30.60
C LYS G 45 -18.70 -6.96 29.75
N LEU G 46 -19.59 -6.18 29.12
CA LEU G 46 -19.17 -5.11 28.23
C LEU G 46 -18.87 -3.85 29.04
N LEU G 47 -17.67 -3.29 28.82
CA LEU G 47 -17.22 -2.09 29.53
C LEU G 47 -17.36 -0.85 28.65
N ILE G 48 -16.70 -0.83 27.48
CA ILE G 48 -16.68 0.33 26.60
C ILE G 48 -17.17 -0.09 25.22
N TYR G 49 -18.06 0.71 24.64
CA TYR G 49 -18.56 0.47 23.29
C TYR G 49 -18.24 1.65 22.39
N VAL G 50 -18.11 1.35 21.10
CA VAL G 50 -17.68 2.27 20.05
C VAL G 50 -16.38 2.95 20.51
N ALA G 51 -15.57 2.21 21.28
CA ALA G 51 -14.18 2.54 21.56
C ALA G 51 -14.01 3.82 22.38
N SER G 52 -15.10 4.55 22.64
CA SER G 52 -15.01 5.80 23.38
C SER G 52 -16.13 5.99 24.39
N SER G 53 -17.21 5.23 24.31
CA SER G 53 -18.36 5.45 25.17
C SER G 53 -18.41 4.41 26.28
N LEU G 54 -18.74 4.87 27.48
CA LEU G 54 -18.80 4.03 28.66
C LEU G 54 -20.24 3.64 28.96
N GLN G 55 -20.48 2.34 29.10
CA GLN G 55 -21.82 1.85 29.41
C GLN G 55 -22.23 2.26 30.81
N SER G 56 -23.53 2.55 30.97
CA SER G 56 -24.06 2.90 32.28
C SER G 56 -23.89 1.74 33.26
N GLY G 57 -23.56 2.06 34.50
CA GLY G 57 -23.28 1.06 35.50
C GLY G 57 -21.85 0.59 35.57
N VAL G 58 -20.94 1.24 34.86
CA VAL G 58 -19.52 0.88 34.85
C VAL G 58 -18.74 2.00 35.53
N PRO G 59 -17.79 1.68 36.40
CA PRO G 59 -17.01 2.74 37.06
C PRO G 59 -16.29 3.62 36.05
N SER G 60 -16.19 4.90 36.38
CA SER G 60 -15.59 5.90 35.49
C SER G 60 -14.08 5.73 35.36
N ARG G 61 -13.45 4.89 36.19
CA ARG G 61 -12.00 4.73 36.09
C ARG G 61 -11.57 4.15 34.74
N PHE G 62 -12.42 3.33 34.13
CA PHE G 62 -12.12 2.79 32.81
C PHE G 62 -12.23 3.87 31.76
N SER G 63 -11.29 3.87 30.82
CA SER G 63 -11.27 4.85 29.73
C SER G 63 -10.80 4.19 28.45
N GLY G 64 -11.27 4.72 27.34
CA GLY G 64 -10.89 4.20 26.03
C GLY G 64 -10.55 5.32 25.07
N SER G 65 -9.61 5.06 24.17
CA SER G 65 -9.16 6.04 23.20
C SER G 65 -8.55 5.31 22.02
N GLY G 66 -8.23 6.08 20.97
CA GLY G 66 -7.62 5.55 19.77
C GLY G 66 -8.60 5.43 18.62
N SER G 67 -8.04 5.41 17.41
CA SER G 67 -8.82 5.30 16.20
C SER G 67 -7.92 4.75 15.09
N GLY G 68 -8.55 4.20 14.06
CA GLY G 68 -7.82 3.65 12.94
C GLY G 68 -7.36 2.23 13.16
N LYS G 69 -6.07 2.06 13.45
CA LYS G 69 -5.50 0.74 13.70
C LYS G 69 -4.92 0.59 15.09
N ASP G 70 -4.84 1.66 15.88
CA ASP G 70 -4.28 1.63 17.22
C ASP G 70 -5.34 2.08 18.22
N PHE G 71 -5.57 1.26 19.24
CA PHE G 71 -6.52 1.57 20.30
C PHE G 71 -5.89 1.25 21.65
N THR G 72 -6.25 2.05 22.65
CA THR G 72 -5.71 1.91 23.99
C THR G 72 -6.84 1.89 25.01
N LEU G 73 -6.73 0.99 25.98
CA LEU G 73 -7.66 0.93 27.11
C LEU G 73 -6.85 1.18 28.38
N THR G 74 -7.25 2.19 29.14
CA THR G 74 -6.52 2.63 30.33
C THR G 74 -7.39 2.43 31.56
N ILE G 75 -6.82 1.79 32.58
CA ILE G 75 -7.49 1.59 33.87
C ILE G 75 -6.63 2.24 34.94
N SER G 76 -7.25 3.14 35.70
CA SER G 76 -6.57 3.86 36.77
C SER G 76 -7.24 3.53 38.11
N SER G 77 -6.45 3.60 39.18
CA SER G 77 -6.90 3.28 40.54
C SER G 77 -7.48 1.87 40.59
N LEU G 78 -6.57 0.91 40.38
CA LEU G 78 -6.95 -0.49 40.32
C LEU G 78 -7.56 -0.94 41.64
N GLN G 79 -8.54 -1.83 41.55
CA GLN G 79 -9.30 -2.35 42.67
C GLN G 79 -9.23 -3.88 42.66
N PRO G 80 -9.41 -4.52 43.81
CA PRO G 80 -9.28 -5.98 43.87
C PRO G 80 -10.25 -6.74 42.98
N GLU G 81 -11.37 -6.12 42.57
CA GLU G 81 -12.33 -6.76 41.70
C GLU G 81 -12.11 -6.43 40.24
N ASP G 82 -11.00 -5.76 39.90
CA ASP G 82 -10.70 -5.38 38.53
C ASP G 82 -9.70 -6.33 37.86
N PHE G 83 -9.40 -7.46 38.49
CA PHE G 83 -8.44 -8.42 37.95
C PHE G 83 -9.19 -9.51 37.20
N ALA G 84 -9.13 -9.46 35.87
CA ALA G 84 -9.81 -10.43 35.02
C ALA G 84 -9.17 -10.37 33.63
N THR G 85 -9.80 -11.03 32.66
CA THR G 85 -9.32 -11.08 31.29
C THR G 85 -10.06 -10.04 30.46
N TYR G 86 -9.32 -9.32 29.62
CA TYR G 86 -9.87 -8.25 28.80
C TYR G 86 -9.75 -8.62 27.32
N TYR G 87 -10.80 -8.34 26.57
CA TYR G 87 -10.86 -8.64 25.14
C TYR G 87 -11.27 -7.39 24.37
N CYS G 88 -10.64 -7.17 23.22
CA CYS G 88 -11.03 -6.12 22.29
C CYS G 88 -11.64 -6.76 21.05
N GLN G 89 -12.85 -6.33 20.69
CA GLN G 89 -13.61 -6.93 19.61
C GLN G 89 -14.00 -5.86 18.60
N GLN G 90 -13.73 -6.13 17.33
CA GLN G 90 -14.15 -5.25 16.25
C GLN G 90 -15.56 -5.59 15.81
N SER G 91 -16.31 -4.57 15.37
CA SER G 91 -17.70 -4.76 14.98
C SER G 91 -17.99 -4.19 13.59
N TYR G 92 -16.95 -3.96 12.78
CA TYR G 92 -17.17 -3.45 11.43
C TYR G 92 -17.90 -4.47 10.56
N SER G 93 -17.41 -5.71 10.53
CA SER G 93 -18.02 -6.78 9.76
C SER G 93 -17.46 -8.13 10.19
N ILE G 94 -18.35 -9.10 10.43
CA ILE G 94 -17.97 -10.43 10.91
C ILE G 94 -17.12 -10.26 12.17
N PRO G 95 -17.73 -9.91 13.30
CA PRO G 95 -16.94 -9.59 14.50
C PRO G 95 -16.06 -10.75 14.94
N THR G 96 -14.84 -10.41 15.38
CA THR G 96 -13.88 -11.38 15.86
C THR G 96 -13.31 -10.90 17.19
N PHE G 97 -13.00 -11.86 18.06
CA PHE G 97 -12.46 -11.58 19.38
C PHE G 97 -10.95 -11.72 19.40
N GLY G 98 -10.33 -11.16 20.45
CA GLY G 98 -8.90 -11.26 20.62
C GLY G 98 -8.48 -12.51 21.39
N GLN G 99 -7.18 -12.64 21.58
CA GLN G 99 -6.62 -13.78 22.29
C GLN G 99 -6.71 -13.63 23.81
N GLY G 100 -7.00 -12.44 24.31
CA GLY G 100 -7.12 -12.22 25.73
C GLY G 100 -5.86 -11.62 26.34
N THR G 101 -6.03 -11.02 27.51
CA THR G 101 -4.92 -10.40 28.23
C THR G 101 -5.20 -10.52 29.72
N ARG G 102 -4.36 -11.29 30.43
CA ARG G 102 -4.52 -11.46 31.86
C ARG G 102 -3.97 -10.25 32.61
N LEU G 103 -4.40 -10.11 33.85
CA LEU G 103 -3.98 -8.99 34.69
C LEU G 103 -4.16 -9.40 36.15
N GLU G 104 -3.05 -9.60 36.86
CA GLU G 104 -3.06 -10.09 38.23
C GLU G 104 -2.23 -9.16 39.11
N ILE G 105 -2.20 -9.47 40.41
CA ILE G 105 -1.48 -8.66 41.38
C ILE G 105 0.00 -9.01 41.36
N LYS G 106 0.82 -8.18 42.00
CA LYS G 106 2.25 -8.42 42.12
C LYS G 106 2.60 -8.68 43.58
N ARG G 107 3.37 -9.74 43.82
CA ARG G 107 3.74 -10.14 45.17
C ARG G 107 5.20 -10.59 45.19
N THR G 108 5.76 -10.65 46.40
CA THR G 108 7.14 -11.05 46.56
C THR G 108 7.34 -12.51 46.14
N VAL G 109 8.52 -12.80 45.61
CA VAL G 109 8.82 -14.14 45.14
C VAL G 109 9.01 -15.08 46.33
N ALA G 110 8.33 -16.22 46.29
CA ALA G 110 8.39 -17.22 47.34
C ALA G 110 9.04 -18.50 46.82
N ALA G 111 9.27 -19.45 47.73
CA ALA G 111 9.89 -20.71 47.39
C ALA G 111 8.90 -21.86 47.54
N PRO G 112 8.83 -22.76 46.56
CA PRO G 112 7.87 -23.86 46.64
C PRO G 112 8.23 -24.86 47.75
N SER G 113 7.20 -25.52 48.26
CA SER G 113 7.33 -26.61 49.23
C SER G 113 6.97 -27.90 48.50
N VAL G 114 7.98 -28.64 48.08
CA VAL G 114 7.79 -29.81 47.24
C VAL G 114 7.63 -31.04 48.11
N PHE G 115 6.59 -31.83 47.84
CA PHE G 115 6.34 -33.09 48.51
C PHE G 115 6.10 -34.17 47.47
N ILE G 116 6.34 -35.43 47.86
CA ILE G 116 6.22 -36.56 46.96
C ILE G 116 5.33 -37.61 47.61
N PHE G 117 4.75 -38.46 46.76
CA PHE G 117 3.84 -39.51 47.22
C PHE G 117 4.13 -40.81 46.49
N PRO G 118 4.45 -41.89 47.21
CA PRO G 118 4.66 -43.18 46.54
C PRO G 118 3.34 -43.73 46.03
N PRO G 119 3.37 -44.54 44.99
CA PRO G 119 2.12 -45.13 44.47
C PRO G 119 1.50 -46.09 45.47
N SER G 120 0.17 -46.15 45.46
CA SER G 120 -0.55 -47.05 46.34
C SER G 120 -0.40 -48.50 45.87
N ASP G 121 -0.41 -49.41 46.84
CA ASP G 121 -0.25 -50.82 46.53
C ASP G 121 -1.42 -51.35 45.69
N GLU G 122 -2.64 -50.92 46.01
CA GLU G 122 -3.80 -51.40 45.27
C GLU G 122 -3.80 -50.93 43.82
N GLN G 123 -3.19 -49.78 43.54
CA GLN G 123 -3.10 -49.31 42.16
C GLN G 123 -2.15 -50.18 41.34
N LEU G 124 -1.07 -50.64 41.96
CA LEU G 124 -0.15 -51.53 41.27
C LEU G 124 -0.82 -52.86 40.93
N LYS G 125 -1.69 -53.36 41.82
CA LYS G 125 -2.42 -54.58 41.55
C LYS G 125 -3.34 -54.42 40.35
N SER G 126 -3.88 -53.22 40.15
CA SER G 126 -4.73 -52.96 38.99
C SER G 126 -3.95 -53.12 37.69
N GLY G 127 -2.71 -52.64 37.66
CA GLY G 127 -1.88 -52.75 36.47
C GLY G 127 -1.34 -51.42 35.98
N THR G 128 -1.35 -50.41 36.85
CA THR G 128 -0.85 -49.09 36.49
C THR G 128 -0.11 -48.51 37.69
N ALA G 129 1.04 -47.88 37.41
CA ALA G 129 1.84 -47.23 38.44
C ALA G 129 1.89 -45.74 38.16
N SER G 130 1.53 -44.94 39.18
CA SER G 130 1.52 -43.48 39.07
C SER G 130 2.25 -42.88 40.26
N VAL G 131 3.19 -41.98 39.97
CA VAL G 131 3.93 -41.25 40.99
C VAL G 131 3.67 -39.76 40.79
N VAL G 132 3.38 -39.06 41.89
CA VAL G 132 3.02 -37.66 41.83
C VAL G 132 3.86 -36.89 42.85
N CYS G 133 4.39 -35.73 42.44
CA CYS G 133 5.03 -34.78 43.33
C CYS G 133 4.47 -33.40 43.05
N LEU G 134 4.18 -32.65 44.11
CA LEU G 134 3.44 -31.40 44.00
C LEU G 134 4.26 -30.23 44.50
N LEU G 135 4.02 -29.06 43.91
CA LEU G 135 4.64 -27.81 44.31
C LEU G 135 3.57 -26.92 44.96
N ASN G 136 3.89 -26.37 46.13
CA ASN G 136 2.94 -25.57 46.89
C ASN G 136 3.60 -24.26 47.31
N ASN G 137 2.83 -23.18 47.25
CA ASN G 137 3.24 -21.85 47.71
C ASN G 137 4.50 -21.37 47.00
N PHE G 138 4.38 -21.18 45.70
CA PHE G 138 5.47 -20.66 44.88
C PHE G 138 4.95 -19.52 44.01
N TYR G 139 5.85 -18.56 43.73
CA TYR G 139 5.54 -17.40 42.91
C TYR G 139 6.80 -17.02 42.14
N PRO G 140 6.70 -16.73 40.85
CA PRO G 140 5.45 -16.76 40.06
C PRO G 140 5.08 -18.18 39.60
N ARG G 141 4.14 -18.26 38.65
CA ARG G 141 3.70 -19.55 38.15
C ARG G 141 4.77 -20.25 37.30
N GLU G 142 5.70 -19.49 36.72
CA GLU G 142 6.72 -20.07 35.86
C GLU G 142 7.63 -20.99 36.67
N ALA G 143 7.64 -22.27 36.29
CA ALA G 143 8.49 -23.26 36.97
C ALA G 143 8.72 -24.42 36.01
N LYS G 144 9.74 -25.21 36.32
CA LYS G 144 10.11 -26.37 35.51
C LYS G 144 10.13 -27.61 36.37
N VAL G 145 9.47 -28.66 35.92
CA VAL G 145 9.44 -29.95 36.61
C VAL G 145 9.88 -31.03 35.63
N GLN G 146 10.88 -31.81 36.03
CA GLN G 146 11.41 -32.90 35.22
C GLN G 146 11.40 -34.19 36.02
N TRP G 147 10.98 -35.28 35.38
CA TRP G 147 10.90 -36.57 36.01
C TRP G 147 12.14 -37.39 35.68
N LYS G 148 12.74 -38.00 36.70
CA LYS G 148 13.94 -38.81 36.55
C LYS G 148 13.68 -40.19 37.14
N VAL G 149 13.90 -41.22 36.34
CA VAL G 149 13.76 -42.61 36.78
C VAL G 149 15.14 -43.26 36.65
N ASP G 150 15.76 -43.55 37.80
CA ASP G 150 17.12 -44.11 37.85
C ASP G 150 18.10 -43.23 37.05
N ASN G 151 18.02 -41.92 37.29
CA ASN G 151 18.89 -40.94 36.63
C ASN G 151 18.76 -41.00 35.12
N ALA G 152 17.53 -41.16 34.63
CA ALA G 152 17.24 -41.15 33.21
C ALA G 152 16.17 -40.12 32.92
N LEU G 153 16.33 -39.38 31.82
CA LEU G 153 15.41 -38.32 31.46
C LEU G 153 14.10 -38.91 30.96
N GLN G 154 13.00 -38.58 31.62
CA GLN G 154 11.68 -39.05 31.23
C GLN G 154 10.91 -37.93 30.53
N SER G 155 10.28 -38.26 29.41
CA SER G 155 9.51 -37.29 28.65
C SER G 155 8.44 -38.02 27.86
N GLY G 156 7.33 -37.32 27.62
CA GLY G 156 6.23 -37.86 26.85
C GLY G 156 5.27 -38.72 27.62
N ASN G 157 5.45 -38.88 28.93
CA ASN G 157 4.56 -39.72 29.73
C ASN G 157 4.24 -39.06 31.08
N SER G 158 4.23 -37.74 31.12
CA SER G 158 3.95 -37.01 32.35
C SER G 158 2.94 -35.90 32.07
N GLN G 159 2.18 -35.54 33.10
CA GLN G 159 1.17 -34.50 33.03
C GLN G 159 1.31 -33.56 34.21
N GLU G 160 0.94 -32.30 33.99
CA GLU G 160 1.04 -31.26 35.01
C GLU G 160 -0.28 -30.48 35.08
N SER G 161 -0.65 -30.09 36.30
CA SER G 161 -1.86 -29.31 36.54
C SER G 161 -1.54 -28.16 37.47
N VAL G 162 -2.02 -26.97 37.12
CA VAL G 162 -1.81 -25.76 37.90
C VAL G 162 -3.16 -25.19 38.31
N THR G 163 -3.31 -24.88 39.58
CA THR G 163 -4.53 -24.26 40.09
C THR G 163 -4.49 -22.75 39.86
N GLU G 164 -5.65 -22.12 40.07
CA GLU G 164 -5.74 -20.67 39.91
C GLU G 164 -5.05 -19.96 41.07
N GLN G 165 -4.79 -18.67 40.86
CA GLN G 165 -4.13 -17.87 41.88
C GLN G 165 -5.02 -17.70 43.10
N ASP G 166 -4.43 -17.83 44.28
CA ASP G 166 -5.17 -17.71 45.52
C ASP G 166 -5.35 -16.23 45.89
N SER G 167 -6.11 -16.00 46.97
CA SER G 167 -6.39 -14.65 47.44
C SER G 167 -5.65 -14.32 48.73
N LYS G 168 -5.67 -15.22 49.72
CA LYS G 168 -5.02 -14.96 51.00
C LYS G 168 -3.51 -14.81 50.82
N ASP G 169 -2.83 -15.86 50.36
CA ASP G 169 -1.40 -15.82 50.15
C ASP G 169 -1.02 -15.50 48.71
N SER G 170 -1.98 -15.57 47.78
CA SER G 170 -1.75 -15.24 46.36
C SER G 170 -0.61 -16.08 45.77
N THR G 171 -0.58 -17.36 46.12
CA THR G 171 0.42 -18.29 45.64
C THR G 171 -0.19 -19.23 44.60
N TYR G 172 0.61 -20.19 44.15
CA TYR G 172 0.19 -21.15 43.15
C TYR G 172 0.46 -22.57 43.63
N SER G 173 -0.31 -23.51 43.12
CA SER G 173 -0.14 -24.92 43.42
C SER G 173 -0.04 -25.70 42.11
N LEU G 174 0.99 -26.55 42.02
CA LEU G 174 1.24 -27.34 40.82
C LEU G 174 1.46 -28.79 41.22
N SER G 175 0.91 -29.71 40.43
CA SER G 175 1.08 -31.14 40.65
C SER G 175 1.50 -31.80 39.36
N SER G 176 2.56 -32.60 39.42
CA SER G 176 3.08 -33.34 38.26
C SER G 176 2.92 -34.84 38.52
N THR G 177 2.30 -35.53 37.58
CA THR G 177 2.01 -36.95 37.71
C THR G 177 2.64 -37.71 36.55
N LEU G 178 3.36 -38.78 36.87
CA LEU G 178 3.98 -39.65 35.88
C LEU G 178 3.27 -41.00 35.89
N THR G 179 2.86 -41.45 34.71
CA THR G 179 2.11 -42.70 34.57
C THR G 179 2.97 -43.72 33.83
N LEU G 180 3.06 -44.93 34.39
CA LEU G 180 3.85 -46.00 33.80
C LEU G 180 3.10 -47.32 33.96
N SER G 181 3.50 -48.30 33.15
CA SER G 181 2.88 -49.61 33.20
C SER G 181 3.28 -50.34 34.47
N LYS G 182 2.53 -51.41 34.77
CA LYS G 182 2.80 -52.19 35.98
C LYS G 182 4.19 -52.83 35.94
N ALA G 183 4.55 -53.40 34.79
CA ALA G 183 5.85 -54.06 34.68
C ALA G 183 7.01 -53.08 34.78
N ASP G 184 6.83 -51.86 34.27
CA ASP G 184 7.90 -50.87 34.31
C ASP G 184 8.23 -50.40 35.72
N TYR G 185 7.31 -50.61 36.67
CA TYR G 185 7.53 -50.09 38.02
C TYR G 185 8.60 -50.86 38.76
N GLU G 186 8.55 -52.20 38.69
CA GLU G 186 9.47 -53.02 39.47
C GLU G 186 10.86 -53.15 38.87
N LYS G 187 11.05 -52.76 37.61
CA LYS G 187 12.37 -52.85 37.01
C LYS G 187 13.27 -51.67 37.35
N HIS G 188 12.73 -50.66 38.04
CA HIS G 188 13.51 -49.54 38.53
C HIS G 188 13.24 -49.33 40.02
N LYS G 189 14.20 -48.74 40.71
CA LYS G 189 14.12 -48.55 42.15
C LYS G 189 14.04 -47.10 42.57
N VAL G 190 14.80 -46.21 41.94
CA VAL G 190 14.87 -44.81 42.32
C VAL G 190 13.98 -44.00 41.39
N TYR G 191 13.02 -43.28 41.98
CA TYR G 191 12.13 -42.39 41.26
C TYR G 191 12.22 -41.01 41.89
N ALA G 192 12.38 -39.98 41.06
CA ALA G 192 12.54 -38.62 41.54
C ALA G 192 12.01 -37.63 40.52
N CYS G 193 11.66 -36.44 41.01
CA CYS G 193 11.27 -35.32 40.17
C CYS G 193 12.10 -34.10 40.54
N GLU G 194 12.55 -33.37 39.53
CA GLU G 194 13.44 -32.23 39.71
C GLU G 194 12.65 -30.94 39.54
N VAL G 195 12.85 -30.00 40.45
CA VAL G 195 12.14 -28.72 40.44
C VAL G 195 13.15 -27.60 40.22
N THR G 196 12.91 -26.79 39.20
CA THR G 196 13.72 -25.62 38.91
C THR G 196 12.83 -24.39 38.95
N HIS G 197 13.16 -23.44 39.82
CA HIS G 197 12.35 -22.25 40.01
C HIS G 197 13.26 -21.05 40.22
N GLN G 198 12.74 -19.87 39.85
CA GLN G 198 13.51 -18.64 40.04
C GLN G 198 13.73 -18.35 41.52
N GLY G 199 12.71 -18.61 42.35
CA GLY G 199 12.86 -18.36 43.78
C GLY G 199 13.92 -19.24 44.44
N LEU G 200 13.97 -20.51 44.05
CA LEU G 200 14.96 -21.43 44.60
C LEU G 200 16.35 -21.05 44.09
N SER G 201 17.31 -20.98 45.01
CA SER G 201 18.69 -20.67 44.61
C SER G 201 19.27 -21.78 43.75
N SER G 202 19.00 -23.04 44.11
CA SER G 202 19.47 -24.20 43.37
C SER G 202 18.32 -25.16 43.16
N PRO G 203 18.38 -25.98 42.10
CA PRO G 203 17.32 -26.97 41.87
C PRO G 203 17.23 -27.94 43.04
N VAL G 204 15.99 -28.33 43.35
CA VAL G 204 15.70 -29.20 44.49
C VAL G 204 15.24 -30.55 43.95
N THR G 205 15.87 -31.62 44.45
CA THR G 205 15.55 -32.98 44.04
C THR G 205 14.86 -33.72 45.16
N LYS G 206 13.67 -34.25 44.87
CA LYS G 206 12.91 -35.07 45.81
C LYS G 206 12.89 -36.50 45.28
N SER G 207 13.50 -37.42 46.02
CA SER G 207 13.68 -38.79 45.55
C SER G 207 13.18 -39.77 46.60
N PHE G 208 12.82 -40.95 46.13
CA PHE G 208 12.40 -42.05 47.00
C PHE G 208 12.76 -43.36 46.32
N ASN G 209 12.83 -44.42 47.13
CA ASN G 209 13.24 -45.74 46.66
C ASN G 209 12.06 -46.70 46.73
N ARG G 210 11.92 -47.50 45.67
CA ARG G 210 10.83 -48.49 45.62
C ARG G 210 11.00 -49.53 46.72
N GLY G 211 12.23 -49.99 46.96
CA GLY G 211 12.45 -51.00 47.99
C GLY G 211 12.16 -50.49 49.38
N GLU G 212 12.46 -49.21 49.64
CA GLU G 212 12.19 -48.64 50.96
C GLU G 212 10.70 -48.61 51.26
N CYS G 213 9.88 -48.24 50.28
CA CYS G 213 8.44 -48.16 50.47
C CYS G 213 7.79 -49.52 50.23
#